data_2DJQ
#
_entry.id   2DJQ
#
_entity_poly.entity_id   1
_entity_poly.type   'polypeptide(L)'
_entity_poly.pdbx_seq_one_letter_code
;GSSGSSGPRAKALCNYRGKNPGDLKFNKGDVILLRRQLDENWYQGEINGVSGIFPASSVEVISGPSSG
;
_entity_poly.pdbx_strand_id   A
#
# COMPACT_ATOMS: atom_id res chain seq x y z
N GLY A 1 1.87 18.99 -11.65
CA GLY A 1 1.77 20.42 -11.41
C GLY A 1 0.98 20.75 -10.15
N SER A 2 -0.27 20.30 -10.10
CA SER A 2 -1.12 20.56 -8.95
C SER A 2 -1.46 19.25 -8.23
N SER A 3 -1.62 19.34 -6.91
CA SER A 3 -1.93 18.17 -6.10
C SER A 3 -3.34 18.26 -5.53
N GLY A 4 -3.85 17.14 -5.02
CA GLY A 4 -5.18 17.11 -4.46
C GLY A 4 -5.22 16.47 -3.08
N SER A 5 -5.87 17.16 -2.14
CA SER A 5 -5.96 16.65 -0.78
C SER A 5 -6.08 15.13 -0.77
N SER A 6 -6.86 14.59 -1.69
CA SER A 6 -7.06 13.15 -1.79
C SER A 6 -5.83 12.48 -2.39
N GLY A 7 -5.32 11.46 -1.71
CA GLY A 7 -4.16 10.75 -2.18
C GLY A 7 -4.49 9.37 -2.73
N PRO A 8 -3.53 8.74 -3.42
CA PRO A 8 -3.70 7.41 -4.00
C PRO A 8 -3.79 6.31 -2.93
N ARG A 9 -4.18 5.12 -3.35
CA ARG A 9 -4.31 3.99 -2.44
C ARG A 9 -4.01 2.68 -3.15
N ALA A 10 -3.76 1.63 -2.38
CA ALA A 10 -3.45 0.32 -2.93
C ALA A 10 -4.24 -0.78 -2.20
N LYS A 11 -4.55 -1.84 -2.92
CA LYS A 11 -5.29 -2.97 -2.35
C LYS A 11 -4.47 -4.25 -2.40
N ALA A 12 -4.48 -5.00 -1.30
CA ALA A 12 -3.74 -6.25 -1.23
C ALA A 12 -4.40 -7.33 -2.09
N LEU A 13 -3.57 -8.16 -2.73
CA LEU A 13 -4.07 -9.23 -3.57
C LEU A 13 -4.05 -10.56 -2.83
N CYS A 14 -3.04 -10.76 -2.00
CA CYS A 14 -2.90 -11.99 -1.23
C CYS A 14 -2.36 -11.71 0.16
N ASN A 15 -2.16 -12.77 0.94
CA ASN A 15 -1.65 -12.62 2.30
C ASN A 15 -0.19 -12.18 2.29
N TYR A 16 0.06 -10.97 2.74
CA TYR A 16 1.41 -10.42 2.78
C TYR A 16 1.84 -10.15 4.22
N ARG A 17 1.03 -10.57 5.17
CA ARG A 17 1.32 -10.38 6.59
C ARG A 17 2.24 -11.48 7.10
N GLY A 18 3.04 -12.06 6.21
CA GLY A 18 3.95 -13.12 6.60
C GLY A 18 5.14 -12.59 7.38
N LYS A 19 6.31 -13.18 7.13
CA LYS A 19 7.53 -12.77 7.82
C LYS A 19 8.55 -12.23 6.83
N ASN A 20 8.75 -10.91 6.84
CA ASN A 20 9.71 -10.28 5.95
C ASN A 20 10.61 -9.31 6.71
N PRO A 21 11.85 -9.15 6.22
CA PRO A 21 12.84 -8.26 6.84
C PRO A 21 12.46 -6.79 6.67
N GLY A 22 12.05 -6.15 7.77
CA GLY A 22 11.68 -4.75 7.72
C GLY A 22 10.67 -4.46 6.62
N ASP A 23 9.52 -5.14 6.67
CA ASP A 23 8.48 -4.94 5.69
C ASP A 23 7.14 -4.68 6.36
N LEU A 24 6.10 -4.51 5.55
CA LEU A 24 4.76 -4.26 6.06
C LEU A 24 3.87 -5.49 5.92
N LYS A 25 3.14 -5.81 6.98
CA LYS A 25 2.25 -6.97 6.98
C LYS A 25 0.81 -6.54 6.75
N PHE A 26 0.18 -7.11 5.72
CA PHE A 26 -1.19 -6.79 5.39
C PHE A 26 -1.95 -8.03 4.91
N ASN A 27 -3.25 -8.06 5.16
CA ASN A 27 -4.07 -9.19 4.75
C ASN A 27 -4.82 -8.89 3.45
N LYS A 28 -4.89 -9.88 2.58
CA LYS A 28 -5.56 -9.72 1.30
C LYS A 28 -6.79 -8.82 1.43
N GLY A 29 -6.85 -7.77 0.62
CA GLY A 29 -7.97 -6.85 0.67
C GLY A 29 -7.63 -5.55 1.36
N ASP A 30 -6.88 -5.64 2.45
CA ASP A 30 -6.48 -4.46 3.20
C ASP A 30 -5.98 -3.36 2.27
N VAL A 31 -6.44 -2.13 2.50
CA VAL A 31 -6.04 -1.00 1.67
C VAL A 31 -4.98 -0.15 2.38
N ILE A 32 -3.79 -0.12 1.80
CA ILE A 32 -2.69 0.65 2.38
C ILE A 32 -2.59 2.03 1.72
N LEU A 33 -2.46 3.07 2.54
CA LEU A 33 -2.34 4.43 2.03
C LEU A 33 -0.90 4.74 1.64
N LEU A 34 -0.71 5.10 0.37
CA LEU A 34 0.62 5.42 -0.14
C LEU A 34 1.14 6.71 0.49
N ARG A 35 2.01 6.56 1.49
CA ARG A 35 2.58 7.72 2.17
C ARG A 35 3.79 8.24 1.42
N ARG A 36 4.69 7.33 1.04
CA ARG A 36 5.89 7.71 0.32
C ARG A 36 6.20 6.69 -0.78
N GLN A 37 6.08 7.14 -2.03
CA GLN A 37 6.35 6.27 -3.17
C GLN A 37 7.83 6.30 -3.55
N LEU A 38 8.59 5.38 -2.97
CA LEU A 38 10.02 5.29 -3.25
C LEU A 38 10.30 5.17 -4.74
N ASP A 39 9.67 4.18 -5.36
CA ASP A 39 9.83 3.96 -6.80
C ASP A 39 8.62 3.21 -7.37
N GLU A 40 8.70 2.89 -8.66
CA GLU A 40 7.60 2.19 -9.33
C GLU A 40 7.71 0.69 -9.10
N ASN A 41 8.44 0.30 -8.06
CA ASN A 41 8.63 -1.11 -7.74
C ASN A 41 8.20 -1.40 -6.31
N TRP A 42 8.32 -0.40 -5.45
CA TRP A 42 7.94 -0.54 -4.05
C TRP A 42 7.07 0.62 -3.59
N TYR A 43 6.41 0.45 -2.45
CA TYR A 43 5.54 1.48 -1.91
C TYR A 43 5.61 1.51 -0.38
N GLN A 44 5.87 2.70 0.17
CA GLN A 44 5.97 2.86 1.61
C GLN A 44 4.72 3.53 2.17
N GLY A 45 3.92 2.76 2.90
CA GLY A 45 2.71 3.29 3.49
C GLY A 45 2.51 2.85 4.93
N GLU A 46 1.27 2.95 5.41
CA GLU A 46 0.96 2.56 6.78
C GLU A 46 -0.47 2.02 6.88
N ILE A 47 -0.63 0.94 7.63
CA ILE A 47 -1.94 0.32 7.81
C ILE A 47 -2.20 -0.03 9.27
N ASN A 48 -3.38 0.34 9.76
CA ASN A 48 -3.74 0.07 11.15
C ASN A 48 -2.62 0.47 12.10
N GLY A 49 -2.04 1.64 11.86
CA GLY A 49 -0.96 2.13 12.70
C GLY A 49 0.30 1.32 12.54
N VAL A 50 0.49 0.74 11.36
CA VAL A 50 1.67 -0.07 11.07
C VAL A 50 2.40 0.43 9.83
N SER A 51 3.56 1.04 10.04
CA SER A 51 4.35 1.56 8.93
C SER A 51 5.32 0.50 8.39
N GLY A 52 5.39 0.38 7.08
CA GLY A 52 6.27 -0.59 6.47
C GLY A 52 6.36 -0.43 4.96
N ILE A 53 7.21 -1.24 4.34
CA ILE A 53 7.39 -1.18 2.88
C ILE A 53 6.86 -2.45 2.22
N PHE A 54 6.22 -2.28 1.07
CA PHE A 54 5.67 -3.41 0.33
C PHE A 54 5.81 -3.20 -1.17
N PRO A 55 5.91 -4.31 -1.92
CA PRO A 55 6.06 -4.27 -3.37
C PRO A 55 4.79 -3.79 -4.08
N ALA A 56 4.89 -3.56 -5.38
CA ALA A 56 3.75 -3.11 -6.16
C ALA A 56 3.05 -4.27 -6.84
N SER A 57 3.72 -5.42 -6.87
CA SER A 57 3.16 -6.62 -7.50
C SER A 57 2.21 -7.33 -6.54
N SER A 58 2.42 -7.12 -5.25
CA SER A 58 1.59 -7.75 -4.22
C SER A 58 0.28 -6.99 -4.04
N VAL A 59 0.30 -5.72 -4.41
CA VAL A 59 -0.89 -4.88 -4.29
C VAL A 59 -1.26 -4.25 -5.63
N GLU A 60 -2.44 -3.63 -5.69
CA GLU A 60 -2.92 -3.01 -6.91
C GLU A 60 -3.27 -1.54 -6.66
N VAL A 61 -2.86 -0.67 -7.58
CA VAL A 61 -3.13 0.75 -7.46
C VAL A 61 -4.51 1.10 -8.01
N ILE A 62 -5.32 0.07 -8.24
CA ILE A 62 -6.66 0.27 -8.77
C ILE A 62 -7.58 0.90 -7.73
N SER A 63 -7.15 0.85 -6.47
CA SER A 63 -7.94 1.42 -5.37
C SER A 63 -8.32 2.86 -5.67
N GLY A 64 -9.57 3.21 -5.36
CA GLY A 64 -10.05 4.56 -5.60
C GLY A 64 -11.10 4.62 -6.69
N PRO A 65 -10.67 4.90 -7.92
CA PRO A 65 -11.57 4.99 -9.07
C PRO A 65 -12.15 3.64 -9.47
N SER A 66 -13.24 3.65 -10.23
CA SER A 66 -13.88 2.43 -10.68
C SER A 66 -14.46 2.60 -12.09
N SER A 67 -13.96 1.80 -13.02
CA SER A 67 -14.44 1.87 -14.40
C SER A 67 -15.80 1.20 -14.55
N GLY A 68 -16.65 1.78 -15.39
CA GLY A 68 -17.98 1.24 -15.60
C GLY A 68 -17.95 -0.01 -16.46
N GLY A 1 4.43 20.33 -1.72
CA GLY A 1 3.42 21.08 -2.44
C GLY A 1 2.39 21.72 -1.52
N SER A 2 1.18 21.93 -2.04
CA SER A 2 0.11 22.54 -1.25
C SER A 2 -0.33 21.61 -0.12
N SER A 3 -1.12 22.16 0.79
CA SER A 3 -1.61 21.38 1.93
C SER A 3 -2.64 20.35 1.48
N GLY A 4 -2.42 19.09 1.88
CA GLY A 4 -3.33 18.02 1.51
C GLY A 4 -3.33 17.76 0.01
N SER A 5 -2.23 17.21 -0.50
CA SER A 5 -2.11 16.91 -1.91
C SER A 5 -2.70 15.54 -2.24
N SER A 6 -2.70 15.19 -3.52
CA SER A 6 -3.23 13.90 -3.96
C SER A 6 -2.96 12.81 -2.92
N GLY A 7 -3.89 11.88 -2.79
CA GLY A 7 -3.72 10.79 -1.84
C GLY A 7 -4.05 9.44 -2.43
N PRO A 8 -3.08 8.85 -3.13
CA PRO A 8 -3.24 7.54 -3.76
C PRO A 8 -3.33 6.40 -2.75
N ARG A 9 -3.83 5.26 -3.19
CA ARG A 9 -3.97 4.10 -2.31
C ARG A 9 -3.79 2.80 -3.10
N ALA A 10 -3.60 1.70 -2.38
CA ALA A 10 -3.42 0.40 -3.00
C ALA A 10 -4.24 -0.67 -2.30
N LYS A 11 -4.66 -1.68 -3.06
CA LYS A 11 -5.45 -2.77 -2.51
C LYS A 11 -4.64 -4.05 -2.43
N ALA A 12 -4.75 -4.76 -1.31
CA ALA A 12 -4.02 -6.01 -1.10
C ALA A 12 -4.56 -7.10 -2.02
N LEU A 13 -3.66 -7.86 -2.64
CA LEU A 13 -4.04 -8.93 -3.53
C LEU A 13 -3.86 -10.30 -2.87
N CYS A 14 -2.97 -10.34 -1.88
CA CYS A 14 -2.70 -11.58 -1.16
C CYS A 14 -2.18 -11.29 0.25
N ASN A 15 -2.10 -12.33 1.07
CA ASN A 15 -1.62 -12.19 2.44
C ASN A 15 -0.12 -11.91 2.47
N TYR A 16 0.24 -10.64 2.59
CA TYR A 16 1.64 -10.23 2.62
C TYR A 16 2.15 -10.13 4.06
N ARG A 17 1.31 -10.57 5.00
CA ARG A 17 1.66 -10.52 6.41
C ARG A 17 2.59 -11.67 6.78
N GLY A 18 3.09 -12.37 5.77
CA GLY A 18 3.98 -13.48 6.00
C GLY A 18 5.29 -13.07 6.66
N LYS A 19 6.40 -13.58 6.14
CA LYS A 19 7.71 -13.25 6.68
C LYS A 19 8.57 -12.55 5.64
N ASN A 20 8.77 -11.25 5.82
CA ASN A 20 9.57 -10.46 4.88
C ASN A 20 10.53 -9.54 5.63
N PRO A 21 11.69 -9.27 5.02
CA PRO A 21 12.71 -8.40 5.61
C PRO A 21 12.28 -6.95 5.66
N GLY A 22 12.03 -6.44 6.86
CA GLY A 22 11.61 -5.07 7.02
C GLY A 22 10.50 -4.68 6.06
N ASP A 23 9.44 -5.49 6.02
CA ASP A 23 8.32 -5.23 5.13
C ASP A 23 7.06 -4.92 5.94
N LEU A 24 5.97 -4.64 5.23
CA LEU A 24 4.70 -4.34 5.87
C LEU A 24 3.72 -5.50 5.74
N LYS A 25 3.16 -5.92 6.88
CA LYS A 25 2.20 -7.02 6.89
C LYS A 25 0.78 -6.51 6.72
N PHE A 26 0.07 -7.03 5.71
CA PHE A 26 -1.30 -6.62 5.45
C PHE A 26 -2.13 -7.81 4.98
N ASN A 27 -3.40 -7.83 5.39
CA ASN A 27 -4.31 -8.91 5.01
C ASN A 27 -5.05 -8.58 3.72
N LYS A 28 -5.06 -9.52 2.79
CA LYS A 28 -5.74 -9.33 1.51
C LYS A 28 -7.00 -8.48 1.69
N GLY A 29 -7.26 -7.60 0.74
CA GLY A 29 -8.43 -6.74 0.80
C GLY A 29 -8.13 -5.40 1.45
N ASP A 30 -7.28 -5.41 2.47
CA ASP A 30 -6.92 -4.18 3.17
C ASP A 30 -6.26 -3.19 2.22
N VAL A 31 -6.69 -1.93 2.30
CA VAL A 31 -6.14 -0.88 1.45
C VAL A 31 -5.06 -0.10 2.18
N ILE A 32 -3.80 -0.34 1.82
CA ILE A 32 -2.68 0.37 2.44
C ILE A 32 -2.53 1.77 1.87
N LEU A 33 -2.65 2.77 2.74
CA LEU A 33 -2.52 4.17 2.32
C LEU A 33 -1.08 4.48 1.93
N LEU A 34 -0.90 4.94 0.69
CA LEU A 34 0.42 5.28 0.19
C LEU A 34 0.98 6.51 0.90
N ARG A 35 2.01 6.31 1.70
CA ARG A 35 2.63 7.40 2.44
C ARG A 35 3.80 7.99 1.66
N ARG A 36 4.63 7.12 1.09
CA ARG A 36 5.78 7.56 0.32
C ARG A 36 6.17 6.51 -0.72
N GLN A 37 6.30 6.95 -1.98
CA GLN A 37 6.66 6.06 -3.06
C GLN A 37 8.18 5.96 -3.21
N LEU A 38 8.73 4.81 -2.86
CA LEU A 38 10.17 4.59 -2.95
C LEU A 38 10.57 4.23 -4.38
N ASP A 39 9.79 3.34 -5.00
CA ASP A 39 10.06 2.91 -6.37
C ASP A 39 8.78 2.49 -7.07
N GLU A 40 8.83 2.41 -8.39
CA GLU A 40 7.67 2.01 -9.19
C GLU A 40 7.19 0.62 -8.78
N ASN A 41 8.06 -0.12 -8.10
CA ASN A 41 7.74 -1.47 -7.65
C ASN A 41 7.61 -1.53 -6.13
N TRP A 42 8.20 -0.55 -5.46
CA TRP A 42 8.16 -0.48 -4.01
C TRP A 42 7.35 0.73 -3.53
N TYR A 43 6.50 0.50 -2.55
CA TYR A 43 5.67 1.57 -2.00
C TYR A 43 5.65 1.54 -0.48
N GLN A 44 5.83 2.70 0.13
CA GLN A 44 5.85 2.80 1.59
C GLN A 44 4.51 3.34 2.11
N GLY A 45 3.69 2.46 2.65
CA GLY A 45 2.41 2.87 3.19
C GLY A 45 2.28 2.63 4.68
N GLU A 46 1.09 2.88 5.22
CA GLU A 46 0.85 2.68 6.65
C GLU A 46 -0.48 1.97 6.88
N ILE A 47 -0.41 0.78 7.46
CA ILE A 47 -1.60 -0.01 7.74
C ILE A 47 -1.80 -0.19 9.24
N ASN A 48 -3.04 0.00 9.70
CA ASN A 48 -3.36 -0.16 11.11
C ASN A 48 -2.40 0.65 11.97
N GLY A 49 -2.07 1.86 11.53
CA GLY A 49 -1.15 2.70 12.27
C GLY A 49 0.26 2.15 12.29
N VAL A 50 0.61 1.38 11.26
CA VAL A 50 1.94 0.79 11.17
C VAL A 50 2.57 1.10 9.81
N SER A 51 3.74 1.73 9.84
CA SER A 51 4.45 2.07 8.62
C SER A 51 5.35 0.93 8.16
N GLY A 52 5.47 0.76 6.85
CA GLY A 52 6.29 -0.29 6.31
C GLY A 52 6.46 -0.20 4.81
N ILE A 53 7.22 -1.13 4.23
CA ILE A 53 7.46 -1.13 2.80
C ILE A 53 6.95 -2.43 2.16
N PHE A 54 6.38 -2.31 0.97
CA PHE A 54 5.85 -3.47 0.25
C PHE A 54 5.99 -3.29 -1.25
N PRO A 55 6.04 -4.41 -1.98
CA PRO A 55 6.17 -4.40 -3.44
C PRO A 55 4.90 -3.90 -4.13
N ALA A 56 4.91 -3.91 -5.47
CA ALA A 56 3.77 -3.45 -6.24
C ALA A 56 2.95 -4.63 -6.76
N SER A 57 3.53 -5.82 -6.67
CA SER A 57 2.86 -7.04 -7.14
C SER A 57 1.91 -7.57 -6.08
N SER A 58 2.30 -7.45 -4.82
CA SER A 58 1.48 -7.92 -3.71
C SER A 58 0.22 -7.05 -3.56
N VAL A 59 0.27 -5.86 -4.14
CA VAL A 59 -0.86 -4.93 -4.06
C VAL A 59 -1.19 -4.37 -5.45
N GLU A 60 -2.22 -3.54 -5.50
CA GLU A 60 -2.65 -2.92 -6.75
C GLU A 60 -2.97 -1.44 -6.56
N VAL A 61 -2.47 -0.60 -7.46
CA VAL A 61 -2.70 0.83 -7.39
C VAL A 61 -4.04 1.20 -8.01
N ILE A 62 -4.88 0.20 -8.24
CA ILE A 62 -6.19 0.41 -8.83
C ILE A 62 -7.13 1.12 -7.84
N SER A 63 -6.87 0.92 -6.56
CA SER A 63 -7.69 1.53 -5.51
C SER A 63 -7.59 3.06 -5.58
N GLY A 64 -8.60 3.73 -5.03
CA GLY A 64 -8.62 5.18 -5.04
C GLY A 64 -8.33 5.76 -6.41
N PRO A 65 -8.15 7.09 -6.46
CA PRO A 65 -7.86 7.79 -7.71
C PRO A 65 -6.47 7.49 -8.24
N SER A 66 -6.39 7.12 -9.52
CA SER A 66 -5.12 6.79 -10.14
C SER A 66 -4.29 8.05 -10.39
N SER A 67 -4.91 9.03 -11.04
CA SER A 67 -4.23 10.29 -11.34
C SER A 67 -5.24 11.42 -11.52
N GLY A 68 -5.19 12.39 -10.61
CA GLY A 68 -6.10 13.51 -10.68
C GLY A 68 -5.73 14.63 -9.73
N GLY A 1 -6.58 7.61 -14.20
CA GLY A 1 -7.46 8.38 -13.36
C GLY A 1 -7.54 9.84 -13.79
N SER A 2 -8.09 10.69 -12.92
CA SER A 2 -8.22 12.10 -13.22
C SER A 2 -6.91 12.84 -12.96
N SER A 3 -6.74 13.97 -13.63
CA SER A 3 -5.52 14.78 -13.48
C SER A 3 -5.19 14.98 -12.01
N GLY A 4 -3.90 15.13 -11.71
CA GLY A 4 -3.47 15.32 -10.34
C GLY A 4 -3.52 14.05 -9.52
N SER A 5 -3.83 14.19 -8.24
CA SER A 5 -3.92 13.04 -7.34
C SER A 5 -4.62 13.41 -6.05
N SER A 6 -5.63 12.61 -5.69
CA SER A 6 -6.39 12.86 -4.46
C SER A 6 -6.22 11.71 -3.48
N GLY A 7 -5.13 11.76 -2.71
CA GLY A 7 -4.88 10.71 -1.73
C GLY A 7 -5.08 9.32 -2.31
N PRO A 8 -4.03 8.80 -2.99
CA PRO A 8 -4.07 7.47 -3.60
C PRO A 8 -4.07 6.36 -2.56
N ARG A 9 -4.39 5.14 -3.00
CA ARG A 9 -4.42 4.00 -2.11
C ARG A 9 -4.05 2.71 -2.86
N ALA A 10 -3.83 1.64 -2.11
CA ALA A 10 -3.46 0.36 -2.70
C ALA A 10 -4.27 -0.78 -2.07
N LYS A 11 -4.62 -1.76 -2.90
CA LYS A 11 -5.39 -2.91 -2.43
C LYS A 11 -4.54 -4.18 -2.44
N ALA A 12 -4.67 -4.97 -1.39
CA ALA A 12 -3.91 -6.22 -1.28
C ALA A 12 -4.46 -7.27 -2.24
N LEU A 13 -3.56 -8.00 -2.89
CA LEU A 13 -3.94 -9.05 -3.83
C LEU A 13 -3.93 -10.41 -3.16
N CYS A 14 -3.02 -10.59 -2.22
CA CYS A 14 -2.90 -11.86 -1.50
C CYS A 14 -2.41 -11.63 -0.07
N ASN A 15 -2.30 -12.71 0.69
CA ASN A 15 -1.85 -12.63 2.07
C ASN A 15 -0.38 -12.21 2.14
N TYR A 16 -0.13 -11.07 2.78
CA TYR A 16 1.23 -10.55 2.92
C TYR A 16 1.59 -10.34 4.38
N ARG A 17 0.72 -10.80 5.28
CA ARG A 17 0.94 -10.66 6.72
C ARG A 17 1.86 -11.76 7.23
N GLY A 18 2.77 -12.23 6.37
CA GLY A 18 3.69 -13.28 6.76
C GLY A 18 4.91 -12.74 7.49
N LYS A 19 6.06 -13.36 7.24
CA LYS A 19 7.30 -12.93 7.88
C LYS A 19 8.31 -12.47 6.84
N ASN A 20 8.53 -11.15 6.78
CA ASN A 20 9.46 -10.57 5.84
C ASN A 20 10.42 -9.60 6.54
N PRO A 21 11.64 -9.48 5.99
CA PRO A 21 12.66 -8.59 6.56
C PRO A 21 12.32 -7.11 6.36
N GLY A 22 12.09 -6.42 7.46
CA GLY A 22 11.75 -5.00 7.39
C GLY A 22 10.72 -4.71 6.32
N ASP A 23 9.60 -5.42 6.37
CA ASP A 23 8.53 -5.23 5.39
C ASP A 23 7.21 -4.90 6.09
N LEU A 24 6.17 -4.67 5.30
CA LEU A 24 4.86 -4.33 5.84
C LEU A 24 3.90 -5.52 5.71
N LYS A 25 3.36 -5.95 6.85
CA LYS A 25 2.43 -7.07 6.87
C LYS A 25 1.00 -6.60 6.60
N PHE A 26 0.36 -7.17 5.58
CA PHE A 26 -1.00 -6.81 5.22
C PHE A 26 -1.77 -8.03 4.74
N ASN A 27 -3.10 -7.98 4.91
CA ASN A 27 -3.95 -9.09 4.50
C ASN A 27 -4.62 -8.78 3.16
N LYS A 28 -5.10 -9.83 2.50
CA LYS A 28 -5.77 -9.68 1.21
C LYS A 28 -7.00 -8.81 1.34
N GLY A 29 -7.16 -7.86 0.40
CA GLY A 29 -8.30 -6.97 0.43
C GLY A 29 -8.00 -5.67 1.15
N ASP A 30 -7.24 -5.76 2.24
CA ASP A 30 -6.89 -4.57 3.01
C ASP A 30 -6.44 -3.44 2.10
N VAL A 31 -6.56 -2.21 2.59
CA VAL A 31 -6.16 -1.04 1.81
C VAL A 31 -5.03 -0.28 2.51
N ILE A 32 -3.96 -0.03 1.76
CA ILE A 32 -2.81 0.68 2.30
C ILE A 32 -2.73 2.10 1.74
N LEU A 33 -2.54 3.07 2.64
CA LEU A 33 -2.45 4.46 2.23
C LEU A 33 -1.03 4.81 1.77
N LEU A 34 -0.91 5.21 0.51
CA LEU A 34 0.39 5.57 -0.06
C LEU A 34 0.98 6.79 0.67
N ARG A 35 2.00 6.55 1.47
CA ARG A 35 2.66 7.62 2.20
C ARG A 35 3.83 8.19 1.40
N ARG A 36 4.72 7.33 0.96
CA ARG A 36 5.89 7.75 0.18
C ARG A 36 6.24 6.72 -0.89
N GLN A 37 6.24 7.15 -2.14
CA GLN A 37 6.56 6.26 -3.25
C GLN A 37 8.06 6.26 -3.54
N LEU A 38 8.76 5.28 -2.99
CA LEU A 38 10.20 5.17 -3.19
C LEU A 38 10.54 5.08 -4.67
N ASP A 39 9.98 4.08 -5.35
CA ASP A 39 10.22 3.90 -6.77
C ASP A 39 9.03 3.20 -7.43
N GLU A 40 9.19 2.88 -8.72
CA GLU A 40 8.13 2.21 -9.46
C GLU A 40 8.19 0.70 -9.26
N ASN A 41 8.74 0.28 -8.12
CA ASN A 41 8.87 -1.14 -7.81
C ASN A 41 8.32 -1.43 -6.42
N TRP A 42 8.44 -0.46 -5.52
CA TRP A 42 7.95 -0.61 -4.15
C TRP A 42 7.12 0.59 -3.73
N TYR A 43 6.42 0.46 -2.61
CA TYR A 43 5.58 1.53 -2.10
C TYR A 43 5.57 1.53 -0.57
N GLN A 44 5.86 2.70 0.01
CA GLN A 44 5.88 2.84 1.46
C GLN A 44 4.59 3.48 1.97
N GLY A 45 3.81 2.71 2.73
CA GLY A 45 2.57 3.23 3.27
C GLY A 45 2.38 2.87 4.73
N GLU A 46 1.13 2.92 5.19
CA GLU A 46 0.82 2.61 6.58
C GLU A 46 -0.60 2.04 6.70
N ILE A 47 -0.73 0.91 7.37
CA ILE A 47 -2.03 0.27 7.56
C ILE A 47 -2.31 0.01 9.04
N ASN A 48 -3.48 0.44 9.49
CA ASN A 48 -3.86 0.25 10.89
C ASN A 48 -2.80 0.82 11.83
N GLY A 49 -2.16 1.89 11.39
CA GLY A 49 -1.13 2.52 12.20
C GLY A 49 0.18 1.77 12.16
N VAL A 50 0.37 0.98 11.10
CA VAL A 50 1.60 0.21 10.94
C VAL A 50 2.36 0.64 9.69
N SER A 51 3.52 1.25 9.90
CA SER A 51 4.34 1.72 8.79
C SER A 51 5.29 0.63 8.31
N GLY A 52 5.35 0.43 7.00
CA GLY A 52 6.21 -0.59 6.44
C GLY A 52 6.36 -0.45 4.93
N ILE A 53 7.12 -1.37 4.33
CA ILE A 53 7.35 -1.35 2.89
C ILE A 53 6.83 -2.63 2.24
N PHE A 54 6.30 -2.49 1.02
CA PHE A 54 5.77 -3.63 0.29
C PHE A 54 6.05 -3.50 -1.21
N PRO A 55 6.11 -4.64 -1.90
CA PRO A 55 6.37 -4.68 -3.34
C PRO A 55 5.21 -4.12 -4.16
N ALA A 56 5.53 -3.61 -5.36
CA ALA A 56 4.51 -3.05 -6.24
C ALA A 56 3.84 -4.15 -7.07
N SER A 57 3.95 -5.38 -6.60
CA SER A 57 3.36 -6.51 -7.32
C SER A 57 2.27 -7.18 -6.47
N SER A 58 2.52 -7.29 -5.18
CA SER A 58 1.56 -7.89 -4.27
C SER A 58 0.30 -7.04 -4.16
N VAL A 59 0.47 -5.73 -4.21
CA VAL A 59 -0.65 -4.80 -4.11
C VAL A 59 -0.86 -4.06 -5.43
N GLU A 60 -2.00 -3.37 -5.54
CA GLU A 60 -2.32 -2.62 -6.74
C GLU A 60 -2.76 -1.20 -6.40
N VAL A 61 -2.28 -0.23 -7.18
CA VAL A 61 -2.64 1.16 -6.95
C VAL A 61 -3.95 1.52 -7.64
N ILE A 62 -4.65 0.50 -8.15
CA ILE A 62 -5.92 0.71 -8.82
C ILE A 62 -7.01 1.08 -7.83
N SER A 63 -6.86 0.64 -6.59
CA SER A 63 -7.83 0.93 -5.54
C SER A 63 -8.09 2.44 -5.44
N GLY A 64 -9.20 2.79 -4.80
CA GLY A 64 -9.54 4.20 -4.64
C GLY A 64 -10.71 4.60 -5.51
N PRO A 65 -11.01 5.92 -5.52
CA PRO A 65 -12.11 6.46 -6.31
C PRO A 65 -11.84 6.41 -7.81
N SER A 66 -12.55 5.52 -8.50
CA SER A 66 -12.38 5.35 -9.94
C SER A 66 -13.69 5.65 -10.67
N SER A 67 -14.76 4.96 -10.27
CA SER A 67 -16.06 5.14 -10.90
C SER A 67 -16.28 6.60 -11.28
N GLY A 68 -16.71 6.82 -12.52
CA GLY A 68 -16.94 8.17 -12.99
C GLY A 68 -15.66 8.92 -13.27
N GLY A 1 -2.92 14.70 -13.87
CA GLY A 1 -3.69 14.17 -12.75
C GLY A 1 -3.06 14.50 -11.42
N SER A 2 -3.69 14.04 -10.34
CA SER A 2 -3.19 14.30 -8.99
C SER A 2 -2.89 15.77 -8.79
N SER A 3 -3.79 16.62 -9.27
CA SER A 3 -3.62 18.07 -9.15
C SER A 3 -4.49 18.63 -8.03
N GLY A 4 -5.78 18.33 -8.08
CA GLY A 4 -6.70 18.81 -7.07
C GLY A 4 -6.75 17.89 -5.87
N SER A 5 -7.28 16.68 -6.07
CA SER A 5 -7.39 15.70 -4.98
C SER A 5 -6.13 14.85 -4.89
N SER A 6 -5.60 14.72 -3.69
CA SER A 6 -4.40 13.92 -3.46
C SER A 6 -4.63 12.90 -2.35
N GLY A 7 -4.00 11.73 -2.50
CA GLY A 7 -4.15 10.68 -1.51
C GLY A 7 -4.50 9.35 -2.12
N PRO A 8 -3.56 8.77 -2.88
CA PRO A 8 -3.75 7.47 -3.55
C PRO A 8 -3.81 6.32 -2.56
N ARG A 9 -4.26 5.16 -3.03
CA ARG A 9 -4.36 3.98 -2.18
C ARG A 9 -4.03 2.71 -2.97
N ALA A 10 -3.89 1.60 -2.26
CA ALA A 10 -3.57 0.32 -2.89
C ALA A 10 -4.30 -0.83 -2.20
N LYS A 11 -4.61 -1.86 -2.97
CA LYS A 11 -5.30 -3.03 -2.43
C LYS A 11 -4.45 -4.29 -2.60
N ALA A 12 -4.31 -5.05 -1.51
CA ALA A 12 -3.53 -6.28 -1.53
C ALA A 12 -4.16 -7.31 -2.44
N LEU A 13 -3.33 -8.18 -3.02
CA LEU A 13 -3.80 -9.22 -3.91
C LEU A 13 -3.70 -10.60 -3.27
N CYS A 14 -2.76 -10.72 -2.33
CA CYS A 14 -2.55 -12.00 -1.64
C CYS A 14 -1.97 -11.76 -0.25
N ASN A 15 -2.09 -12.76 0.61
CA ASN A 15 -1.58 -12.66 1.98
C ASN A 15 -0.11 -12.25 1.98
N TYR A 16 0.18 -11.11 2.58
CA TYR A 16 1.55 -10.60 2.65
C TYR A 16 1.96 -10.35 4.10
N ARG A 17 1.12 -10.78 5.03
CA ARG A 17 1.39 -10.60 6.45
C ARG A 17 2.39 -11.64 6.94
N GLY A 18 3.03 -12.34 6.01
CA GLY A 18 4.01 -13.35 6.37
C GLY A 18 5.20 -12.78 7.11
N LYS A 19 6.38 -13.32 6.84
CA LYS A 19 7.60 -12.86 7.49
C LYS A 19 8.59 -12.32 6.47
N ASN A 20 8.89 -11.03 6.56
CA ASN A 20 9.83 -10.39 5.65
C ASN A 20 10.81 -9.49 6.40
N PRO A 21 11.97 -9.23 5.78
CA PRO A 21 13.00 -8.39 6.37
C PRO A 21 12.60 -6.92 6.43
N GLY A 22 12.07 -6.52 7.58
CA GLY A 22 11.64 -5.14 7.75
C GLY A 22 10.62 -4.71 6.72
N ASP A 23 9.55 -5.50 6.60
CA ASP A 23 8.48 -5.20 5.65
C ASP A 23 7.16 -4.94 6.36
N LEU A 24 6.11 -4.71 5.59
CA LEU A 24 4.79 -4.45 6.15
C LEU A 24 3.88 -5.65 5.97
N LYS A 25 3.22 -6.06 7.05
CA LYS A 25 2.30 -7.20 7.02
C LYS A 25 0.87 -6.74 6.80
N PHE A 26 0.22 -7.28 5.78
CA PHE A 26 -1.16 -6.92 5.47
C PHE A 26 -1.93 -8.14 4.97
N ASN A 27 -3.25 -8.03 4.98
CA ASN A 27 -4.12 -9.12 4.54
C ASN A 27 -4.81 -8.77 3.23
N LYS A 28 -4.73 -9.68 2.26
CA LYS A 28 -5.36 -9.47 0.96
C LYS A 28 -6.66 -8.68 1.10
N GLY A 29 -6.87 -7.73 0.19
CA GLY A 29 -8.07 -6.91 0.23
C GLY A 29 -7.90 -5.67 1.07
N ASP A 30 -6.88 -5.67 1.92
CA ASP A 30 -6.61 -4.52 2.79
C ASP A 30 -6.35 -3.27 1.97
N VAL A 31 -6.47 -2.11 2.61
CA VAL A 31 -6.24 -0.83 1.93
C VAL A 31 -5.15 -0.03 2.62
N ILE A 32 -3.94 -0.07 2.06
CA ILE A 32 -2.81 0.64 2.61
C ILE A 32 -2.65 2.01 1.96
N LEU A 33 -2.57 3.05 2.78
CA LEU A 33 -2.42 4.41 2.28
C LEU A 33 -0.97 4.69 1.88
N LEU A 34 -0.78 5.26 0.70
CA LEU A 34 0.54 5.58 0.19
C LEU A 34 1.09 6.83 0.87
N ARG A 35 2.37 6.80 1.22
CA ARG A 35 3.02 7.93 1.86
C ARG A 35 4.25 8.37 1.07
N ARG A 36 5.14 7.43 0.79
CA ARG A 36 6.36 7.73 0.05
C ARG A 36 6.71 6.59 -0.91
N GLN A 37 6.61 6.87 -2.20
CA GLN A 37 6.91 5.86 -3.22
C GLN A 37 8.42 5.70 -3.40
N LEU A 38 8.98 4.70 -2.74
CA LEU A 38 10.41 4.44 -2.82
C LEU A 38 10.83 4.17 -4.26
N ASP A 39 9.93 3.61 -5.05
CA ASP A 39 10.20 3.31 -6.45
C ASP A 39 8.95 2.79 -7.15
N GLU A 40 9.07 2.55 -8.45
CA GLU A 40 7.95 2.05 -9.24
C GLU A 40 7.70 0.57 -8.94
N ASN A 41 8.46 0.02 -8.02
CA ASN A 41 8.33 -1.38 -7.64
C ASN A 41 7.89 -1.53 -6.19
N TRP A 42 8.39 -0.62 -5.35
CA TRP A 42 8.04 -0.64 -3.93
C TRP A 42 7.25 0.60 -3.53
N TYR A 43 6.36 0.45 -2.57
CA TYR A 43 5.53 1.56 -2.10
C TYR A 43 5.48 1.60 -0.58
N GLN A 44 5.59 2.79 -0.02
CA GLN A 44 5.56 2.97 1.43
C GLN A 44 4.17 3.38 1.89
N GLY A 45 3.60 2.58 2.79
CA GLY A 45 2.27 2.88 3.30
C GLY A 45 2.14 2.58 4.78
N GLU A 46 0.92 2.66 5.30
CA GLU A 46 0.66 2.40 6.71
C GLU A 46 -0.67 1.66 6.90
N ILE A 47 -0.59 0.46 7.45
CA ILE A 47 -1.79 -0.35 7.69
C ILE A 47 -2.00 -0.60 9.18
N ASN A 48 -3.18 -0.24 9.68
CA ASN A 48 -3.50 -0.42 11.09
C ASN A 48 -2.49 0.29 11.98
N GLY A 49 -2.13 1.51 11.60
CA GLY A 49 -1.18 2.28 12.37
C GLY A 49 0.21 1.66 12.37
N VAL A 50 0.52 0.92 11.32
CA VAL A 50 1.82 0.26 11.21
C VAL A 50 2.56 0.73 9.97
N SER A 51 3.76 1.28 10.18
CA SER A 51 4.57 1.77 9.08
C SER A 51 5.44 0.66 8.50
N GLY A 52 5.45 0.55 7.17
CA GLY A 52 6.24 -0.47 6.51
C GLY A 52 6.26 -0.31 5.00
N ILE A 53 7.07 -1.13 4.34
CA ILE A 53 7.18 -1.07 2.89
C ILE A 53 6.75 -2.38 2.24
N PHE A 54 6.20 -2.30 1.03
CA PHE A 54 5.75 -3.48 0.31
C PHE A 54 5.93 -3.30 -1.19
N PRO A 55 6.03 -4.43 -1.92
CA PRO A 55 6.21 -4.44 -3.37
C PRO A 55 4.96 -3.94 -4.10
N ALA A 56 5.08 -3.84 -5.42
CA ALA A 56 3.96 -3.38 -6.24
C ALA A 56 3.27 -4.56 -6.94
N SER A 57 3.90 -5.74 -6.85
CA SER A 57 3.35 -6.94 -7.47
C SER A 57 2.38 -7.64 -6.53
N SER A 58 2.47 -7.32 -5.24
CA SER A 58 1.61 -7.92 -4.24
C SER A 58 0.39 -7.03 -3.96
N VAL A 59 0.38 -5.85 -4.57
CA VAL A 59 -0.72 -4.92 -4.38
C VAL A 59 -1.11 -4.26 -5.70
N GLU A 60 -2.25 -3.57 -5.71
CA GLU A 60 -2.72 -2.90 -6.90
C GLU A 60 -3.23 -1.49 -6.57
N VAL A 61 -3.18 -0.60 -7.57
CA VAL A 61 -3.64 0.77 -7.38
C VAL A 61 -5.11 0.90 -7.72
N ILE A 62 -5.80 -0.23 -7.82
CA ILE A 62 -7.22 -0.23 -8.13
C ILE A 62 -8.05 0.28 -6.96
N SER A 63 -7.53 0.10 -5.75
CA SER A 63 -8.22 0.54 -4.55
C SER A 63 -8.83 1.92 -4.74
N GLY A 64 -10.15 1.97 -4.79
CA GLY A 64 -10.84 3.24 -4.98
C GLY A 64 -12.13 3.08 -5.76
N PRO A 65 -12.88 4.19 -5.88
CA PRO A 65 -14.16 4.20 -6.61
C PRO A 65 -13.97 4.04 -8.11
N SER A 66 -12.91 4.62 -8.65
CA SER A 66 -12.61 4.55 -10.07
C SER A 66 -11.11 4.45 -10.32
N SER A 67 -10.75 4.00 -11.51
CA SER A 67 -9.34 3.87 -11.88
C SER A 67 -9.05 4.57 -13.19
N GLY A 68 -8.04 5.44 -13.18
CA GLY A 68 -7.68 6.18 -14.37
C GLY A 68 -6.25 5.90 -14.81
N GLY A 1 -4.47 24.48 -0.56
CA GLY A 1 -3.39 24.58 -1.51
C GLY A 1 -2.61 23.29 -1.64
N SER A 2 -1.97 22.87 -0.55
CA SER A 2 -1.18 21.64 -0.53
C SER A 2 -1.96 20.51 0.14
N SER A 3 -1.60 19.28 -0.21
CA SER A 3 -2.27 18.11 0.35
C SER A 3 -3.78 18.23 0.23
N GLY A 4 -4.25 18.71 -0.92
CA GLY A 4 -5.67 18.88 -1.13
C GLY A 4 -6.26 17.75 -1.95
N SER A 5 -5.65 17.47 -3.10
CA SER A 5 -6.14 16.41 -3.97
C SER A 5 -6.03 15.05 -3.29
N SER A 6 -7.16 14.37 -3.15
CA SER A 6 -7.21 13.07 -2.51
C SER A 6 -5.96 12.26 -2.83
N GLY A 7 -5.42 11.56 -1.82
CA GLY A 7 -4.23 10.77 -2.02
C GLY A 7 -4.53 9.39 -2.55
N PRO A 8 -3.58 8.82 -3.30
CA PRO A 8 -3.72 7.47 -3.89
C PRO A 8 -3.71 6.38 -2.83
N ARG A 9 -4.12 5.17 -3.23
CA ARG A 9 -4.15 4.03 -2.32
C ARG A 9 -3.80 2.74 -3.05
N ALA A 10 -3.80 1.64 -2.31
CA ALA A 10 -3.50 0.33 -2.90
C ALA A 10 -4.24 -0.78 -2.17
N LYS A 11 -4.65 -1.80 -2.92
CA LYS A 11 -5.37 -2.93 -2.33
C LYS A 11 -4.53 -4.20 -2.40
N ALA A 12 -4.49 -4.93 -1.29
CA ALA A 12 -3.72 -6.17 -1.22
C ALA A 12 -4.30 -7.22 -2.16
N LEU A 13 -3.42 -7.93 -2.86
CA LEU A 13 -3.84 -8.97 -3.79
C LEU A 13 -3.89 -10.33 -3.10
N CYS A 14 -2.94 -10.57 -2.21
CA CYS A 14 -2.87 -11.83 -1.48
C CYS A 14 -2.39 -11.61 -0.06
N ASN A 15 -2.22 -12.70 0.68
CA ASN A 15 -1.76 -12.63 2.06
C ASN A 15 -0.30 -12.21 2.14
N TYR A 16 -0.05 -11.07 2.77
CA TYR A 16 1.31 -10.55 2.90
C TYR A 16 1.68 -10.38 4.37
N ARG A 17 0.83 -10.88 5.26
CA ARG A 17 1.07 -10.78 6.70
C ARG A 17 2.01 -11.89 7.17
N GLY A 18 2.91 -12.30 6.29
CA GLY A 18 3.85 -13.35 6.62
C GLY A 18 5.06 -12.82 7.37
N LYS A 19 6.22 -13.43 7.13
CA LYS A 19 7.46 -13.02 7.78
C LYS A 19 8.46 -12.48 6.76
N ASN A 20 8.65 -11.16 6.76
CA ASN A 20 9.58 -10.53 5.84
C ASN A 20 10.50 -9.55 6.57
N PRO A 21 11.67 -9.30 5.99
CA PRO A 21 12.67 -8.39 6.57
C PRO A 21 12.20 -6.93 6.53
N GLY A 22 12.11 -6.31 7.71
CA GLY A 22 11.69 -4.93 7.79
C GLY A 22 10.66 -4.57 6.73
N ASP A 23 9.66 -5.44 6.56
CA ASP A 23 8.61 -5.21 5.59
C ASP A 23 7.28 -4.91 6.27
N LEU A 24 6.25 -4.71 5.47
CA LEU A 24 4.92 -4.40 5.99
C LEU A 24 3.99 -5.61 5.86
N LYS A 25 3.43 -6.04 6.97
CA LYS A 25 2.52 -7.18 6.98
C LYS A 25 1.08 -6.73 6.76
N PHE A 26 0.44 -7.28 5.74
CA PHE A 26 -0.94 -6.95 5.42
C PHE A 26 -1.71 -8.17 4.94
N ASN A 27 -3.04 -8.12 5.06
CA ASN A 27 -3.88 -9.22 4.62
C ASN A 27 -4.61 -8.88 3.33
N LYS A 28 -4.84 -9.89 2.50
CA LYS A 28 -5.53 -9.70 1.23
C LYS A 28 -6.77 -8.84 1.41
N GLY A 29 -6.96 -7.88 0.51
CA GLY A 29 -8.11 -7.00 0.58
C GLY A 29 -7.80 -5.68 1.25
N ASP A 30 -7.02 -5.74 2.33
CA ASP A 30 -6.64 -4.54 3.07
C ASP A 30 -6.22 -3.43 2.11
N VAL A 31 -6.61 -2.20 2.44
CA VAL A 31 -6.27 -1.05 1.61
C VAL A 31 -5.23 -0.16 2.30
N ILE A 32 -4.00 -0.20 1.79
CA ILE A 32 -2.92 0.60 2.35
C ILE A 32 -2.87 1.98 1.72
N LEU A 33 -2.60 3.00 2.53
CA LEU A 33 -2.53 4.37 2.04
C LEU A 33 -1.09 4.73 1.68
N LEU A 34 -0.90 5.15 0.43
CA LEU A 34 0.43 5.53 -0.06
C LEU A 34 0.93 6.78 0.67
N ARG A 35 1.98 6.60 1.46
CA ARG A 35 2.57 7.71 2.20
C ARG A 35 3.84 8.22 1.52
N ARG A 36 4.67 7.30 1.06
CA ARG A 36 5.91 7.66 0.39
C ARG A 36 6.25 6.64 -0.71
N GLN A 37 6.51 7.15 -1.91
CA GLN A 37 6.84 6.29 -3.04
C GLN A 37 8.35 6.25 -3.27
N LEU A 38 9.00 5.25 -2.70
CA LEU A 38 10.45 5.10 -2.85
C LEU A 38 10.83 4.81 -4.30
N ASP A 39 10.03 3.99 -4.96
CA ASP A 39 10.27 3.63 -6.35
C ASP A 39 9.04 3.00 -6.97
N GLU A 40 9.05 2.88 -8.30
CA GLU A 40 7.92 2.30 -9.03
C GLU A 40 7.83 0.80 -8.77
N ASN A 41 8.78 0.28 -7.99
CA ASN A 41 8.81 -1.14 -7.68
C ASN A 41 8.32 -1.39 -6.26
N TRP A 42 8.55 -0.42 -5.38
CA TRP A 42 8.14 -0.54 -3.98
C TRP A 42 7.38 0.71 -3.53
N TYR A 43 6.43 0.52 -2.64
CA TYR A 43 5.63 1.63 -2.12
C TYR A 43 5.57 1.61 -0.60
N GLN A 44 5.84 2.76 0.01
CA GLN A 44 5.82 2.88 1.46
C GLN A 44 4.49 3.45 1.95
N GLY A 45 3.79 2.68 2.78
CA GLY A 45 2.51 3.13 3.30
C GLY A 45 2.36 2.84 4.78
N GLU A 46 1.12 2.92 5.27
CA GLU A 46 0.85 2.66 6.68
C GLU A 46 -0.50 1.97 6.85
N ILE A 47 -0.51 0.89 7.63
CA ILE A 47 -1.73 0.13 7.87
C ILE A 47 -1.92 -0.13 9.36
N ASN A 48 -3.09 0.24 9.87
CA ASN A 48 -3.41 0.05 11.29
C ASN A 48 -2.30 0.62 12.18
N GLY A 49 -1.87 1.84 11.85
CA GLY A 49 -0.83 2.48 12.62
C GLY A 49 0.50 1.74 12.54
N VAL A 50 0.75 1.12 11.40
CA VAL A 50 2.00 0.38 11.20
C VAL A 50 2.73 0.87 9.94
N SER A 51 3.98 1.28 10.13
CA SER A 51 4.79 1.77 9.01
C SER A 51 5.67 0.66 8.46
N GLY A 52 5.59 0.45 7.15
CA GLY A 52 6.39 -0.59 6.52
C GLY A 52 6.41 -0.46 5.01
N ILE A 53 7.22 -1.29 4.35
CA ILE A 53 7.32 -1.27 2.89
C ILE A 53 6.75 -2.55 2.30
N PHE A 54 6.37 -2.48 1.02
CA PHE A 54 5.81 -3.63 0.33
C PHE A 54 5.95 -3.48 -1.19
N PRO A 55 6.00 -4.61 -1.90
CA PRO A 55 6.14 -4.63 -3.36
C PRO A 55 4.87 -4.13 -4.05
N ALA A 56 5.00 -3.83 -5.35
CA ALA A 56 3.86 -3.35 -6.13
C ALA A 56 3.09 -4.50 -6.76
N SER A 57 3.76 -5.66 -6.87
CA SER A 57 3.13 -6.83 -7.45
C SER A 57 2.14 -7.46 -6.48
N SER A 58 2.33 -7.20 -5.19
CA SER A 58 1.46 -7.75 -4.15
C SER A 58 0.20 -6.90 -4.02
N VAL A 59 0.33 -5.61 -4.28
CA VAL A 59 -0.81 -4.69 -4.19
C VAL A 59 -1.15 -4.10 -5.55
N GLU A 60 -2.31 -3.47 -5.64
CA GLU A 60 -2.76 -2.86 -6.89
C GLU A 60 -3.29 -1.45 -6.64
N VAL A 61 -3.00 -0.54 -7.58
CA VAL A 61 -3.45 0.84 -7.48
C VAL A 61 -4.90 0.99 -7.92
N ILE A 62 -5.59 -0.14 -8.06
CA ILE A 62 -6.98 -0.14 -8.48
C ILE A 62 -7.89 0.42 -7.38
N SER A 63 -7.40 0.38 -6.14
CA SER A 63 -8.17 0.88 -5.01
C SER A 63 -8.67 2.30 -5.27
N GLY A 64 -8.03 2.98 -6.22
CA GLY A 64 -8.42 4.34 -6.55
C GLY A 64 -7.37 5.06 -7.38
N PRO A 65 -7.30 4.73 -8.67
CA PRO A 65 -6.35 5.35 -9.59
C PRO A 65 -6.67 6.81 -9.88
N SER A 66 -7.94 7.10 -10.14
CA SER A 66 -8.37 8.46 -10.43
C SER A 66 -9.40 8.92 -9.41
N SER A 67 -8.92 9.55 -8.34
CA SER A 67 -9.80 10.05 -7.29
C SER A 67 -9.51 11.51 -6.98
N GLY A 68 -10.46 12.17 -6.33
CA GLY A 68 -10.29 13.57 -5.98
C GLY A 68 -11.52 14.40 -6.29
N GLY A 1 -4.14 22.03 -3.24
CA GLY A 1 -2.76 21.96 -2.77
C GLY A 1 -2.42 20.60 -2.21
N SER A 2 -1.58 20.59 -1.17
CA SER A 2 -1.17 19.34 -0.55
C SER A 2 -1.34 19.40 0.97
N SER A 3 -2.06 18.42 1.52
CA SER A 3 -2.31 18.37 2.95
C SER A 3 -2.36 16.93 3.44
N GLY A 4 -1.36 16.53 4.22
CA GLY A 4 -1.32 15.18 4.74
C GLY A 4 -1.21 14.14 3.64
N SER A 5 -0.93 12.90 4.03
CA SER A 5 -0.78 11.81 3.07
C SER A 5 -2.14 11.17 2.78
N SER A 6 -2.90 11.80 1.89
CA SER A 6 -4.22 11.29 1.52
C SER A 6 -4.46 11.45 0.02
N GLY A 7 -4.70 10.32 -0.65
CA GLY A 7 -4.94 10.36 -2.08
C GLY A 7 -4.95 8.98 -2.70
N PRO A 8 -3.79 8.55 -3.25
CA PRO A 8 -3.65 7.24 -3.89
C PRO A 8 -3.70 6.11 -2.88
N ARG A 9 -4.34 5.01 -3.26
CA ARG A 9 -4.45 3.84 -2.39
C ARG A 9 -4.14 2.56 -3.15
N ALA A 10 -3.89 1.48 -2.41
CA ALA A 10 -3.58 0.20 -3.02
C ALA A 10 -4.35 -0.92 -2.33
N LYS A 11 -4.61 -2.00 -3.07
CA LYS A 11 -5.33 -3.14 -2.54
C LYS A 11 -4.49 -4.41 -2.63
N ALA A 12 -4.38 -5.11 -1.50
CA ALA A 12 -3.61 -6.35 -1.45
C ALA A 12 -4.20 -7.42 -2.36
N LEU A 13 -3.32 -8.19 -3.00
CA LEU A 13 -3.77 -9.24 -3.90
C LEU A 13 -3.54 -10.62 -3.29
N CYS A 14 -2.84 -10.65 -2.16
CA CYS A 14 -2.55 -11.89 -1.47
C CYS A 14 -2.16 -11.64 -0.02
N ASN A 15 -2.04 -12.71 0.76
CA ASN A 15 -1.68 -12.61 2.17
C ASN A 15 -0.23 -12.15 2.31
N TYR A 16 -0.04 -11.00 2.95
CA TYR A 16 1.29 -10.45 3.15
C TYR A 16 1.55 -10.19 4.64
N ARG A 17 0.63 -10.65 5.49
CA ARG A 17 0.75 -10.48 6.92
C ARG A 17 1.68 -11.53 7.53
N GLY A 18 2.67 -11.96 6.75
CA GLY A 18 3.60 -12.96 7.22
C GLY A 18 4.77 -12.35 7.97
N LYS A 19 5.95 -12.93 7.81
CA LYS A 19 7.15 -12.44 8.48
C LYS A 19 8.19 -11.98 7.47
N ASN A 20 8.36 -10.67 7.36
CA ASN A 20 9.33 -10.09 6.43
C ASN A 20 10.21 -9.06 7.11
N PRO A 21 11.45 -8.89 6.60
CA PRO A 21 12.41 -7.94 7.15
C PRO A 21 12.00 -6.49 6.92
N GLY A 22 11.88 -5.72 7.99
CA GLY A 22 11.49 -4.33 7.87
C GLY A 22 10.46 -4.10 6.78
N ASP A 23 9.42 -4.92 6.76
CA ASP A 23 8.37 -4.81 5.76
C ASP A 23 7.02 -4.54 6.42
N LEU A 24 5.99 -4.39 5.60
CA LEU A 24 4.64 -4.12 6.10
C LEU A 24 3.76 -5.36 5.99
N LYS A 25 3.13 -5.74 7.11
CA LYS A 25 2.26 -6.90 7.14
C LYS A 25 0.81 -6.50 6.87
N PHE A 26 0.21 -7.11 5.86
CA PHE A 26 -1.17 -6.83 5.50
C PHE A 26 -1.90 -8.09 5.05
N ASN A 27 -3.22 -8.00 4.93
CA ASN A 27 -4.02 -9.14 4.51
C ASN A 27 -4.78 -8.83 3.23
N LYS A 28 -4.88 -9.81 2.34
CA LYS A 28 -5.57 -9.64 1.07
C LYS A 28 -6.91 -8.95 1.28
N GLY A 29 -7.06 -7.77 0.70
CA GLY A 29 -8.30 -7.02 0.83
C GLY A 29 -8.11 -5.71 1.57
N ASP A 30 -7.04 -5.62 2.35
CA ASP A 30 -6.76 -4.41 3.12
C ASP A 30 -6.26 -3.30 2.21
N VAL A 31 -6.67 -2.07 2.52
CA VAL A 31 -6.27 -0.91 1.74
C VAL A 31 -5.18 -0.11 2.45
N ILE A 32 -3.98 -0.11 1.88
CA ILE A 32 -2.86 0.62 2.45
C ILE A 32 -2.69 1.98 1.81
N LEU A 33 -2.62 3.03 2.63
CA LEU A 33 -2.46 4.38 2.13
C LEU A 33 -1.00 4.68 1.81
N LEU A 34 -0.75 5.14 0.59
CA LEU A 34 0.60 5.46 0.15
C LEU A 34 1.14 6.68 0.91
N ARG A 35 2.29 6.49 1.55
CA ARG A 35 2.92 7.57 2.31
C ARG A 35 4.08 8.18 1.54
N ARG A 36 4.92 7.32 0.97
CA ARG A 36 6.08 7.78 0.21
C ARG A 36 6.45 6.76 -0.87
N GLN A 37 6.46 7.19 -2.12
CA GLN A 37 6.81 6.32 -3.23
C GLN A 37 8.32 6.33 -3.49
N LEU A 38 9.00 5.30 -2.99
CA LEU A 38 10.45 5.19 -3.17
C LEU A 38 10.80 4.97 -4.63
N ASP A 39 10.17 3.98 -5.24
CA ASP A 39 10.41 3.66 -6.64
C ASP A 39 9.20 2.98 -7.27
N GLU A 40 9.33 2.61 -8.54
CA GLU A 40 8.23 1.95 -9.26
C GLU A 40 8.25 0.44 -9.00
N ASN A 41 8.82 0.05 -7.86
CA ASN A 41 8.90 -1.37 -7.51
C ASN A 41 8.35 -1.60 -6.10
N TRP A 42 8.50 -0.61 -5.24
CA TRP A 42 8.02 -0.71 -3.87
C TRP A 42 7.17 0.51 -3.51
N TYR A 43 6.46 0.41 -2.38
CA TYR A 43 5.62 1.50 -1.92
C TYR A 43 5.61 1.58 -0.39
N GLN A 44 5.93 2.77 0.13
CA GLN A 44 5.96 2.98 1.57
C GLN A 44 4.66 3.62 2.06
N GLY A 45 4.01 2.97 3.01
CA GLY A 45 2.77 3.49 3.55
C GLY A 45 2.56 3.12 5.01
N GLU A 46 1.31 3.13 5.45
CA GLU A 46 0.98 2.79 6.82
C GLU A 46 -0.43 2.23 6.93
N ILE A 47 -0.59 1.16 7.72
CA ILE A 47 -1.88 0.52 7.90
C ILE A 47 -2.09 0.12 9.36
N ASN A 48 -3.30 0.36 9.86
CA ASN A 48 -3.63 0.02 11.24
C ASN A 48 -2.56 0.54 12.20
N GLY A 49 -1.99 1.69 11.87
CA GLY A 49 -0.95 2.27 12.71
C GLY A 49 0.37 1.56 12.58
N VAL A 50 0.58 0.89 11.45
CA VAL A 50 1.82 0.17 11.20
C VAL A 50 2.50 0.67 9.94
N SER A 51 3.74 1.14 10.08
CA SER A 51 4.50 1.64 8.94
C SER A 51 5.40 0.56 8.36
N GLY A 52 5.42 0.47 7.03
CA GLY A 52 6.23 -0.53 6.37
C GLY A 52 6.27 -0.34 4.86
N ILE A 53 7.10 -1.13 4.19
CA ILE A 53 7.23 -1.06 2.74
C ILE A 53 6.80 -2.36 2.08
N PHE A 54 6.04 -2.24 1.00
CA PHE A 54 5.56 -3.41 0.28
C PHE A 54 5.75 -3.24 -1.24
N PRO A 55 5.90 -4.36 -1.95
CA PRO A 55 6.11 -4.36 -3.40
C PRO A 55 4.85 -3.93 -4.16
N ALA A 56 5.03 -3.59 -5.43
CA ALA A 56 3.90 -3.16 -6.26
C ALA A 56 3.27 -4.35 -6.98
N SER A 57 3.78 -5.54 -6.70
CA SER A 57 3.27 -6.76 -7.32
C SER A 57 2.32 -7.49 -6.37
N SER A 58 2.40 -7.16 -5.09
CA SER A 58 1.55 -7.79 -4.09
C SER A 58 0.26 -7.00 -3.90
N VAL A 59 0.23 -5.78 -4.43
CA VAL A 59 -0.94 -4.93 -4.32
C VAL A 59 -1.28 -4.29 -5.67
N GLU A 60 -2.38 -3.54 -5.70
CA GLU A 60 -2.81 -2.89 -6.93
C GLU A 60 -3.36 -1.49 -6.63
N VAL A 61 -3.01 -0.52 -7.46
CA VAL A 61 -3.47 0.85 -7.28
C VAL A 61 -4.82 1.07 -7.96
N ILE A 62 -5.47 -0.03 -8.33
CA ILE A 62 -6.77 0.04 -8.98
C ILE A 62 -7.85 0.49 -8.01
N SER A 63 -7.65 0.18 -6.73
CA SER A 63 -8.62 0.55 -5.70
C SER A 63 -8.94 2.03 -5.77
N GLY A 64 -10.22 2.34 -6.01
CA GLY A 64 -10.64 3.72 -6.09
C GLY A 64 -12.13 3.87 -6.34
N PRO A 65 -12.54 5.02 -6.86
CA PRO A 65 -13.95 5.31 -7.17
C PRO A 65 -14.47 4.48 -8.32
N SER A 66 -13.57 4.06 -9.21
CA SER A 66 -13.94 3.26 -10.37
C SER A 66 -14.47 1.90 -9.94
N SER A 67 -13.71 1.22 -9.08
CA SER A 67 -14.11 -0.11 -8.60
C SER A 67 -14.25 -0.11 -7.08
N GLY A 68 -15.44 -0.50 -6.62
CA GLY A 68 -15.69 -0.53 -5.19
C GLY A 68 -17.07 -1.06 -4.86
N GLY A 1 -9.84 21.02 -5.98
CA GLY A 1 -8.99 21.95 -5.28
C GLY A 1 -7.51 21.69 -5.51
N SER A 2 -6.66 22.32 -4.71
CA SER A 2 -5.22 22.15 -4.85
C SER A 2 -4.59 21.75 -3.52
N SER A 3 -4.94 22.48 -2.47
CA SER A 3 -4.40 22.19 -1.13
C SER A 3 -5.23 21.13 -0.43
N GLY A 4 -5.63 20.10 -1.19
CA GLY A 4 -6.43 19.03 -0.62
C GLY A 4 -6.85 18.01 -1.66
N SER A 5 -5.93 17.64 -2.53
CA SER A 5 -6.21 16.67 -3.59
C SER A 5 -6.29 15.26 -3.02
N SER A 6 -6.99 14.38 -3.72
CA SER A 6 -7.14 12.99 -3.30
C SER A 6 -5.82 12.25 -3.39
N GLY A 7 -5.56 11.37 -2.42
CA GLY A 7 -4.33 10.60 -2.41
C GLY A 7 -4.51 9.19 -2.93
N PRO A 8 -3.49 8.67 -3.61
CA PRO A 8 -3.52 7.32 -4.18
C PRO A 8 -3.49 6.23 -3.10
N ARG A 9 -4.14 5.11 -3.39
CA ARG A 9 -4.19 4.01 -2.44
C ARG A 9 -3.78 2.69 -3.11
N ALA A 10 -3.65 1.64 -2.31
CA ALA A 10 -3.25 0.34 -2.83
C ALA A 10 -4.00 -0.78 -2.11
N LYS A 11 -4.40 -1.80 -2.85
CA LYS A 11 -5.12 -2.94 -2.29
C LYS A 11 -4.28 -4.20 -2.37
N ALA A 12 -4.36 -5.03 -1.32
CA ALA A 12 -3.61 -6.28 -1.28
C ALA A 12 -4.26 -7.34 -2.15
N LEU A 13 -3.44 -8.03 -2.94
CA LEU A 13 -3.94 -9.08 -3.83
C LEU A 13 -3.77 -10.46 -3.19
N CYS A 14 -2.76 -10.60 -2.34
CA CYS A 14 -2.49 -11.85 -1.66
C CYS A 14 -2.12 -11.63 -0.20
N ASN A 15 -1.90 -12.71 0.53
CA ASN A 15 -1.54 -12.64 1.94
C ASN A 15 -0.09 -12.21 2.11
N TYR A 16 0.13 -11.08 2.75
CA TYR A 16 1.48 -10.56 2.98
C TYR A 16 1.75 -10.37 4.47
N ARG A 17 0.82 -10.86 5.29
CA ARG A 17 0.95 -10.74 6.74
C ARG A 17 1.86 -11.84 7.29
N GLY A 18 2.83 -12.26 6.48
CA GLY A 18 3.75 -13.29 6.91
C GLY A 18 4.91 -12.75 7.71
N LYS A 19 6.09 -13.34 7.52
CA LYS A 19 7.29 -12.91 8.22
C LYS A 19 8.34 -12.41 7.25
N ASN A 20 8.55 -11.10 7.21
CA ASN A 20 9.53 -10.50 6.32
C ASN A 20 10.41 -9.51 7.07
N PRO A 21 11.64 -9.29 6.56
CA PRO A 21 12.59 -8.37 7.17
C PRO A 21 12.17 -6.91 7.01
N GLY A 22 12.06 -6.21 8.13
CA GLY A 22 11.66 -4.81 8.10
C GLY A 22 10.66 -4.52 7.00
N ASP A 23 9.59 -5.30 6.96
CA ASP A 23 8.55 -5.12 5.95
C ASP A 23 7.20 -4.85 6.60
N LEU A 24 6.18 -4.65 5.77
CA LEU A 24 4.84 -4.37 6.27
C LEU A 24 3.94 -5.59 6.09
N LYS A 25 3.26 -5.99 7.17
CA LYS A 25 2.36 -7.13 7.14
C LYS A 25 0.95 -6.70 6.81
N PHE A 26 0.38 -7.28 5.75
CA PHE A 26 -0.98 -6.95 5.32
C PHE A 26 -1.69 -8.19 4.78
N ASN A 27 -3.01 -8.18 4.85
CA ASN A 27 -3.81 -9.29 4.37
C ASN A 27 -4.47 -8.96 3.04
N LYS A 28 -4.94 -9.99 2.34
CA LYS A 28 -5.60 -9.80 1.05
C LYS A 28 -6.81 -8.87 1.18
N GLY A 29 -6.91 -7.91 0.26
CA GLY A 29 -8.02 -6.98 0.29
C GLY A 29 -7.67 -5.70 1.04
N ASP A 30 -7.02 -5.85 2.18
CA ASP A 30 -6.64 -4.71 2.99
C ASP A 30 -6.06 -3.59 2.12
N VAL A 31 -6.63 -2.40 2.24
CA VAL A 31 -6.17 -1.25 1.46
C VAL A 31 -5.21 -0.38 2.28
N ILE A 32 -4.02 -0.16 1.73
CA ILE A 32 -3.02 0.65 2.41
C ILE A 32 -2.94 2.04 1.79
N LEU A 33 -2.60 3.02 2.63
CA LEU A 33 -2.49 4.41 2.17
C LEU A 33 -1.06 4.75 1.79
N LEU A 34 -0.87 5.18 0.54
CA LEU A 34 0.46 5.54 0.06
C LEU A 34 0.97 6.79 0.74
N ARG A 35 2.18 6.71 1.29
CA ARG A 35 2.80 7.84 1.99
C ARG A 35 4.03 8.34 1.24
N ARG A 36 4.93 7.42 0.93
CA ARG A 36 6.15 7.76 0.21
C ARG A 36 6.46 6.73 -0.87
N GLN A 37 6.28 7.13 -2.13
CA GLN A 37 6.54 6.24 -3.26
C GLN A 37 8.01 6.24 -3.63
N LEU A 38 8.75 5.27 -3.09
CA LEU A 38 10.17 5.15 -3.36
C LEU A 38 10.44 4.98 -4.85
N ASP A 39 9.66 4.09 -5.49
CA ASP A 39 9.81 3.84 -6.92
C ASP A 39 8.58 3.13 -7.47
N GLU A 40 8.65 2.75 -8.74
CA GLU A 40 7.53 2.07 -9.39
C GLU A 40 7.61 0.56 -9.15
N ASN A 41 8.18 0.18 -8.01
CA ASN A 41 8.32 -1.23 -7.66
C ASN A 41 7.85 -1.48 -6.22
N TRP A 42 8.12 -0.52 -5.35
CA TRP A 42 7.73 -0.64 -3.95
C TRP A 42 6.89 0.55 -3.52
N TYR A 43 6.15 0.39 -2.42
CA TYR A 43 5.29 1.45 -1.91
C TYR A 43 5.36 1.51 -0.39
N GLN A 44 5.69 2.69 0.14
CA GLN A 44 5.79 2.88 1.58
C GLN A 44 4.54 3.57 2.12
N GLY A 45 3.77 2.84 2.93
CA GLY A 45 2.56 3.41 3.51
C GLY A 45 2.38 3.04 4.97
N GLU A 46 1.14 3.05 5.43
CA GLU A 46 0.84 2.70 6.82
C GLU A 46 -0.54 2.07 6.94
N ILE A 47 -0.60 0.91 7.58
CA ILE A 47 -1.86 0.20 7.77
C ILE A 47 -2.05 -0.21 9.22
N ASN A 48 -3.16 0.23 9.82
CA ASN A 48 -3.46 -0.10 11.21
C ASN A 48 -2.33 0.32 12.12
N GLY A 49 -1.88 1.57 11.99
CA GLY A 49 -0.81 2.08 12.82
C GLY A 49 0.48 1.28 12.64
N VAL A 50 0.72 0.81 11.42
CA VAL A 50 1.92 0.03 11.12
C VAL A 50 2.64 0.57 9.90
N SER A 51 3.85 1.06 10.10
CA SER A 51 4.65 1.60 9.00
C SER A 51 5.60 0.55 8.45
N GLY A 52 5.61 0.41 7.12
CA GLY A 52 6.48 -0.56 6.49
C GLY A 52 6.50 -0.42 4.98
N ILE A 53 7.30 -1.26 4.32
CA ILE A 53 7.40 -1.23 2.87
C ILE A 53 6.85 -2.51 2.25
N PHE A 54 6.30 -2.39 1.04
CA PHE A 54 5.73 -3.53 0.34
C PHE A 54 5.85 -3.35 -1.17
N PRO A 55 5.85 -4.48 -1.91
CA PRO A 55 5.95 -4.47 -3.36
C PRO A 55 4.69 -3.93 -4.03
N ALA A 56 4.82 -3.55 -5.30
CA ALA A 56 3.69 -3.02 -6.05
C ALA A 56 2.93 -4.13 -6.78
N SER A 57 3.65 -5.21 -7.10
CA SER A 57 3.05 -6.33 -7.81
C SER A 57 2.03 -7.04 -6.91
N SER A 58 2.38 -7.22 -5.64
CA SER A 58 1.50 -7.89 -4.70
C SER A 58 0.21 -7.09 -4.50
N VAL A 59 0.31 -5.78 -4.61
CA VAL A 59 -0.84 -4.91 -4.45
C VAL A 59 -1.25 -4.27 -5.78
N GLU A 60 -2.31 -3.48 -5.74
CA GLU A 60 -2.79 -2.81 -6.95
C GLU A 60 -3.20 -1.37 -6.64
N VAL A 61 -2.95 -0.48 -7.60
CA VAL A 61 -3.29 0.92 -7.44
C VAL A 61 -4.70 1.22 -7.94
N ILE A 62 -5.44 0.16 -8.24
CA ILE A 62 -6.81 0.29 -8.73
C ILE A 62 -7.75 0.79 -7.64
N SER A 63 -7.44 0.43 -6.39
CA SER A 63 -8.26 0.83 -5.25
C SER A 63 -8.81 2.23 -5.45
N GLY A 64 -10.10 2.39 -5.20
CA GLY A 64 -10.73 3.69 -5.35
C GLY A 64 -12.03 3.80 -4.58
N PRO A 65 -12.86 4.79 -4.95
CA PRO A 65 -14.15 5.02 -4.30
C PRO A 65 -15.17 3.92 -4.63
N SER A 66 -15.14 2.85 -3.84
CA SER A 66 -16.05 1.73 -4.05
C SER A 66 -17.39 1.99 -3.35
N SER A 67 -18.38 1.16 -3.67
CA SER A 67 -19.70 1.29 -3.08
C SER A 67 -19.88 0.34 -1.91
N GLY A 68 -19.61 0.82 -0.70
CA GLY A 68 -19.75 0.00 0.49
C GLY A 68 -19.84 0.82 1.76
N GLY A 1 2.00 20.27 6.82
CA GLY A 1 0.61 20.67 6.64
C GLY A 1 0.01 20.12 5.36
N SER A 2 -1.22 19.62 5.45
CA SER A 2 -1.90 19.06 4.28
C SER A 2 -0.94 18.26 3.42
N SER A 3 -0.09 17.46 4.07
CA SER A 3 0.88 16.64 3.37
C SER A 3 0.20 15.73 2.35
N GLY A 4 -0.78 14.96 2.82
CA GLY A 4 -1.50 14.06 1.94
C GLY A 4 -2.96 13.91 2.33
N SER A 5 -3.85 14.11 1.37
CA SER A 5 -5.28 14.01 1.62
C SER A 5 -5.98 13.28 0.47
N SER A 6 -6.73 12.24 0.82
CA SER A 6 -7.45 11.45 -0.18
C SER A 6 -6.59 11.24 -1.42
N GLY A 7 -5.32 10.91 -1.21
CA GLY A 7 -4.42 10.69 -2.33
C GLY A 7 -4.51 9.28 -2.88
N PRO A 8 -3.39 8.79 -3.43
CA PRO A 8 -3.32 7.44 -4.00
C PRO A 8 -3.39 6.35 -2.93
N ARG A 9 -3.77 5.15 -3.35
CA ARG A 9 -3.87 4.02 -2.42
C ARG A 9 -3.58 2.71 -3.14
N ALA A 10 -3.58 1.62 -2.38
CA ALA A 10 -3.33 0.30 -2.95
C ALA A 10 -4.14 -0.78 -2.21
N LYS A 11 -4.54 -1.80 -2.94
CA LYS A 11 -5.32 -2.90 -2.36
C LYS A 11 -4.53 -4.21 -2.42
N ALA A 12 -4.48 -4.90 -1.28
CA ALA A 12 -3.77 -6.17 -1.20
C ALA A 12 -4.40 -7.22 -2.11
N LEU A 13 -3.56 -8.02 -2.76
CA LEU A 13 -4.05 -9.06 -3.66
C LEU A 13 -3.87 -10.45 -3.03
N CYS A 14 -2.85 -10.58 -2.19
CA CYS A 14 -2.57 -11.85 -1.53
C CYS A 14 -2.12 -11.62 -0.10
N ASN A 15 -2.08 -12.70 0.69
CA ASN A 15 -1.66 -12.61 2.09
C ASN A 15 -0.21 -12.18 2.18
N TYR A 16 0.02 -11.01 2.77
CA TYR A 16 1.37 -10.48 2.94
C TYR A 16 1.72 -10.30 4.41
N ARG A 17 0.85 -10.79 5.28
CA ARG A 17 1.04 -10.69 6.72
C ARG A 17 1.99 -11.78 7.22
N GLY A 18 2.92 -12.20 6.36
CA GLY A 18 3.86 -13.23 6.74
C GLY A 18 5.08 -12.68 7.46
N LYS A 19 6.23 -13.28 7.20
CA LYS A 19 7.47 -12.85 7.83
C LYS A 19 8.48 -12.37 6.79
N ASN A 20 8.68 -11.06 6.72
CA ASN A 20 9.61 -10.47 5.77
C ASN A 20 10.53 -9.47 6.46
N PRO A 21 11.70 -9.23 5.85
CA PRO A 21 12.69 -8.29 6.39
C PRO A 21 12.23 -6.84 6.27
N GLY A 22 12.18 -6.15 7.40
CA GLY A 22 11.75 -4.77 7.41
C GLY A 22 10.69 -4.48 6.36
N ASP A 23 9.59 -5.23 6.43
CA ASP A 23 8.49 -5.05 5.48
C ASP A 23 7.18 -4.78 6.21
N LEU A 24 6.12 -4.55 5.44
CA LEU A 24 4.82 -4.27 6.03
C LEU A 24 3.89 -5.47 5.88
N LYS A 25 3.34 -5.93 7.00
CA LYS A 25 2.43 -7.07 6.99
C LYS A 25 0.99 -6.63 6.75
N PHE A 26 0.37 -7.18 5.72
CA PHE A 26 -1.00 -6.84 5.38
C PHE A 26 -1.76 -8.06 4.87
N ASN A 27 -3.07 -8.07 5.08
CA ASN A 27 -3.92 -9.18 4.65
C ASN A 27 -4.68 -8.82 3.37
N LYS A 28 -4.77 -9.78 2.46
CA LYS A 28 -5.48 -9.57 1.20
C LYS A 28 -6.73 -8.73 1.40
N GLY A 29 -6.96 -7.79 0.50
CA GLY A 29 -8.13 -6.93 0.61
C GLY A 29 -7.83 -5.63 1.32
N ASP A 30 -7.06 -5.71 2.40
CA ASP A 30 -6.70 -4.53 3.17
C ASP A 30 -6.18 -3.42 2.26
N VAL A 31 -6.57 -2.18 2.57
CA VAL A 31 -6.15 -1.03 1.78
C VAL A 31 -5.04 -0.25 2.49
N ILE A 32 -3.95 -0.01 1.78
CA ILE A 32 -2.82 0.72 2.33
C ILE A 32 -2.71 2.11 1.72
N LEU A 33 -2.51 3.12 2.56
CA LEU A 33 -2.38 4.49 2.10
C LEU A 33 -0.96 4.80 1.68
N LEU A 34 -0.79 5.21 0.44
CA LEU A 34 0.53 5.55 -0.10
C LEU A 34 1.12 6.77 0.61
N ARG A 35 1.96 6.54 1.60
CA ARG A 35 2.58 7.62 2.36
C ARG A 35 3.77 8.19 1.60
N ARG A 36 4.63 7.30 1.10
CA ARG A 36 5.81 7.72 0.37
C ARG A 36 6.16 6.69 -0.72
N GLN A 37 6.36 7.18 -1.95
CA GLN A 37 6.70 6.32 -3.07
C GLN A 37 8.21 6.29 -3.30
N LEU A 38 8.87 5.27 -2.77
CA LEU A 38 10.32 5.13 -2.94
C LEU A 38 10.69 4.92 -4.39
N ASP A 39 9.88 4.13 -5.10
CA ASP A 39 10.13 3.86 -6.51
C ASP A 39 8.88 3.31 -7.19
N GLU A 40 8.97 3.03 -8.48
CA GLU A 40 7.85 2.51 -9.24
C GLU A 40 7.70 1.00 -9.05
N ASN A 41 8.46 0.46 -8.09
CA ASN A 41 8.41 -0.97 -7.81
C ASN A 41 7.96 -1.22 -6.37
N TRP A 42 8.36 -0.35 -5.46
CA TRP A 42 7.98 -0.47 -4.06
C TRP A 42 7.11 0.69 -3.61
N TYR A 43 6.34 0.47 -2.54
CA TYR A 43 5.46 1.51 -2.02
C TYR A 43 5.49 1.53 -0.50
N GLN A 44 5.70 2.71 0.07
CA GLN A 44 5.75 2.86 1.52
C GLN A 44 4.45 3.48 2.05
N GLY A 45 3.68 2.69 2.79
CA GLY A 45 2.43 3.18 3.34
C GLY A 45 2.28 2.83 4.81
N GLU A 46 1.05 2.96 5.31
CA GLU A 46 0.77 2.67 6.71
C GLU A 46 -0.65 2.12 6.88
N ILE A 47 -0.76 1.00 7.59
CA ILE A 47 -2.06 0.37 7.82
C ILE A 47 -2.24 0.03 9.29
N ASN A 48 -3.33 0.53 9.88
CA ASN A 48 -3.63 0.28 11.28
C ASN A 48 -2.43 0.61 12.17
N GLY A 49 -1.87 1.81 11.96
CA GLY A 49 -0.73 2.24 12.75
C GLY A 49 0.49 1.35 12.53
N VAL A 50 0.63 0.84 11.32
CA VAL A 50 1.76 -0.02 10.97
C VAL A 50 2.51 0.51 9.76
N SER A 51 3.70 1.04 9.99
CA SER A 51 4.52 1.58 8.91
C SER A 51 5.48 0.52 8.38
N GLY A 52 5.53 0.40 7.06
CA GLY A 52 6.41 -0.58 6.44
C GLY A 52 6.47 -0.43 4.93
N ILE A 53 7.29 -1.26 4.28
CA ILE A 53 7.44 -1.21 2.84
C ILE A 53 6.94 -2.50 2.20
N PHE A 54 6.34 -2.37 1.01
CA PHE A 54 5.82 -3.52 0.29
C PHE A 54 5.93 -3.32 -1.21
N PRO A 55 5.98 -4.43 -1.96
CA PRO A 55 6.08 -4.40 -3.43
C PRO A 55 4.80 -3.90 -4.08
N ALA A 56 4.81 -3.83 -5.42
CA ALA A 56 3.66 -3.38 -6.17
C ALA A 56 2.85 -4.55 -6.72
N SER A 57 3.55 -5.65 -7.00
CA SER A 57 2.91 -6.85 -7.53
C SER A 57 1.93 -7.45 -6.52
N SER A 58 2.31 -7.39 -5.25
CA SER A 58 1.49 -7.93 -4.17
C SER A 58 0.18 -7.15 -4.05
N VAL A 59 0.26 -5.84 -4.27
CA VAL A 59 -0.91 -4.97 -4.17
C VAL A 59 -1.31 -4.45 -5.55
N GLU A 60 -2.32 -3.59 -5.58
CA GLU A 60 -2.80 -3.01 -6.83
C GLU A 60 -3.18 -1.54 -6.65
N VAL A 61 -2.65 -0.69 -7.52
CA VAL A 61 -2.93 0.74 -7.44
C VAL A 61 -4.25 1.07 -8.13
N ILE A 62 -5.05 0.05 -8.42
CA ILE A 62 -6.33 0.23 -9.08
C ILE A 62 -7.34 0.88 -8.14
N SER A 63 -7.15 0.68 -6.83
CA SER A 63 -8.04 1.25 -5.84
C SER A 63 -7.76 2.73 -5.64
N GLY A 64 -8.65 3.58 -6.18
CA GLY A 64 -8.49 5.01 -6.05
C GLY A 64 -8.96 5.76 -7.28
N PRO A 65 -9.49 6.97 -7.07
CA PRO A 65 -10.01 7.81 -8.16
C PRO A 65 -8.89 8.35 -9.05
N SER A 66 -9.27 9.15 -10.04
CA SER A 66 -8.30 9.73 -10.96
C SER A 66 -7.72 11.02 -10.41
N SER A 67 -6.57 10.92 -9.75
CA SER A 67 -5.92 12.08 -9.15
C SER A 67 -4.51 11.74 -8.71
N GLY A 68 -3.58 12.68 -8.92
CA GLY A 68 -2.20 12.46 -8.53
C GLY A 68 -1.55 11.33 -9.30
N GLY A 1 -0.41 23.74 -2.83
CA GLY A 1 -0.94 22.78 -3.77
C GLY A 1 -2.41 22.45 -3.50
N SER A 2 -2.68 21.23 -3.06
CA SER A 2 -4.03 20.80 -2.77
C SER A 2 -4.92 20.95 -4.00
N SER A 3 -4.39 20.57 -5.17
CA SER A 3 -5.13 20.66 -6.42
C SER A 3 -6.46 19.92 -6.31
N GLY A 4 -6.42 18.71 -5.76
CA GLY A 4 -7.63 17.93 -5.62
C GLY A 4 -7.52 16.89 -4.52
N SER A 5 -6.96 15.73 -4.85
CA SER A 5 -6.80 14.66 -3.87
C SER A 5 -5.34 14.20 -3.80
N SER A 6 -4.71 14.47 -2.66
CA SER A 6 -3.31 14.09 -2.46
C SER A 6 -3.19 13.00 -1.40
N GLY A 7 -3.29 11.74 -1.83
CA GLY A 7 -3.18 10.63 -0.90
C GLY A 7 -3.62 9.32 -1.52
N PRO A 8 -2.82 8.81 -2.46
CA PRO A 8 -3.10 7.55 -3.15
C PRO A 8 -2.96 6.34 -2.24
N ARG A 9 -3.51 5.21 -2.66
CA ARG A 9 -3.44 3.98 -1.88
C ARG A 9 -3.46 2.75 -2.79
N ALA A 10 -3.41 1.58 -2.17
CA ALA A 10 -3.43 0.32 -2.93
C ALA A 10 -4.19 -0.76 -2.17
N LYS A 11 -4.58 -1.82 -2.89
CA LYS A 11 -5.31 -2.92 -2.29
C LYS A 11 -4.48 -4.20 -2.29
N ALA A 12 -4.46 -4.89 -1.16
CA ALA A 12 -3.70 -6.13 -1.03
C ALA A 12 -4.29 -7.21 -1.93
N LEU A 13 -3.43 -7.85 -2.72
CA LEU A 13 -3.85 -8.91 -3.62
C LEU A 13 -3.94 -10.25 -2.90
N CYS A 14 -3.00 -10.47 -1.97
CA CYS A 14 -2.98 -11.71 -1.21
C CYS A 14 -2.46 -11.47 0.20
N ASN A 15 -2.32 -12.54 0.98
CA ASN A 15 -1.83 -12.44 2.35
C ASN A 15 -0.34 -12.12 2.37
N TYR A 16 -0.02 -10.84 2.57
CA TYR A 16 1.37 -10.41 2.62
C TYR A 16 1.85 -10.25 4.06
N ARG A 17 1.02 -10.69 5.00
CA ARG A 17 1.35 -10.60 6.42
C ARG A 17 2.25 -11.75 6.84
N GLY A 18 2.96 -12.33 5.87
CA GLY A 18 3.84 -13.45 6.17
C GLY A 18 5.11 -13.01 6.88
N LYS A 19 6.19 -13.75 6.68
CA LYS A 19 7.46 -13.43 7.30
C LYS A 19 8.43 -12.81 6.30
N ASN A 20 8.65 -11.50 6.43
CA ASN A 20 9.56 -10.79 5.53
C ASN A 20 10.46 -9.85 6.31
N PRO A 21 11.70 -9.67 5.80
CA PRO A 21 12.69 -8.80 6.44
C PRO A 21 12.32 -7.31 6.33
N GLY A 22 12.05 -6.71 7.48
CA GLY A 22 11.68 -5.30 7.49
C GLY A 22 10.66 -4.95 6.44
N ASP A 23 9.55 -5.70 6.42
CA ASP A 23 8.48 -5.47 5.46
C ASP A 23 7.17 -5.12 6.16
N LEU A 24 6.14 -4.86 5.38
CA LEU A 24 4.83 -4.51 5.93
C LEU A 24 3.86 -5.68 5.79
N LYS A 25 3.30 -6.11 6.92
CA LYS A 25 2.35 -7.22 6.93
C LYS A 25 0.92 -6.70 6.77
N PHE A 26 0.22 -7.21 5.77
CA PHE A 26 -1.15 -6.81 5.51
C PHE A 26 -1.99 -7.99 5.04
N ASN A 27 -3.30 -7.90 5.23
CA ASN A 27 -4.22 -8.96 4.82
C ASN A 27 -4.92 -8.60 3.51
N LYS A 28 -4.96 -9.55 2.58
CA LYS A 28 -5.61 -9.33 1.29
C LYS A 28 -6.83 -8.44 1.43
N GLY A 29 -7.08 -7.61 0.43
CA GLY A 29 -8.22 -6.72 0.47
C GLY A 29 -7.92 -5.42 1.20
N ASP A 30 -7.16 -5.52 2.28
CA ASP A 30 -6.81 -4.34 3.06
C ASP A 30 -6.27 -3.23 2.17
N VAL A 31 -6.82 -2.04 2.32
CA VAL A 31 -6.38 -0.89 1.53
C VAL A 31 -5.28 -0.11 2.23
N ILE A 32 -4.06 -0.25 1.75
CA ILE A 32 -2.92 0.44 2.33
C ILE A 32 -2.72 1.81 1.70
N LEU A 33 -2.82 2.85 2.52
CA LEU A 33 -2.65 4.22 2.03
C LEU A 33 -1.18 4.53 1.75
N LEU A 34 -0.90 5.02 0.55
CA LEU A 34 0.47 5.36 0.17
C LEU A 34 0.96 6.60 0.90
N ARG A 35 2.06 6.45 1.63
CA ARG A 35 2.64 7.56 2.38
C ARG A 35 3.86 8.12 1.67
N ARG A 36 4.67 7.24 1.10
CA ARG A 36 5.89 7.65 0.40
C ARG A 36 6.22 6.66 -0.71
N GLN A 37 6.37 7.17 -1.93
CA GLN A 37 6.69 6.35 -3.08
C GLN A 37 8.19 6.39 -3.39
N LEU A 38 8.85 5.25 -3.23
CA LEU A 38 10.29 5.15 -3.49
C LEU A 38 10.56 4.90 -4.97
N ASP A 39 9.73 4.07 -5.59
CA ASP A 39 9.88 3.76 -7.01
C ASP A 39 8.64 3.04 -7.54
N GLU A 40 8.70 2.64 -8.81
CA GLU A 40 7.59 1.94 -9.44
C GLU A 40 7.64 0.45 -9.13
N ASN A 41 8.49 0.08 -8.18
CA ASN A 41 8.64 -1.32 -7.79
C ASN A 41 8.10 -1.56 -6.38
N TRP A 42 8.37 -0.62 -5.48
CA TRP A 42 7.92 -0.71 -4.10
C TRP A 42 7.15 0.54 -3.69
N TYR A 43 6.42 0.44 -2.58
CA TYR A 43 5.64 1.56 -2.08
C TYR A 43 5.61 1.56 -0.56
N GLN A 44 5.90 2.71 0.03
CA GLN A 44 5.92 2.85 1.48
C GLN A 44 4.59 3.41 1.98
N GLY A 45 3.79 2.57 2.62
CA GLY A 45 2.50 3.00 3.14
C GLY A 45 2.33 2.69 4.61
N GLU A 46 1.12 2.86 5.11
CA GLU A 46 0.83 2.59 6.52
C GLU A 46 -0.51 1.89 6.68
N ILE A 47 -0.51 0.79 7.41
CA ILE A 47 -1.72 0.01 7.65
C ILE A 47 -2.01 -0.13 9.13
N ASN A 48 -3.26 0.12 9.51
CA ASN A 48 -3.67 0.03 10.91
C ASN A 48 -2.61 0.63 11.83
N GLY A 49 -2.13 1.82 11.48
CA GLY A 49 -1.12 2.48 12.29
C GLY A 49 0.21 1.75 12.25
N VAL A 50 0.51 1.12 11.12
CA VAL A 50 1.76 0.39 10.96
C VAL A 50 2.50 0.84 9.70
N SER A 51 3.65 1.48 9.90
CA SER A 51 4.45 1.96 8.78
C SER A 51 5.40 0.87 8.28
N GLY A 52 5.46 0.69 6.97
CA GLY A 52 6.32 -0.32 6.40
C GLY A 52 6.38 -0.23 4.88
N ILE A 53 7.29 -1.00 4.28
CA ILE A 53 7.44 -1.01 2.84
C ILE A 53 6.96 -2.33 2.24
N PHE A 54 6.28 -2.25 1.10
CA PHE A 54 5.77 -3.45 0.44
C PHE A 54 5.91 -3.32 -1.07
N PRO A 55 5.99 -4.47 -1.76
CA PRO A 55 6.13 -4.52 -3.22
C PRO A 55 4.86 -4.08 -3.93
N ALA A 56 5.02 -3.52 -5.13
CA ALA A 56 3.89 -3.06 -5.92
C ALA A 56 3.17 -4.22 -6.58
N SER A 57 3.89 -5.33 -6.76
CA SER A 57 3.32 -6.51 -7.39
C SER A 57 2.28 -7.16 -6.49
N SER A 58 2.50 -7.10 -5.18
CA SER A 58 1.59 -7.68 -4.22
C SER A 58 0.47 -6.70 -3.85
N VAL A 59 0.27 -5.71 -4.72
CA VAL A 59 -0.76 -4.70 -4.50
C VAL A 59 -1.20 -4.07 -5.81
N GLU A 60 -2.39 -3.46 -5.80
CA GLU A 60 -2.93 -2.82 -6.99
C GLU A 60 -3.54 -1.46 -6.65
N VAL A 61 -3.31 -0.48 -7.51
CA VAL A 61 -3.83 0.86 -7.29
C VAL A 61 -5.26 0.99 -7.82
N ILE A 62 -5.88 -0.15 -8.12
CA ILE A 62 -7.24 -0.18 -8.63
C ILE A 62 -8.24 0.22 -7.54
N SER A 63 -7.87 -0.01 -6.29
CA SER A 63 -8.73 0.31 -5.17
C SER A 63 -9.51 1.60 -5.43
N GLY A 64 -10.83 1.53 -5.27
CA GLY A 64 -11.66 2.70 -5.50
C GLY A 64 -12.98 2.35 -6.16
N PRO A 65 -13.57 3.33 -6.87
CA PRO A 65 -14.85 3.14 -7.56
C PRO A 65 -14.71 2.22 -8.77
N SER A 66 -14.79 0.92 -8.53
CA SER A 66 -14.66 -0.06 -9.60
C SER A 66 -15.99 -0.79 -9.81
N SER A 67 -16.01 -1.70 -10.79
CA SER A 67 -17.21 -2.47 -11.09
C SER A 67 -16.85 -3.87 -11.57
N GLY A 68 -17.68 -4.85 -11.21
CA GLY A 68 -17.43 -6.22 -11.62
C GLY A 68 -18.68 -7.08 -11.54
N GLY A 1 3.95 15.68 -0.31
CA GLY A 1 2.54 15.34 -0.19
C GLY A 1 1.98 15.64 1.19
N SER A 2 1.34 16.79 1.32
CA SER A 2 0.77 17.21 2.59
C SER A 2 -0.36 16.27 3.01
N SER A 3 -0.11 15.47 4.04
CA SER A 3 -1.10 14.51 4.53
C SER A 3 -2.45 15.20 4.74
N GLY A 4 -3.52 14.54 4.29
CA GLY A 4 -4.84 15.10 4.43
C GLY A 4 -5.78 14.67 3.33
N SER A 5 -5.95 15.53 2.33
CA SER A 5 -6.83 15.23 1.20
C SER A 5 -6.63 13.81 0.73
N SER A 6 -7.74 13.12 0.47
CA SER A 6 -7.69 11.73 0.01
C SER A 6 -6.79 11.60 -1.21
N GLY A 7 -5.74 10.78 -1.08
CA GLY A 7 -4.81 10.58 -2.17
C GLY A 7 -4.89 9.17 -2.74
N PRO A 8 -3.81 8.75 -3.41
CA PRO A 8 -3.72 7.42 -4.02
C PRO A 8 -3.63 6.31 -2.98
N ARG A 9 -4.16 5.13 -3.31
CA ARG A 9 -4.13 4.00 -2.41
C ARG A 9 -3.95 2.70 -3.18
N ALA A 10 -3.65 1.62 -2.45
CA ALA A 10 -3.44 0.32 -3.06
C ALA A 10 -4.08 -0.79 -2.22
N LYS A 11 -4.61 -1.81 -2.90
CA LYS A 11 -5.25 -2.92 -2.21
C LYS A 11 -4.42 -4.20 -2.36
N ALA A 12 -4.29 -4.94 -1.28
CA ALA A 12 -3.53 -6.19 -1.29
C ALA A 12 -4.25 -7.26 -2.10
N LEU A 13 -3.50 -7.94 -2.96
CA LEU A 13 -4.07 -9.00 -3.79
C LEU A 13 -3.91 -10.36 -3.13
N CYS A 14 -2.86 -10.49 -2.31
CA CYS A 14 -2.60 -11.75 -1.61
C CYS A 14 -2.20 -11.49 -0.16
N ASN A 15 -2.19 -12.55 0.64
CA ASN A 15 -1.82 -12.43 2.05
C ASN A 15 -0.34 -12.07 2.19
N TYR A 16 -0.09 -10.91 2.79
CA TYR A 16 1.28 -10.45 2.99
C TYR A 16 1.57 -10.21 4.48
N ARG A 17 0.62 -10.62 5.32
CA ARG A 17 0.76 -10.44 6.76
C ARG A 17 1.62 -11.54 7.36
N GLY A 18 2.57 -12.04 6.58
CA GLY A 18 3.45 -13.10 7.05
C GLY A 18 4.63 -12.57 7.83
N LYS A 19 5.78 -13.20 7.65
CA LYS A 19 7.00 -12.78 8.36
C LYS A 19 8.07 -12.35 7.36
N ASN A 20 8.34 -11.05 7.31
CA ASN A 20 9.35 -10.51 6.41
C ASN A 20 10.26 -9.53 7.14
N PRO A 21 11.52 -9.46 6.68
CA PRO A 21 12.52 -8.57 7.28
C PRO A 21 12.23 -7.09 6.98
N GLY A 22 12.08 -6.30 8.04
CA GLY A 22 11.80 -4.89 7.86
C GLY A 22 10.80 -4.62 6.76
N ASP A 23 9.72 -5.38 6.76
CA ASP A 23 8.68 -5.22 5.73
C ASP A 23 7.33 -4.89 6.38
N LEU A 24 6.32 -4.70 5.54
CA LEU A 24 4.99 -4.37 6.03
C LEU A 24 4.05 -5.58 5.91
N LYS A 25 3.47 -5.98 7.04
CA LYS A 25 2.56 -7.12 7.06
C LYS A 25 1.12 -6.66 6.81
N PHE A 26 0.50 -7.23 5.79
CA PHE A 26 -0.89 -6.88 5.45
C PHE A 26 -1.64 -8.11 4.95
N ASN A 27 -2.97 -8.07 5.10
CA ASN A 27 -3.81 -9.18 4.67
C ASN A 27 -4.46 -8.87 3.32
N LYS A 28 -4.70 -9.92 2.54
CA LYS A 28 -5.32 -9.77 1.22
C LYS A 28 -6.61 -8.95 1.33
N GLY A 29 -6.70 -7.91 0.51
CA GLY A 29 -7.89 -7.06 0.52
C GLY A 29 -7.65 -5.72 1.21
N ASP A 30 -6.92 -5.76 2.32
CA ASP A 30 -6.62 -4.54 3.07
C ASP A 30 -5.96 -3.50 2.16
N VAL A 31 -6.50 -2.28 2.18
CA VAL A 31 -5.95 -1.21 1.36
C VAL A 31 -5.02 -0.31 2.17
N ILE A 32 -3.77 -0.24 1.76
CA ILE A 32 -2.78 0.58 2.44
C ILE A 32 -2.67 1.96 1.82
N LEU A 33 -2.48 2.98 2.66
CA LEU A 33 -2.38 4.35 2.19
C LEU A 33 -0.94 4.67 1.79
N LEU A 34 -0.77 5.23 0.59
CA LEU A 34 0.55 5.59 0.08
C LEU A 34 1.12 6.78 0.84
N ARG A 35 2.20 6.55 1.57
CA ARG A 35 2.84 7.61 2.34
C ARG A 35 4.06 8.16 1.60
N ARG A 36 4.88 7.26 1.07
CA ARG A 36 6.08 7.66 0.34
C ARG A 36 6.40 6.65 -0.76
N GLN A 37 6.49 7.13 -1.99
CA GLN A 37 6.80 6.27 -3.13
C GLN A 37 8.31 6.25 -3.40
N LEU A 38 8.97 5.22 -2.91
CA LEU A 38 10.41 5.07 -3.10
C LEU A 38 10.75 4.90 -4.58
N ASP A 39 10.09 3.94 -5.21
CA ASP A 39 10.32 3.68 -6.63
C ASP A 39 9.06 3.10 -7.29
N GLU A 40 9.15 2.82 -8.59
CA GLU A 40 8.02 2.28 -9.32
C GLU A 40 7.95 0.76 -9.17
N ASN A 41 8.56 0.25 -8.10
CA ASN A 41 8.57 -1.18 -7.83
C ASN A 41 8.02 -1.48 -6.43
N TRP A 42 8.19 -0.52 -5.53
CA TRP A 42 7.70 -0.68 -4.16
C TRP A 42 6.88 0.53 -3.72
N TYR A 43 6.18 0.39 -2.61
CA TYR A 43 5.35 1.48 -2.09
C TYR A 43 5.35 1.49 -0.57
N GLN A 44 5.70 2.63 0.02
CA GLN A 44 5.75 2.77 1.46
C GLN A 44 4.47 3.41 1.99
N GLY A 45 3.72 2.65 2.78
CA GLY A 45 2.48 3.16 3.34
C GLY A 45 2.26 2.72 4.78
N GLU A 46 1.10 3.05 5.33
CA GLU A 46 0.77 2.69 6.70
C GLU A 46 -0.53 1.89 6.76
N ILE A 47 -0.56 0.90 7.63
CA ILE A 47 -1.74 0.06 7.79
C ILE A 47 -2.02 -0.25 9.26
N ASN A 48 -3.22 0.07 9.71
CA ASN A 48 -3.61 -0.16 11.10
C ASN A 48 -2.54 0.34 12.06
N GLY A 49 -2.05 1.56 11.80
CA GLY A 49 -1.02 2.14 12.64
C GLY A 49 0.30 1.42 12.53
N VAL A 50 0.56 0.84 11.38
CA VAL A 50 1.80 0.11 11.14
C VAL A 50 2.52 0.60 9.88
N SER A 51 3.65 1.26 10.06
CA SER A 51 4.42 1.78 8.93
C SER A 51 5.41 0.74 8.43
N GLY A 52 5.49 0.59 7.11
CA GLY A 52 6.40 -0.36 6.52
C GLY A 52 6.50 -0.22 5.01
N ILE A 53 7.14 -1.19 4.37
CA ILE A 53 7.31 -1.17 2.92
C ILE A 53 6.77 -2.44 2.29
N PHE A 54 6.28 -2.32 1.06
CA PHE A 54 5.73 -3.47 0.34
C PHE A 54 5.91 -3.31 -1.16
N PRO A 55 5.94 -4.43 -1.88
CA PRO A 55 6.10 -4.44 -3.34
C PRO A 55 4.87 -3.90 -4.06
N ALA A 56 4.96 -3.79 -5.38
CA ALA A 56 3.85 -3.29 -6.19
C ALA A 56 3.08 -4.43 -6.83
N SER A 57 3.66 -5.63 -6.79
CA SER A 57 3.03 -6.81 -7.36
C SER A 57 2.04 -7.44 -6.39
N SER A 58 2.28 -7.25 -5.11
CA SER A 58 1.41 -7.79 -4.07
C SER A 58 0.19 -6.89 -3.86
N VAL A 59 0.29 -5.66 -4.32
CA VAL A 59 -0.80 -4.70 -4.18
C VAL A 59 -1.21 -4.14 -5.54
N GLU A 60 -2.34 -3.42 -5.57
CA GLU A 60 -2.83 -2.83 -6.80
C GLU A 60 -3.40 -1.44 -6.54
N VAL A 61 -3.03 -0.49 -7.39
CA VAL A 61 -3.49 0.89 -7.27
C VAL A 61 -4.89 1.05 -7.83
N ILE A 62 -5.56 -0.07 -8.08
CA ILE A 62 -6.91 -0.06 -8.62
C ILE A 62 -7.92 0.41 -7.57
N SER A 63 -7.54 0.29 -6.31
CA SER A 63 -8.41 0.70 -5.21
C SER A 63 -9.00 2.09 -5.46
N GLY A 64 -10.31 2.15 -5.62
CA GLY A 64 -10.97 3.41 -5.87
C GLY A 64 -12.29 3.24 -6.60
N PRO A 65 -12.25 3.36 -7.94
CA PRO A 65 -13.44 3.23 -8.78
C PRO A 65 -13.96 1.79 -8.82
N SER A 66 -15.22 1.64 -9.23
CA SER A 66 -15.84 0.32 -9.31
C SER A 66 -16.99 0.32 -10.32
N SER A 67 -17.11 -0.76 -11.08
CA SER A 67 -18.17 -0.89 -12.07
C SER A 67 -18.88 -2.23 -11.94
N GLY A 68 -20.06 -2.33 -12.55
CA GLY A 68 -20.83 -3.55 -12.49
C GLY A 68 -21.67 -3.77 -13.73
N GLY A 1 6.61 13.57 -3.33
CA GLY A 1 6.82 14.06 -4.68
C GLY A 1 5.62 13.83 -5.58
N SER A 2 4.44 14.24 -5.10
CA SER A 2 3.22 14.06 -5.87
C SER A 2 2.89 15.33 -6.67
N SER A 3 2.68 15.16 -7.97
CA SER A 3 2.36 16.29 -8.84
C SER A 3 0.92 16.75 -8.62
N GLY A 4 -0.02 15.83 -8.79
CA GLY A 4 -1.42 16.16 -8.61
C GLY A 4 -2.25 14.97 -8.18
N SER A 5 -2.28 14.68 -6.89
CA SER A 5 -3.02 13.56 -6.36
C SER A 5 -3.70 13.93 -5.04
N SER A 6 -4.98 13.58 -4.92
CA SER A 6 -5.74 13.88 -3.71
C SER A 6 -5.41 12.88 -2.61
N GLY A 7 -5.32 11.61 -2.97
CA GLY A 7 -5.01 10.57 -2.00
C GLY A 7 -5.03 9.19 -2.61
N PRO A 8 -3.90 8.78 -3.22
CA PRO A 8 -3.77 7.47 -3.85
C PRO A 8 -3.74 6.34 -2.84
N ARG A 9 -4.23 5.17 -3.25
CA ARG A 9 -4.25 4.00 -2.37
C ARG A 9 -4.01 2.72 -3.16
N ALA A 10 -3.85 1.61 -2.44
CA ALA A 10 -3.61 0.32 -3.07
C ALA A 10 -4.36 -0.79 -2.35
N LYS A 11 -4.63 -1.88 -3.06
CA LYS A 11 -5.34 -3.02 -2.50
C LYS A 11 -4.50 -4.28 -2.57
N ALA A 12 -4.30 -4.93 -1.43
CA ALA A 12 -3.52 -6.16 -1.37
C ALA A 12 -4.12 -7.25 -2.25
N LEU A 13 -3.26 -7.98 -2.95
CA LEU A 13 -3.70 -9.04 -3.84
C LEU A 13 -3.54 -10.41 -3.17
N CYS A 14 -2.51 -10.54 -2.35
CA CYS A 14 -2.24 -11.79 -1.64
C CYS A 14 -1.86 -11.52 -0.19
N ASN A 15 -1.73 -12.59 0.59
CA ASN A 15 -1.38 -12.48 2.00
C ASN A 15 0.09 -12.08 2.15
N TYR A 16 0.31 -10.91 2.73
CA TYR A 16 1.66 -10.40 2.94
C TYR A 16 1.97 -10.27 4.43
N ARG A 17 1.08 -10.81 5.27
CA ARG A 17 1.26 -10.75 6.71
C ARG A 17 2.21 -11.84 7.18
N GLY A 18 3.17 -12.20 6.33
CA GLY A 18 4.13 -13.22 6.68
C GLY A 18 5.32 -12.67 7.43
N LYS A 19 6.50 -13.23 7.17
CA LYS A 19 7.72 -12.79 7.84
C LYS A 19 8.73 -12.24 6.84
N ASN A 20 8.90 -10.93 6.83
CA ASN A 20 9.84 -10.27 5.92
C ASN A 20 10.73 -9.28 6.67
N PRO A 21 11.97 -9.13 6.19
CA PRO A 21 12.94 -8.22 6.79
C PRO A 21 12.57 -6.75 6.59
N GLY A 22 12.35 -6.03 7.68
CA GLY A 22 11.99 -4.64 7.59
C GLY A 22 10.97 -4.36 6.50
N ASP A 23 9.89 -5.15 6.50
CA ASP A 23 8.84 -4.99 5.50
C ASP A 23 7.51 -4.67 6.17
N LEU A 24 6.47 -4.49 5.36
CA LEU A 24 5.14 -4.18 5.88
C LEU A 24 4.22 -5.40 5.78
N LYS A 25 3.67 -5.81 6.91
CA LYS A 25 2.76 -6.96 6.95
C LYS A 25 1.32 -6.52 6.71
N PHE A 26 0.70 -7.11 5.70
CA PHE A 26 -0.69 -6.78 5.37
C PHE A 26 -1.44 -8.01 4.89
N ASN A 27 -2.75 -7.88 4.76
CA ASN A 27 -3.59 -9.00 4.32
C ASN A 27 -4.21 -8.71 2.95
N LYS A 28 -4.66 -9.75 2.27
CA LYS A 28 -5.27 -9.61 0.95
C LYS A 28 -6.56 -8.79 1.04
N GLY A 29 -6.62 -7.73 0.24
CA GLY A 29 -7.80 -6.88 0.24
C GLY A 29 -7.59 -5.59 1.00
N ASP A 30 -6.87 -5.67 2.11
CA ASP A 30 -6.58 -4.50 2.94
C ASP A 30 -6.07 -3.35 2.08
N VAL A 31 -6.46 -2.13 2.44
CA VAL A 31 -6.03 -0.94 1.71
C VAL A 31 -4.89 -0.23 2.43
N ILE A 32 -3.74 -0.15 1.76
CA ILE A 32 -2.57 0.50 2.33
C ILE A 32 -2.37 1.90 1.75
N LEU A 33 -2.57 2.91 2.59
CA LEU A 33 -2.42 4.30 2.15
C LEU A 33 -0.96 4.60 1.80
N LEU A 34 -0.75 5.16 0.62
CA LEU A 34 0.60 5.50 0.16
C LEU A 34 1.13 6.71 0.92
N ARG A 35 2.16 6.48 1.74
CA ARG A 35 2.77 7.55 2.51
C ARG A 35 3.99 8.12 1.80
N ARG A 36 4.80 7.24 1.25
CA ARG A 36 6.01 7.65 0.54
C ARG A 36 6.37 6.65 -0.56
N GLN A 37 6.51 7.14 -1.78
CA GLN A 37 6.86 6.28 -2.91
C GLN A 37 8.38 6.18 -3.07
N LEU A 38 8.91 4.99 -2.80
CA LEU A 38 10.35 4.76 -2.91
C LEU A 38 10.73 4.40 -4.35
N ASP A 39 9.91 3.57 -4.98
CA ASP A 39 10.16 3.15 -6.36
C ASP A 39 8.85 2.83 -7.08
N GLU A 40 8.95 2.37 -8.32
CA GLU A 40 7.78 2.03 -9.11
C GLU A 40 7.25 0.65 -8.72
N ASN A 41 8.11 -0.16 -8.13
CA ASN A 41 7.72 -1.52 -7.71
C ASN A 41 7.48 -1.56 -6.21
N TRP A 42 8.13 -0.67 -5.48
CA TRP A 42 8.00 -0.62 -4.02
C TRP A 42 7.20 0.61 -3.60
N TYR A 43 6.56 0.53 -2.44
CA TYR A 43 5.77 1.63 -1.92
C TYR A 43 5.73 1.60 -0.38
N GLN A 44 5.99 2.75 0.22
CA GLN A 44 5.98 2.86 1.68
C GLN A 44 4.66 3.42 2.18
N GLY A 45 3.80 2.55 2.67
CA GLY A 45 2.51 2.98 3.18
C GLY A 45 2.33 2.69 4.65
N GLU A 46 1.10 2.80 5.13
CA GLU A 46 0.80 2.55 6.54
C GLU A 46 -0.51 1.77 6.70
N ILE A 47 -0.44 0.64 7.39
CA ILE A 47 -1.62 -0.19 7.60
C ILE A 47 -1.91 -0.35 9.09
N ASN A 48 -3.15 -0.11 9.48
CA ASN A 48 -3.56 -0.23 10.88
C ASN A 48 -2.61 0.54 11.79
N GLY A 49 -2.22 1.73 11.35
CA GLY A 49 -1.32 2.56 12.14
C GLY A 49 0.09 2.02 12.16
N VAL A 50 0.44 1.23 11.16
CA VAL A 50 1.77 0.63 11.07
C VAL A 50 2.44 0.97 9.74
N SER A 51 3.56 1.68 9.81
CA SER A 51 4.29 2.06 8.60
C SER A 51 5.28 0.98 8.20
N GLY A 52 5.45 0.81 6.88
CA GLY A 52 6.36 -0.21 6.38
C GLY A 52 6.56 -0.12 4.88
N ILE A 53 7.15 -1.16 4.30
CA ILE A 53 7.39 -1.19 2.86
C ILE A 53 6.83 -2.46 2.23
N PHE A 54 6.22 -2.31 1.07
CA PHE A 54 5.65 -3.45 0.37
C PHE A 54 5.82 -3.30 -1.15
N PRO A 55 5.88 -4.44 -1.85
CA PRO A 55 6.05 -4.47 -3.31
C PRO A 55 4.81 -3.96 -4.04
N ALA A 56 4.82 -4.09 -5.37
CA ALA A 56 3.70 -3.64 -6.18
C ALA A 56 2.90 -4.82 -6.71
N SER A 57 3.44 -6.03 -6.54
CA SER A 57 2.78 -7.24 -7.00
C SER A 57 1.71 -7.69 -6.01
N SER A 58 2.00 -7.53 -4.73
CA SER A 58 1.06 -7.93 -3.67
C SER A 58 0.07 -6.81 -3.39
N VAL A 59 -0.07 -5.89 -4.34
CA VAL A 59 -0.99 -4.77 -4.19
C VAL A 59 -1.42 -4.22 -5.55
N GLU A 60 -2.56 -3.56 -5.58
CA GLU A 60 -3.08 -2.98 -6.81
C GLU A 60 -3.48 -1.52 -6.62
N VAL A 61 -3.04 -0.67 -7.54
CA VAL A 61 -3.34 0.76 -7.46
C VAL A 61 -4.73 1.05 -8.01
N ILE A 62 -5.52 0.00 -8.19
CA ILE A 62 -6.88 0.14 -8.70
C ILE A 62 -7.80 0.78 -7.66
N SER A 63 -7.41 0.69 -6.39
CA SER A 63 -8.20 1.26 -5.30
C SER A 63 -8.64 2.68 -5.64
N GLY A 64 -9.94 2.84 -5.88
CA GLY A 64 -10.48 4.15 -6.21
C GLY A 64 -11.76 4.06 -7.01
N PRO A 65 -12.35 5.22 -7.32
CA PRO A 65 -13.60 5.30 -8.09
C PRO A 65 -13.41 4.88 -9.54
N SER A 66 -14.02 3.77 -9.93
CA SER A 66 -13.91 3.27 -11.29
C SER A 66 -15.03 2.26 -11.59
N SER A 67 -15.99 2.69 -12.40
CA SER A 67 -17.12 1.84 -12.77
C SER A 67 -16.64 0.42 -13.08
N GLY A 68 -15.68 0.31 -13.99
CA GLY A 68 -15.15 -0.98 -14.37
C GLY A 68 -14.33 -0.93 -15.64
N GLY A 1 -1.05 10.51 14.66
CA GLY A 1 -0.74 10.85 13.27
C GLY A 1 -1.78 11.76 12.66
N SER A 2 -1.32 12.86 12.06
CA SER A 2 -2.22 13.82 11.43
C SER A 2 -2.40 13.51 9.95
N SER A 3 -3.38 14.16 9.33
CA SER A 3 -3.65 13.95 7.92
C SER A 3 -2.78 14.86 7.05
N GLY A 4 -2.13 14.27 6.05
CA GLY A 4 -1.28 15.04 5.17
C GLY A 4 -1.28 14.51 3.75
N SER A 5 -0.59 13.40 3.53
CA SER A 5 -0.51 12.79 2.21
C SER A 5 -1.71 11.90 1.95
N SER A 6 -2.82 12.53 1.52
CA SER A 6 -4.04 11.79 1.23
C SER A 6 -4.40 11.89 -0.25
N GLY A 7 -4.54 10.73 -0.90
CA GLY A 7 -4.88 10.72 -2.31
C GLY A 7 -5.01 9.31 -2.86
N PRO A 8 -3.92 8.80 -3.44
CA PRO A 8 -3.88 7.45 -4.02
C PRO A 8 -3.93 6.36 -2.95
N ARG A 9 -4.31 5.16 -3.37
CA ARG A 9 -4.41 4.03 -2.44
C ARG A 9 -4.03 2.73 -3.14
N ALA A 10 -3.89 1.66 -2.36
CA ALA A 10 -3.53 0.36 -2.89
C ALA A 10 -4.27 -0.76 -2.16
N LYS A 11 -4.64 -1.79 -2.91
CA LYS A 11 -5.35 -2.94 -2.33
C LYS A 11 -4.48 -4.19 -2.36
N ALA A 12 -4.48 -4.91 -1.25
CA ALA A 12 -3.69 -6.14 -1.14
C ALA A 12 -4.24 -7.22 -2.07
N LEU A 13 -3.34 -7.94 -2.74
CA LEU A 13 -3.73 -9.00 -3.65
C LEU A 13 -3.54 -10.38 -3.01
N CYS A 14 -2.55 -10.47 -2.13
CA CYS A 14 -2.26 -11.73 -1.45
C CYS A 14 -1.88 -11.48 0.01
N ASN A 15 -1.76 -12.55 0.78
CA ASN A 15 -1.41 -12.45 2.19
C ASN A 15 0.05 -12.01 2.36
N TYR A 16 0.23 -10.83 2.96
CA TYR A 16 1.57 -10.30 3.18
C TYR A 16 1.81 -10.00 4.65
N ARG A 17 0.86 -10.43 5.49
CA ARG A 17 0.96 -10.20 6.93
C ARG A 17 1.86 -11.25 7.59
N GLY A 18 2.85 -11.72 6.84
CA GLY A 18 3.76 -12.73 7.36
C GLY A 18 4.89 -12.12 8.17
N LYS A 19 6.08 -12.69 8.04
CA LYS A 19 7.25 -12.20 8.76
C LYS A 19 8.33 -11.73 7.79
N ASN A 20 8.51 -10.41 7.70
CA ASN A 20 9.51 -9.84 6.81
C ASN A 20 10.36 -8.80 7.54
N PRO A 21 11.62 -8.68 7.14
CA PRO A 21 12.56 -7.72 7.74
C PRO A 21 12.22 -6.28 7.40
N GLY A 22 11.93 -5.48 8.41
CA GLY A 22 11.59 -4.09 8.20
C GLY A 22 10.64 -3.90 7.04
N ASP A 23 9.56 -4.68 7.02
CA ASP A 23 8.56 -4.60 5.95
C ASP A 23 7.18 -4.29 6.52
N LEU A 24 6.20 -4.21 5.64
CA LEU A 24 4.83 -3.91 6.06
C LEU A 24 3.95 -5.17 5.98
N LYS A 25 3.33 -5.51 7.10
CA LYS A 25 2.46 -6.68 7.16
C LYS A 25 1.01 -6.30 6.87
N PHE A 26 0.43 -6.95 5.86
CA PHE A 26 -0.95 -6.68 5.48
C PHE A 26 -1.65 -7.97 5.05
N ASN A 27 -2.97 -7.89 4.89
CA ASN A 27 -3.76 -9.05 4.48
C ASN A 27 -4.37 -8.83 3.10
N LYS A 28 -4.81 -9.91 2.47
CA LYS A 28 -5.42 -9.83 1.15
C LYS A 28 -6.71 -9.01 1.18
N GLY A 29 -6.75 -7.96 0.38
CA GLY A 29 -7.94 -7.11 0.33
C GLY A 29 -7.74 -5.82 1.09
N ASP A 30 -6.99 -5.87 2.19
CA ASP A 30 -6.74 -4.69 3.00
C ASP A 30 -6.23 -3.54 2.14
N VAL A 31 -6.71 -2.33 2.43
CA VAL A 31 -6.30 -1.15 1.68
C VAL A 31 -5.23 -0.37 2.44
N ILE A 32 -4.14 -0.05 1.75
CA ILE A 32 -3.05 0.70 2.35
C ILE A 32 -2.96 2.11 1.76
N LEU A 33 -2.69 3.08 2.62
CA LEU A 33 -2.57 4.47 2.17
C LEU A 33 -1.12 4.81 1.81
N LEU A 34 -0.90 5.19 0.56
CA LEU A 34 0.43 5.55 0.09
C LEU A 34 0.97 6.76 0.84
N ARG A 35 2.14 6.61 1.44
CA ARG A 35 2.77 7.70 2.18
C ARG A 35 4.04 8.17 1.49
N ARG A 36 4.86 7.21 1.06
CA ARG A 36 6.11 7.55 0.37
C ARG A 36 6.41 6.53 -0.73
N GLN A 37 6.55 7.02 -1.95
CA GLN A 37 6.83 6.15 -3.09
C GLN A 37 8.33 6.14 -3.41
N LEU A 38 9.02 5.13 -2.88
CA LEU A 38 10.46 5.00 -3.10
C LEU A 38 10.77 4.85 -4.59
N ASP A 39 10.15 3.86 -5.22
CA ASP A 39 10.36 3.60 -6.64
C ASP A 39 9.08 3.06 -7.29
N GLU A 40 9.18 2.74 -8.57
CA GLU A 40 8.03 2.21 -9.31
C GLU A 40 7.92 0.70 -9.13
N ASN A 41 8.60 0.18 -8.12
CA ASN A 41 8.59 -1.25 -7.85
C ASN A 41 8.08 -1.54 -6.44
N TRP A 42 8.23 -0.55 -5.55
CA TRP A 42 7.78 -0.69 -4.17
C TRP A 42 6.98 0.52 -3.74
N TYR A 43 6.23 0.37 -2.65
CA TYR A 43 5.41 1.46 -2.13
C TYR A 43 5.40 1.46 -0.60
N GLN A 44 5.74 2.59 -0.01
CA GLN A 44 5.77 2.72 1.44
C GLN A 44 4.53 3.45 1.95
N GLY A 45 3.84 2.84 2.92
CA GLY A 45 2.65 3.44 3.47
C GLY A 45 2.44 3.09 4.93
N GLU A 46 1.19 3.09 5.37
CA GLU A 46 0.85 2.76 6.75
C GLU A 46 -0.57 2.23 6.85
N ILE A 47 -0.71 1.04 7.43
CA ILE A 47 -2.02 0.42 7.60
C ILE A 47 -2.27 0.06 9.05
N ASN A 48 -3.37 0.58 9.61
CA ASN A 48 -3.73 0.30 10.99
C ASN A 48 -2.57 0.67 11.94
N GLY A 49 -2.02 1.86 11.74
CA GLY A 49 -0.91 2.30 12.58
C GLY A 49 0.32 1.45 12.41
N VAL A 50 0.48 0.86 11.23
CA VAL A 50 1.63 0.01 10.95
C VAL A 50 2.38 0.50 9.71
N SER A 51 3.54 1.10 9.92
CA SER A 51 4.35 1.61 8.83
C SER A 51 5.36 0.57 8.37
N GLY A 52 5.50 0.42 7.05
CA GLY A 52 6.44 -0.55 6.51
C GLY A 52 6.60 -0.40 5.01
N ILE A 53 7.28 -1.37 4.40
CA ILE A 53 7.52 -1.35 2.96
C ILE A 53 6.97 -2.60 2.29
N PHE A 54 6.55 -2.47 1.04
CA PHE A 54 6.01 -3.60 0.30
C PHE A 54 6.11 -3.35 -1.21
N PRO A 55 6.20 -4.44 -1.98
CA PRO A 55 6.31 -4.37 -3.44
C PRO A 55 5.02 -3.90 -4.10
N ALA A 56 5.09 -3.57 -5.38
CA ALA A 56 3.93 -3.11 -6.12
C ALA A 56 3.22 -4.28 -6.81
N SER A 57 3.88 -5.43 -6.83
CA SER A 57 3.31 -6.62 -7.47
C SER A 57 2.27 -7.27 -6.56
N SER A 58 2.53 -7.25 -5.25
CA SER A 58 1.62 -7.85 -4.29
C SER A 58 0.37 -7.00 -4.12
N VAL A 59 0.50 -5.69 -4.37
CA VAL A 59 -0.61 -4.77 -4.24
C VAL A 59 -1.00 -4.20 -5.61
N GLU A 60 -2.08 -3.42 -5.63
CA GLU A 60 -2.56 -2.81 -6.86
C GLU A 60 -3.13 -1.42 -6.61
N VAL A 61 -2.88 -0.50 -7.54
CA VAL A 61 -3.37 0.86 -7.42
C VAL A 61 -4.78 1.00 -7.99
N ILE A 62 -5.43 -0.14 -8.23
CA ILE A 62 -6.77 -0.14 -8.77
C ILE A 62 -7.79 0.31 -7.74
N SER A 63 -7.50 0.04 -6.46
CA SER A 63 -8.39 0.41 -5.37
C SER A 63 -9.01 1.78 -5.64
N GLY A 64 -10.21 1.99 -5.10
CA GLY A 64 -10.90 3.26 -5.28
C GLY A 64 -12.32 3.23 -4.74
N PRO A 65 -13.00 4.38 -4.83
CA PRO A 65 -14.38 4.51 -4.34
C PRO A 65 -15.37 3.74 -5.20
N SER A 66 -15.06 3.60 -6.48
CA SER A 66 -15.92 2.89 -7.42
C SER A 66 -15.26 1.59 -7.89
N SER A 67 -14.62 0.88 -6.97
CA SER A 67 -13.95 -0.36 -7.29
C SER A 67 -14.94 -1.41 -7.77
N GLY A 68 -15.96 -1.67 -6.95
CA GLY A 68 -16.96 -2.65 -7.29
C GLY A 68 -18.02 -2.81 -6.22
N GLY A 1 -0.56 23.13 6.24
CA GLY A 1 -1.36 21.99 5.82
C GLY A 1 -1.67 22.02 4.34
N SER A 2 -0.73 21.52 3.53
CA SER A 2 -0.90 21.49 2.09
C SER A 2 -1.92 20.43 1.69
N SER A 3 -1.72 19.21 2.17
CA SER A 3 -2.62 18.11 1.85
C SER A 3 -4.05 18.43 2.29
N GLY A 4 -5.01 17.74 1.69
CA GLY A 4 -6.41 17.97 2.01
C GLY A 4 -7.15 16.68 2.31
N SER A 5 -6.50 15.78 3.05
CA SER A 5 -7.11 14.51 3.40
C SER A 5 -7.35 13.66 2.15
N SER A 6 -6.40 13.69 1.22
CA SER A 6 -6.52 12.94 -0.02
C SER A 6 -5.17 12.30 -0.39
N GLY A 7 -5.23 11.22 -1.17
CA GLY A 7 -4.03 10.55 -1.59
C GLY A 7 -4.30 9.20 -2.22
N PRO A 8 -3.31 8.66 -2.96
CA PRO A 8 -3.45 7.37 -3.63
C PRO A 8 -3.46 6.21 -2.65
N ARG A 9 -4.12 5.12 -3.03
CA ARG A 9 -4.22 3.94 -2.18
C ARG A 9 -3.93 2.67 -2.99
N ALA A 10 -3.77 1.56 -2.29
CA ALA A 10 -3.49 0.27 -2.93
C ALA A 10 -4.28 -0.85 -2.26
N LYS A 11 -4.56 -1.90 -3.04
CA LYS A 11 -5.30 -3.04 -2.53
C LYS A 11 -4.44 -4.30 -2.55
N ALA A 12 -4.45 -5.03 -1.44
CA ALA A 12 -3.67 -6.27 -1.33
C ALA A 12 -4.19 -7.34 -2.28
N LEU A 13 -3.27 -8.06 -2.92
CA LEU A 13 -3.63 -9.11 -3.86
C LEU A 13 -3.29 -10.48 -3.30
N CYS A 14 -2.60 -10.49 -2.16
CA CYS A 14 -2.19 -11.75 -1.53
C CYS A 14 -1.81 -11.52 -0.07
N ASN A 15 -1.62 -12.60 0.67
CA ASN A 15 -1.25 -12.52 2.08
C ASN A 15 0.20 -12.05 2.23
N TYR A 16 0.39 -10.90 2.85
CA TYR A 16 1.72 -10.35 3.05
C TYR A 16 2.06 -10.27 4.54
N ARG A 17 1.21 -10.88 5.36
CA ARG A 17 1.41 -10.89 6.81
C ARG A 17 2.43 -11.95 7.20
N GLY A 18 3.38 -12.20 6.32
CA GLY A 18 4.41 -13.21 6.59
C GLY A 18 5.60 -12.62 7.33
N LYS A 19 6.78 -13.14 7.04
CA LYS A 19 8.00 -12.67 7.67
C LYS A 19 8.96 -12.09 6.64
N ASN A 20 9.14 -10.78 6.67
CA ASN A 20 10.02 -10.09 5.74
C ASN A 20 10.94 -9.12 6.47
N PRO A 21 12.13 -8.88 5.89
CA PRO A 21 13.12 -7.97 6.48
C PRO A 21 12.67 -6.51 6.41
N GLY A 22 12.39 -5.93 7.58
CA GLY A 22 11.95 -4.54 7.63
C GLY A 22 10.92 -4.22 6.57
N ASP A 23 9.86 -5.01 6.51
CA ASP A 23 8.80 -4.81 5.54
C ASP A 23 7.47 -4.53 6.23
N LEU A 24 6.42 -4.33 5.44
CA LEU A 24 5.10 -4.05 5.98
C LEU A 24 4.19 -5.27 5.84
N LYS A 25 3.65 -5.73 6.96
CA LYS A 25 2.76 -6.88 6.97
C LYS A 25 1.32 -6.46 6.71
N PHE A 26 0.72 -7.04 5.68
CA PHE A 26 -0.66 -6.73 5.32
C PHE A 26 -1.39 -7.97 4.82
N ASN A 27 -2.72 -7.94 4.89
CA ASN A 27 -3.54 -9.06 4.45
C ASN A 27 -4.25 -8.73 3.15
N LYS A 28 -4.82 -9.76 2.52
CA LYS A 28 -5.54 -9.58 1.27
C LYS A 28 -6.67 -8.56 1.42
N GLY A 29 -6.90 -7.78 0.37
CA GLY A 29 -7.95 -6.78 0.41
C GLY A 29 -7.53 -5.53 1.14
N ASP A 30 -6.88 -5.71 2.30
CA ASP A 30 -6.42 -4.58 3.10
C ASP A 30 -5.94 -3.44 2.22
N VAL A 31 -6.54 -2.27 2.39
CA VAL A 31 -6.18 -1.10 1.61
C VAL A 31 -5.12 -0.26 2.33
N ILE A 32 -3.90 -0.28 1.79
CA ILE A 32 -2.80 0.48 2.38
C ILE A 32 -2.74 1.90 1.81
N LEU A 33 -2.47 2.86 2.67
CA LEU A 33 -2.39 4.26 2.26
C LEU A 33 -0.95 4.63 1.89
N LEU A 34 -0.73 4.98 0.64
CA LEU A 34 0.59 5.36 0.16
C LEU A 34 1.09 6.61 0.88
N ARG A 35 2.24 6.49 1.55
CA ARG A 35 2.82 7.61 2.28
C ARG A 35 4.09 8.10 1.59
N ARG A 36 4.82 7.18 0.98
CA ARG A 36 6.05 7.52 0.28
C ARG A 36 6.34 6.52 -0.83
N GLN A 37 6.43 7.02 -2.07
CA GLN A 37 6.70 6.17 -3.22
C GLN A 37 8.20 6.13 -3.52
N LEU A 38 8.84 5.02 -3.17
CA LEU A 38 10.27 4.86 -3.41
C LEU A 38 10.55 4.52 -4.86
N ASP A 39 9.63 3.76 -5.47
CA ASP A 39 9.78 3.37 -6.87
C ASP A 39 8.50 2.73 -7.39
N GLU A 40 8.48 2.44 -8.69
CA GLU A 40 7.31 1.81 -9.31
C GLU A 40 7.20 0.35 -8.93
N ASN A 41 8.21 -0.16 -8.23
CA ASN A 41 8.24 -1.56 -7.80
C ASN A 41 7.97 -1.67 -6.31
N TRP A 42 8.34 -0.64 -5.56
CA TRP A 42 8.14 -0.64 -4.11
C TRP A 42 7.31 0.57 -3.69
N TYR A 43 6.55 0.40 -2.61
CA TYR A 43 5.70 1.48 -2.11
C TYR A 43 5.69 1.48 -0.58
N GLN A 44 5.86 2.67 0.00
CA GLN A 44 5.87 2.82 1.45
C GLN A 44 4.55 3.41 1.95
N GLY A 45 3.82 2.65 2.73
CA GLY A 45 2.54 3.12 3.25
C GLY A 45 2.38 2.80 4.73
N GLU A 46 1.16 2.99 5.24
CA GLU A 46 0.87 2.71 6.63
C GLU A 46 -0.54 2.16 6.81
N ILE A 47 -0.65 1.04 7.51
CA ILE A 47 -1.94 0.41 7.74
C ILE A 47 -2.15 0.12 9.22
N ASN A 48 -3.26 0.60 9.76
CA ASN A 48 -3.59 0.39 11.17
C ASN A 48 -2.45 0.89 12.06
N GLY A 49 -1.97 2.09 11.79
CA GLY A 49 -0.88 2.65 12.57
C GLY A 49 0.40 1.84 12.47
N VAL A 50 0.58 1.19 11.33
CA VAL A 50 1.77 0.37 11.11
C VAL A 50 2.52 0.81 9.86
N SER A 51 3.67 1.45 10.05
CA SER A 51 4.47 1.93 8.93
C SER A 51 5.42 0.85 8.45
N GLY A 52 5.52 0.70 7.13
CA GLY A 52 6.40 -0.31 6.55
C GLY A 52 6.55 -0.16 5.05
N ILE A 53 7.17 -1.15 4.42
CA ILE A 53 7.38 -1.13 2.98
C ILE A 53 6.81 -2.37 2.32
N PHE A 54 6.08 -2.18 1.21
CA PHE A 54 5.48 -3.29 0.49
C PHE A 54 5.66 -3.11 -1.02
N PRO A 55 5.69 -4.23 -1.75
CA PRO A 55 5.85 -4.22 -3.21
C PRO A 55 4.61 -3.69 -3.92
N ALA A 56 4.70 -3.58 -5.24
CA ALA A 56 3.58 -3.09 -6.04
C ALA A 56 2.89 -4.22 -6.78
N SER A 57 3.60 -5.34 -6.94
CA SER A 57 3.05 -6.50 -7.63
C SER A 57 2.02 -7.21 -6.76
N SER A 58 2.25 -7.21 -5.45
CA SER A 58 1.35 -7.86 -4.51
C SER A 58 0.10 -7.01 -4.28
N VAL A 59 0.20 -5.73 -4.61
CA VAL A 59 -0.92 -4.81 -4.43
C VAL A 59 -1.30 -4.15 -5.76
N GLU A 60 -2.42 -3.43 -5.76
CA GLU A 60 -2.90 -2.76 -6.95
C GLU A 60 -3.33 -1.33 -6.64
N VAL A 61 -2.85 -0.38 -7.45
CA VAL A 61 -3.18 1.02 -7.26
C VAL A 61 -4.54 1.36 -7.86
N ILE A 62 -5.31 0.32 -8.20
CA ILE A 62 -6.63 0.50 -8.78
C ILE A 62 -7.64 0.96 -7.73
N SER A 63 -7.39 0.57 -6.48
CA SER A 63 -8.28 0.94 -5.38
C SER A 63 -8.05 2.40 -4.97
N GLY A 64 -9.04 3.24 -5.24
CA GLY A 64 -8.94 4.65 -4.90
C GLY A 64 -9.76 5.54 -5.81
N PRO A 65 -9.20 5.88 -6.97
CA PRO A 65 -9.87 6.74 -7.96
C PRO A 65 -11.04 6.03 -8.63
N SER A 66 -12.25 6.34 -8.17
CA SER A 66 -13.46 5.73 -8.73
C SER A 66 -13.45 5.81 -10.26
N SER A 67 -13.16 7.00 -10.78
CA SER A 67 -13.12 7.21 -12.22
C SER A 67 -14.44 6.79 -12.86
N GLY A 68 -15.54 7.12 -12.21
CA GLY A 68 -16.85 6.76 -12.73
C GLY A 68 -17.02 5.27 -12.93
N GLY A 1 -9.59 20.77 0.41
CA GLY A 1 -8.20 20.55 0.00
C GLY A 1 -7.71 19.18 0.40
N SER A 2 -7.18 19.07 1.61
CA SER A 2 -6.66 17.81 2.12
C SER A 2 -7.59 16.65 1.77
N SER A 3 -8.86 16.79 2.14
CA SER A 3 -9.86 15.76 1.85
C SER A 3 -10.43 15.92 0.44
N GLY A 4 -9.88 15.16 -0.50
CA GLY A 4 -10.34 15.23 -1.87
C GLY A 4 -9.76 14.14 -2.73
N SER A 5 -9.19 14.52 -3.88
CA SER A 5 -8.60 13.56 -4.80
C SER A 5 -7.24 13.09 -4.30
N SER A 6 -6.41 14.04 -3.87
CA SER A 6 -5.08 13.73 -3.36
C SER A 6 -5.14 12.64 -2.30
N GLY A 7 -4.26 11.65 -2.43
CA GLY A 7 -4.23 10.56 -1.48
C GLY A 7 -4.51 9.22 -2.13
N PRO A 8 -3.54 8.70 -2.89
CA PRO A 8 -3.66 7.42 -3.59
C PRO A 8 -3.65 6.25 -2.62
N ARG A 9 -4.27 5.14 -3.03
CA ARG A 9 -4.33 3.95 -2.21
C ARG A 9 -4.06 2.70 -3.03
N ALA A 10 -3.86 1.57 -2.35
CA ALA A 10 -3.59 0.31 -3.03
C ALA A 10 -4.28 -0.86 -2.31
N LYS A 11 -4.68 -1.86 -3.07
CA LYS A 11 -5.35 -3.03 -2.51
C LYS A 11 -4.45 -4.27 -2.61
N ALA A 12 -4.28 -4.96 -1.49
CA ALA A 12 -3.45 -6.16 -1.44
C ALA A 12 -4.04 -7.26 -2.32
N LEU A 13 -3.17 -7.90 -3.10
CA LEU A 13 -3.61 -8.98 -4.00
C LEU A 13 -3.53 -10.33 -3.29
N CYS A 14 -2.52 -10.49 -2.44
CA CYS A 14 -2.32 -11.73 -1.71
C CYS A 14 -1.89 -11.45 -0.27
N ASN A 15 -1.94 -12.49 0.57
CA ASN A 15 -1.55 -12.35 1.97
C ASN A 15 -0.07 -11.96 2.09
N TYR A 16 0.19 -10.86 2.77
CA TYR A 16 1.55 -10.38 2.95
C TYR A 16 1.88 -10.20 4.43
N ARG A 17 0.97 -10.68 5.29
CA ARG A 17 1.15 -10.58 6.73
C ARG A 17 2.08 -11.67 7.24
N GLY A 18 3.03 -12.08 6.40
CA GLY A 18 3.96 -13.12 6.78
C GLY A 18 5.13 -12.59 7.59
N LYS A 19 6.31 -13.14 7.36
CA LYS A 19 7.51 -12.72 8.08
C LYS A 19 8.55 -12.18 7.10
N ASN A 20 8.73 -10.86 7.11
CA ASN A 20 9.70 -10.22 6.23
C ASN A 20 10.57 -9.23 7.00
N PRO A 21 11.83 -9.07 6.55
CA PRO A 21 12.78 -8.16 7.18
C PRO A 21 12.41 -6.69 6.97
N GLY A 22 12.26 -5.96 8.07
CA GLY A 22 11.92 -4.56 7.98
C GLY A 22 10.90 -4.28 6.90
N ASP A 23 9.91 -5.17 6.78
CA ASP A 23 8.87 -5.02 5.78
C ASP A 23 7.52 -4.72 6.42
N LEU A 24 6.50 -4.54 5.60
CA LEU A 24 5.16 -4.25 6.10
C LEU A 24 4.25 -5.46 5.97
N LYS A 25 3.68 -5.90 7.08
CA LYS A 25 2.79 -7.05 7.10
C LYS A 25 1.34 -6.61 6.89
N PHE A 26 0.69 -7.17 5.87
CA PHE A 26 -0.69 -6.84 5.57
C PHE A 26 -1.45 -8.07 5.08
N ASN A 27 -2.77 -7.96 5.00
CA ASN A 27 -3.61 -9.06 4.54
C ASN A 27 -4.20 -8.77 3.17
N LYS A 28 -4.48 -9.82 2.42
CA LYS A 28 -5.05 -9.68 1.08
C LYS A 28 -6.35 -8.88 1.12
N GLY A 29 -6.47 -7.89 0.24
CA GLY A 29 -7.66 -7.08 0.21
C GLY A 29 -7.50 -5.76 0.94
N ASP A 30 -6.73 -5.78 2.02
CA ASP A 30 -6.49 -4.58 2.82
C ASP A 30 -6.09 -3.42 1.94
N VAL A 31 -6.42 -2.20 2.36
CA VAL A 31 -6.10 -1.01 1.61
C VAL A 31 -5.06 -0.16 2.35
N ILE A 32 -3.84 -0.14 1.81
CA ILE A 32 -2.76 0.63 2.42
C ILE A 32 -2.68 2.03 1.83
N LEU A 33 -2.46 3.02 2.69
CA LEU A 33 -2.36 4.41 2.25
C LEU A 33 -0.93 4.76 1.89
N LEU A 34 -0.70 5.08 0.61
CA LEU A 34 0.62 5.44 0.14
C LEU A 34 1.16 6.65 0.89
N ARG A 35 2.23 6.44 1.66
CA ARG A 35 2.84 7.52 2.44
C ARG A 35 4.03 8.11 1.68
N ARG A 36 4.74 7.27 0.95
CA ARG A 36 5.90 7.71 0.19
C ARG A 36 6.20 6.75 -0.95
N GLN A 37 6.25 7.27 -2.17
CA GLN A 37 6.54 6.46 -3.35
C GLN A 37 8.03 6.35 -3.59
N LEU A 38 8.64 5.30 -3.06
CA LEU A 38 10.08 5.08 -3.21
C LEU A 38 10.45 4.92 -4.69
N ASP A 39 9.60 4.21 -5.43
CA ASP A 39 9.84 3.99 -6.85
C ASP A 39 8.62 3.35 -7.50
N GLU A 40 8.75 3.00 -8.79
CA GLU A 40 7.66 2.38 -9.53
C GLU A 40 7.69 0.86 -9.38
N ASN A 41 8.32 0.39 -8.30
CA ASN A 41 8.41 -1.04 -8.04
C ASN A 41 7.95 -1.36 -6.62
N TRP A 42 8.15 -0.42 -5.71
CA TRP A 42 7.75 -0.60 -4.31
C TRP A 42 6.89 0.55 -3.84
N TYR A 43 6.27 0.37 -2.68
CA TYR A 43 5.41 1.41 -2.11
C TYR A 43 5.52 1.43 -0.58
N GLN A 44 5.65 2.63 -0.03
CA GLN A 44 5.76 2.79 1.42
C GLN A 44 4.51 3.45 2.00
N GLY A 45 3.76 2.69 2.80
CA GLY A 45 2.56 3.22 3.40
C GLY A 45 2.48 2.93 4.88
N GLU A 46 1.25 2.80 5.39
CA GLU A 46 1.03 2.52 6.80
C GLU A 46 -0.37 1.93 7.04
N ILE A 47 -0.44 0.94 7.91
CA ILE A 47 -1.71 0.30 8.22
C ILE A 47 -1.86 0.07 9.73
N ASN A 48 -3.02 0.43 10.26
CA ASN A 48 -3.29 0.27 11.68
C ASN A 48 -2.14 0.83 12.52
N GLY A 49 -1.72 2.03 12.19
CA GLY A 49 -0.63 2.66 12.92
C GLY A 49 0.68 1.92 12.77
N VAL A 50 0.82 1.21 11.65
CA VAL A 50 2.05 0.45 11.38
C VAL A 50 2.66 0.85 10.04
N SER A 51 3.77 1.59 10.10
CA SER A 51 4.45 2.05 8.90
C SER A 51 5.47 1.02 8.43
N GLY A 52 5.44 0.71 7.13
CA GLY A 52 6.37 -0.26 6.58
C GLY A 52 6.44 -0.19 5.06
N ILE A 53 7.11 -1.16 4.47
CA ILE A 53 7.26 -1.21 3.02
C ILE A 53 6.68 -2.50 2.45
N PHE A 54 6.29 -2.45 1.17
CA PHE A 54 5.71 -3.62 0.51
C PHE A 54 5.86 -3.49 -1.00
N PRO A 55 5.95 -4.66 -1.68
CA PRO A 55 6.09 -4.71 -3.13
C PRO A 55 4.83 -4.29 -3.86
N ALA A 56 4.97 -3.32 -4.76
CA ALA A 56 3.83 -2.81 -5.53
C ALA A 56 3.11 -3.95 -6.23
N SER A 57 3.87 -4.92 -6.74
CA SER A 57 3.29 -6.05 -7.46
C SER A 57 2.26 -6.76 -6.59
N SER A 58 2.55 -6.88 -5.30
CA SER A 58 1.65 -7.54 -4.37
C SER A 58 0.32 -6.80 -4.28
N VAL A 59 0.37 -5.48 -4.47
CA VAL A 59 -0.82 -4.65 -4.43
C VAL A 59 -1.18 -4.10 -5.81
N GLU A 60 -2.30 -3.39 -5.88
CA GLU A 60 -2.74 -2.81 -7.15
C GLU A 60 -3.33 -1.42 -6.93
N VAL A 61 -2.89 -0.46 -7.74
CA VAL A 61 -3.38 0.91 -7.63
C VAL A 61 -4.73 1.06 -8.32
N ILE A 62 -5.37 -0.06 -8.64
CA ILE A 62 -6.67 -0.05 -9.28
C ILE A 62 -7.76 0.38 -8.32
N SER A 63 -7.56 0.11 -7.04
CA SER A 63 -8.54 0.45 -6.02
C SER A 63 -9.23 1.77 -6.36
N GLY A 64 -8.44 2.75 -6.82
CA GLY A 64 -9.00 4.03 -7.17
C GLY A 64 -9.64 4.74 -5.99
N PRO A 65 -10.53 5.70 -6.28
CA PRO A 65 -11.23 6.47 -5.24
C PRO A 65 -12.24 5.63 -4.47
N SER A 66 -12.24 5.75 -3.16
CA SER A 66 -13.16 5.00 -2.31
C SER A 66 -13.98 5.94 -1.43
N SER A 67 -15.30 5.79 -1.49
CA SER A 67 -16.20 6.63 -0.70
C SER A 67 -16.16 6.23 0.77
N GLY A 68 -16.86 6.99 1.60
CA GLY A 68 -16.89 6.70 3.02
C GLY A 68 -17.79 5.53 3.36
N GLY A 1 -8.00 30.45 -0.65
CA GLY A 1 -6.92 29.67 -0.08
C GLY A 1 -7.26 28.19 0.04
N SER A 2 -7.74 27.61 -1.06
CA SER A 2 -8.12 26.20 -1.08
C SER A 2 -6.89 25.32 -1.30
N SER A 3 -6.87 24.18 -0.60
CA SER A 3 -5.75 23.25 -0.71
C SER A 3 -6.01 22.23 -1.83
N GLY A 4 -4.95 21.56 -2.26
CA GLY A 4 -5.08 20.57 -3.31
C GLY A 4 -4.00 19.49 -3.24
N SER A 5 -4.42 18.27 -2.95
CA SER A 5 -3.49 17.15 -2.84
C SER A 5 -4.19 15.83 -3.11
N SER A 6 -3.67 15.08 -4.08
CA SER A 6 -4.25 13.79 -4.44
C SER A 6 -4.14 12.79 -3.30
N GLY A 7 -4.74 11.63 -3.46
CA GLY A 7 -4.71 10.61 -2.43
C GLY A 7 -4.84 9.20 -2.99
N PRO A 8 -3.73 8.68 -3.53
CA PRO A 8 -3.70 7.34 -4.11
C PRO A 8 -3.82 6.24 -3.06
N ARG A 9 -4.35 5.09 -3.47
CA ARG A 9 -4.52 3.96 -2.56
C ARG A 9 -4.20 2.65 -3.26
N ALA A 10 -3.91 1.62 -2.47
CA ALA A 10 -3.58 0.31 -3.01
C ALA A 10 -4.37 -0.79 -2.30
N LYS A 11 -4.59 -1.89 -3.00
CA LYS A 11 -5.33 -3.02 -2.44
C LYS A 11 -4.49 -4.30 -2.46
N ALA A 12 -4.44 -4.98 -1.33
CA ALA A 12 -3.68 -6.22 -1.22
C ALA A 12 -4.28 -7.31 -2.09
N LEU A 13 -3.42 -8.03 -2.80
CA LEU A 13 -3.87 -9.10 -3.69
C LEU A 13 -3.92 -10.43 -2.93
N CYS A 14 -2.96 -10.65 -2.04
CA CYS A 14 -2.90 -11.87 -1.25
C CYS A 14 -2.38 -11.59 0.14
N ASN A 15 -2.29 -12.64 0.96
CA ASN A 15 -1.81 -12.51 2.33
C ASN A 15 -0.32 -12.18 2.35
N TYR A 16 0.00 -10.97 2.78
CA TYR A 16 1.39 -10.53 2.85
C TYR A 16 1.80 -10.22 4.29
N ARG A 17 0.92 -10.55 5.23
CA ARG A 17 1.18 -10.30 6.65
C ARG A 17 2.07 -11.39 7.23
N GLY A 18 2.69 -12.18 6.35
CA GLY A 18 3.57 -13.24 6.79
C GLY A 18 4.78 -12.73 7.54
N LYS A 19 5.93 -13.36 7.32
CA LYS A 19 7.17 -12.96 7.98
C LYS A 19 8.21 -12.51 6.96
N ASN A 20 8.47 -11.21 6.93
CA ASN A 20 9.46 -10.66 5.99
C ASN A 20 10.39 -9.69 6.71
N PRO A 21 11.60 -9.51 6.15
CA PRO A 21 12.61 -8.61 6.71
C PRO A 21 12.22 -7.14 6.57
N GLY A 22 11.97 -6.49 7.70
CA GLY A 22 11.59 -5.09 7.68
C GLY A 22 10.60 -4.77 6.58
N ASP A 23 9.44 -5.42 6.63
CA ASP A 23 8.39 -5.20 5.63
C ASP A 23 7.08 -4.83 6.30
N LEU A 24 6.05 -4.59 5.48
CA LEU A 24 4.74 -4.23 5.98
C LEU A 24 3.77 -5.39 5.87
N LYS A 25 3.16 -5.77 6.98
CA LYS A 25 2.19 -6.86 7.00
C LYS A 25 0.79 -6.37 6.67
N PHE A 26 0.19 -6.96 5.64
CA PHE A 26 -1.14 -6.59 5.21
C PHE A 26 -1.94 -7.81 4.75
N ASN A 27 -3.23 -7.83 5.09
CA ASN A 27 -4.10 -8.94 4.72
C ASN A 27 -4.82 -8.65 3.41
N LYS A 28 -4.84 -9.63 2.51
CA LYS A 28 -5.50 -9.49 1.23
C LYS A 28 -6.76 -8.62 1.35
N GLY A 29 -6.94 -7.71 0.40
CA GLY A 29 -8.10 -6.84 0.43
C GLY A 29 -7.83 -5.52 1.12
N ASP A 30 -7.13 -5.59 2.26
CA ASP A 30 -6.81 -4.38 3.02
C ASP A 30 -6.27 -3.29 2.11
N VAL A 31 -6.53 -2.03 2.48
CA VAL A 31 -6.07 -0.90 1.69
C VAL A 31 -4.99 -0.13 2.43
N ILE A 32 -3.86 0.08 1.77
CA ILE A 32 -2.74 0.81 2.36
C ILE A 32 -2.60 2.19 1.74
N LEU A 33 -2.59 3.22 2.59
CA LEU A 33 -2.46 4.59 2.12
C LEU A 33 -1.02 4.91 1.76
N LEU A 34 -0.78 5.19 0.48
CA LEU A 34 0.56 5.51 0.00
C LEU A 34 1.14 6.70 0.76
N ARG A 35 2.16 6.46 1.57
CA ARG A 35 2.79 7.51 2.36
C ARG A 35 4.02 8.05 1.63
N ARG A 36 4.84 7.14 1.11
CA ARG A 36 6.06 7.52 0.41
C ARG A 36 6.37 6.52 -0.72
N GLN A 37 6.22 6.97 -1.96
CA GLN A 37 6.48 6.12 -3.11
C GLN A 37 7.97 6.08 -3.43
N LEU A 38 8.68 5.12 -2.85
CA LEU A 38 10.12 4.97 -3.07
C LEU A 38 10.43 4.86 -4.55
N ASP A 39 9.60 4.09 -5.26
CA ASP A 39 9.79 3.89 -6.70
C ASP A 39 8.58 3.20 -7.31
N GLU A 40 8.68 2.90 -8.60
CA GLU A 40 7.58 2.23 -9.31
C GLU A 40 7.60 0.73 -9.05
N ASN A 41 8.40 0.32 -8.07
CA ASN A 41 8.51 -1.10 -7.72
C ASN A 41 7.97 -1.35 -6.31
N TRP A 42 8.33 -0.47 -5.38
CA TRP A 42 7.89 -0.60 -4.00
C TRP A 42 7.06 0.60 -3.59
N TYR A 43 6.32 0.46 -2.48
CA TYR A 43 5.49 1.55 -1.98
C TYR A 43 5.37 1.48 -0.46
N GLN A 44 5.71 2.59 0.20
CA GLN A 44 5.64 2.66 1.66
C GLN A 44 4.35 3.32 2.11
N GLY A 45 3.80 2.82 3.21
CA GLY A 45 2.55 3.37 3.74
C GLY A 45 2.39 3.11 5.22
N GLU A 46 1.14 3.05 5.67
CA GLU A 46 0.84 2.81 7.08
C GLU A 46 -0.52 2.14 7.24
N ILE A 47 -0.54 0.98 7.89
CA ILE A 47 -1.77 0.25 8.11
C ILE A 47 -2.01 0.01 9.60
N ASN A 48 -3.15 0.47 10.10
CA ASN A 48 -3.49 0.30 11.51
C ASN A 48 -2.34 0.75 12.41
N GLY A 49 -1.72 1.87 12.05
CA GLY A 49 -0.62 2.39 12.83
C GLY A 49 0.65 1.59 12.65
N VAL A 50 0.80 0.97 11.48
CA VAL A 50 1.97 0.16 11.17
C VAL A 50 2.64 0.63 9.89
N SER A 51 3.82 1.23 10.02
CA SER A 51 4.56 1.72 8.87
C SER A 51 5.47 0.64 8.30
N GLY A 52 5.47 0.53 6.97
CA GLY A 52 6.30 -0.48 6.32
C GLY A 52 6.32 -0.32 4.81
N ILE A 53 7.07 -1.18 4.14
CA ILE A 53 7.18 -1.12 2.69
C ILE A 53 6.69 -2.42 2.05
N PHE A 54 6.28 -2.35 0.79
CA PHE A 54 5.79 -3.51 0.07
C PHE A 54 5.96 -3.33 -1.43
N PRO A 55 6.05 -4.45 -2.17
CA PRO A 55 6.21 -4.44 -3.62
C PRO A 55 4.95 -3.97 -4.33
N ALA A 56 4.94 -4.09 -5.66
CA ALA A 56 3.79 -3.69 -6.45
C ALA A 56 3.06 -4.90 -7.04
N SER A 57 3.73 -6.05 -7.01
CA SER A 57 3.15 -7.29 -7.53
C SER A 57 2.19 -7.90 -6.51
N SER A 58 2.40 -7.59 -5.24
CA SER A 58 1.55 -8.12 -4.18
C SER A 58 0.30 -7.26 -4.01
N VAL A 59 0.41 -5.99 -4.37
CA VAL A 59 -0.72 -5.07 -4.25
C VAL A 59 -1.04 -4.44 -5.60
N GLU A 60 -2.12 -3.65 -5.63
CA GLU A 60 -2.53 -2.99 -6.87
C GLU A 60 -3.01 -1.56 -6.57
N VAL A 61 -2.65 -0.63 -7.46
CA VAL A 61 -3.04 0.76 -7.31
C VAL A 61 -4.47 0.99 -7.77
N ILE A 62 -5.21 -0.11 -7.96
CA ILE A 62 -6.59 -0.02 -8.40
C ILE A 62 -7.50 0.52 -7.31
N SER A 63 -7.09 0.32 -6.06
CA SER A 63 -7.86 0.78 -4.91
C SER A 63 -8.30 2.23 -5.11
N GLY A 64 -9.57 2.42 -5.44
CA GLY A 64 -10.10 3.76 -5.65
C GLY A 64 -11.45 3.75 -6.33
N PRO A 65 -12.14 4.90 -6.30
CA PRO A 65 -13.46 5.04 -6.92
C PRO A 65 -13.40 5.01 -8.44
N SER A 66 -12.19 4.88 -8.97
CA SER A 66 -11.99 4.84 -10.42
C SER A 66 -12.34 3.45 -10.97
N SER A 67 -12.71 3.42 -12.26
CA SER A 67 -13.07 2.16 -12.90
C SER A 67 -12.24 1.95 -14.17
N GLY A 68 -11.41 0.92 -14.17
CA GLY A 68 -10.58 0.62 -15.32
C GLY A 68 -9.22 0.10 -14.93
N GLY A 1 1.03 16.26 -19.96
CA GLY A 1 0.99 15.68 -18.63
C GLY A 1 0.87 16.72 -17.54
N SER A 2 -0.17 16.61 -16.74
CA SER A 2 -0.40 17.56 -15.65
C SER A 2 -0.91 16.85 -14.40
N SER A 3 -0.14 16.95 -13.32
CA SER A 3 -0.51 16.31 -12.06
C SER A 3 -0.33 17.28 -10.88
N GLY A 4 -1.10 17.05 -9.82
CA GLY A 4 -1.02 17.91 -8.66
C GLY A 4 -0.74 17.13 -7.38
N SER A 5 -1.64 17.22 -6.42
CA SER A 5 -1.48 16.53 -5.15
C SER A 5 -2.70 15.66 -4.84
N SER A 6 -2.55 14.35 -5.06
CA SER A 6 -3.64 13.41 -4.81
C SER A 6 -3.22 12.37 -3.80
N GLY A 7 -4.20 11.64 -3.26
CA GLY A 7 -3.92 10.62 -2.27
C GLY A 7 -4.20 9.22 -2.80
N PRO A 8 -3.21 8.65 -3.50
CA PRO A 8 -3.33 7.30 -4.07
C PRO A 8 -3.34 6.21 -3.01
N ARG A 9 -3.83 5.03 -3.36
CA ARG A 9 -3.88 3.91 -2.44
C ARG A 9 -3.58 2.60 -3.15
N ALA A 10 -3.56 1.51 -2.39
CA ALA A 10 -3.28 0.19 -2.95
C ALA A 10 -4.09 -0.89 -2.24
N LYS A 11 -4.50 -1.91 -2.99
CA LYS A 11 -5.28 -3.01 -2.43
C LYS A 11 -4.48 -4.31 -2.47
N ALA A 12 -4.52 -5.06 -1.39
CA ALA A 12 -3.81 -6.33 -1.31
C ALA A 12 -4.46 -7.38 -2.21
N LEU A 13 -3.64 -8.28 -2.74
CA LEU A 13 -4.13 -9.33 -3.63
C LEU A 13 -4.13 -10.68 -2.92
N CYS A 14 -3.25 -10.82 -1.94
CA CYS A 14 -3.15 -12.06 -1.17
C CYS A 14 -2.42 -11.84 0.14
N ASN A 15 -2.43 -12.86 1.00
CA ASN A 15 -1.77 -12.77 2.30
C ASN A 15 -0.33 -12.31 2.15
N TYR A 16 0.05 -11.29 2.90
CA TYR A 16 1.40 -10.74 2.85
C TYR A 16 2.05 -10.75 4.23
N ARG A 17 1.38 -11.40 5.18
CA ARG A 17 1.88 -11.48 6.55
C ARG A 17 2.93 -12.57 6.68
N GLY A 18 3.67 -12.80 5.61
CA GLY A 18 4.70 -13.83 5.61
C GLY A 18 6.00 -13.34 6.24
N LYS A 19 7.12 -13.73 5.64
CA LYS A 19 8.44 -13.33 6.15
C LYS A 19 9.18 -12.51 5.10
N ASN A 20 9.29 -11.21 5.33
CA ASN A 20 9.99 -10.32 4.41
C ASN A 20 10.94 -9.39 5.17
N PRO A 21 11.96 -8.89 4.46
CA PRO A 21 12.96 -7.98 5.04
C PRO A 21 12.37 -6.61 5.35
N GLY A 22 12.15 -6.36 6.63
CA GLY A 22 11.60 -5.08 7.05
C GLY A 22 10.45 -4.62 6.16
N ASP A 23 9.57 -5.55 5.82
CA ASP A 23 8.43 -5.24 4.96
C ASP A 23 7.18 -5.00 5.80
N LEU A 24 6.07 -4.67 5.13
CA LEU A 24 4.81 -4.42 5.81
C LEU A 24 3.85 -5.59 5.62
N LYS A 25 3.39 -6.16 6.72
CA LYS A 25 2.45 -7.28 6.68
C LYS A 25 1.02 -6.78 6.53
N PHE A 26 0.34 -7.25 5.48
CA PHE A 26 -1.04 -6.85 5.22
C PHE A 26 -1.84 -8.02 4.67
N ASN A 27 -3.15 -7.97 4.85
CA ASN A 27 -4.04 -9.03 4.36
C ASN A 27 -4.68 -8.64 3.03
N LYS A 28 -5.21 -9.63 2.33
CA LYS A 28 -5.85 -9.39 1.04
C LYS A 28 -7.06 -8.47 1.19
N GLY A 29 -7.17 -7.51 0.28
CA GLY A 29 -8.29 -6.58 0.33
C GLY A 29 -7.94 -5.28 1.02
N ASP A 30 -7.28 -5.38 2.18
CA ASP A 30 -6.89 -4.21 2.94
C ASP A 30 -6.32 -3.12 2.02
N VAL A 31 -6.82 -1.90 2.18
CA VAL A 31 -6.36 -0.78 1.36
C VAL A 31 -5.34 0.08 2.11
N ILE A 32 -4.08 -0.07 1.74
CA ILE A 32 -3.00 0.68 2.38
C ILE A 32 -2.86 2.07 1.75
N LEU A 33 -2.56 3.07 2.58
CA LEU A 33 -2.40 4.43 2.12
C LEU A 33 -0.95 4.71 1.75
N LEU A 34 -0.73 5.12 0.50
CA LEU A 34 0.61 5.41 0.02
C LEU A 34 1.14 6.70 0.66
N ARG A 35 2.04 6.55 1.62
CA ARG A 35 2.62 7.70 2.31
C ARG A 35 3.79 8.28 1.50
N ARG A 36 4.64 7.40 1.00
CA ARG A 36 5.80 7.83 0.22
C ARG A 36 6.20 6.75 -0.78
N GLN A 37 6.62 7.18 -1.97
CA GLN A 37 7.03 6.26 -3.02
C GLN A 37 8.55 6.09 -3.04
N LEU A 38 9.01 4.87 -2.82
CA LEU A 38 10.45 4.59 -2.82
C LEU A 38 10.93 4.17 -4.20
N ASP A 39 10.13 3.34 -4.88
CA ASP A 39 10.48 2.88 -6.21
C ASP A 39 9.21 2.66 -7.05
N GLU A 40 9.41 2.23 -8.30
CA GLU A 40 8.28 1.98 -9.19
C GLU A 40 7.62 0.65 -8.88
N ASN A 41 8.30 -0.18 -8.09
CA ASN A 41 7.78 -1.50 -7.72
C ASN A 41 7.51 -1.56 -6.22
N TRP A 42 8.18 -0.68 -5.46
CA TRP A 42 8.02 -0.64 -4.01
C TRP A 42 7.29 0.63 -3.58
N TYR A 43 6.58 0.54 -2.46
CA TYR A 43 5.83 1.69 -1.94
C TYR A 43 5.83 1.68 -0.41
N GLN A 44 5.92 2.87 0.17
CA GLN A 44 5.91 3.01 1.62
C GLN A 44 4.58 3.53 2.12
N GLY A 45 3.91 2.74 2.96
CA GLY A 45 2.62 3.14 3.50
C GLY A 45 2.48 2.78 4.96
N GLU A 46 1.24 2.87 5.46
CA GLU A 46 0.97 2.55 6.86
C GLU A 46 -0.43 2.00 7.03
N ILE A 47 -0.56 0.93 7.81
CA ILE A 47 -1.85 0.30 8.05
C ILE A 47 -2.01 -0.09 9.52
N ASN A 48 -3.06 0.42 10.14
CA ASN A 48 -3.33 0.13 11.55
C ASN A 48 -2.14 0.52 12.42
N GLY A 49 -1.65 1.74 12.23
CA GLY A 49 -0.52 2.21 13.01
C GLY A 49 0.72 1.38 12.79
N VAL A 50 0.87 0.83 11.59
CA VAL A 50 2.02 0.01 11.25
C VAL A 50 2.77 0.56 10.04
N SER A 51 4.01 1.00 10.27
CA SER A 51 4.82 1.55 9.20
C SER A 51 5.67 0.47 8.55
N GLY A 52 5.66 0.42 7.22
CA GLY A 52 6.42 -0.56 6.49
C GLY A 52 6.46 -0.30 5.00
N ILE A 53 7.08 -1.20 4.25
CA ILE A 53 7.19 -1.06 2.80
C ILE A 53 6.72 -2.33 2.10
N PHE A 54 6.02 -2.16 0.99
CA PHE A 54 5.51 -3.30 0.22
C PHE A 54 5.69 -3.06 -1.28
N PRO A 55 5.78 -4.15 -2.05
CA PRO A 55 5.95 -4.09 -3.50
C PRO A 55 4.70 -3.57 -4.21
N ALA A 56 4.66 -3.75 -5.52
CA ALA A 56 3.52 -3.29 -6.32
C ALA A 56 2.75 -4.48 -6.90
N SER A 57 3.41 -5.63 -6.96
CA SER A 57 2.80 -6.83 -7.51
C SER A 57 1.82 -7.44 -6.52
N SER A 58 2.24 -7.51 -5.25
CA SER A 58 1.41 -8.07 -4.20
C SER A 58 0.10 -7.29 -4.06
N VAL A 59 0.17 -5.98 -4.30
CA VAL A 59 -1.00 -5.12 -4.20
C VAL A 59 -1.37 -4.54 -5.56
N GLU A 60 -2.50 -3.84 -5.62
CA GLU A 60 -2.96 -3.23 -6.86
C GLU A 60 -3.33 -1.76 -6.64
N VAL A 61 -2.95 -0.93 -7.60
CA VAL A 61 -3.23 0.50 -7.52
C VAL A 61 -4.58 0.83 -8.16
N ILE A 62 -5.38 -0.20 -8.41
CA ILE A 62 -6.69 -0.01 -9.01
C ILE A 62 -7.66 0.64 -8.03
N SER A 63 -7.58 0.24 -6.77
CA SER A 63 -8.45 0.79 -5.74
C SER A 63 -7.88 2.09 -5.18
N GLY A 64 -8.42 3.22 -5.62
CA GLY A 64 -7.97 4.51 -5.17
C GLY A 64 -9.09 5.50 -4.98
N PRO A 65 -8.77 6.80 -5.08
CA PRO A 65 -9.75 7.88 -4.93
C PRO A 65 -10.73 7.94 -6.10
N SER A 66 -10.55 7.03 -7.06
CA SER A 66 -11.42 6.99 -8.23
C SER A 66 -12.70 6.22 -7.93
N SER A 67 -13.55 6.07 -8.94
CA SER A 67 -14.81 5.37 -8.78
C SER A 67 -14.65 3.88 -9.07
N GLY A 68 -13.56 3.30 -8.57
CA GLY A 68 -13.31 1.89 -8.79
C GLY A 68 -13.20 1.54 -10.25
N GLY A 1 1.21 22.98 -2.23
CA GLY A 1 -0.04 23.55 -2.72
C GLY A 1 -1.21 22.61 -2.54
N SER A 2 -1.94 22.37 -3.62
CA SER A 2 -3.10 21.48 -3.59
C SER A 2 -2.71 20.11 -3.04
N SER A 3 -3.33 19.74 -1.92
CA SER A 3 -3.05 18.45 -1.29
C SER A 3 -4.35 17.70 -1.01
N GLY A 4 -4.58 16.64 -1.77
CA GLY A 4 -5.79 15.85 -1.58
C GLY A 4 -6.05 15.51 -0.13
N SER A 5 -7.25 15.03 0.16
CA SER A 5 -7.62 14.68 1.53
C SER A 5 -6.91 13.40 1.97
N SER A 6 -6.97 12.37 1.12
CA SER A 6 -6.34 11.10 1.42
C SER A 6 -5.26 10.77 0.40
N GLY A 7 -5.61 10.92 -0.88
CA GLY A 7 -4.65 10.64 -1.94
C GLY A 7 -4.86 9.26 -2.55
N PRO A 8 -3.79 8.72 -3.17
CA PRO A 8 -3.84 7.41 -3.81
C PRO A 8 -3.94 6.27 -2.79
N ARG A 9 -4.45 5.13 -3.24
CA ARG A 9 -4.60 3.97 -2.37
C ARG A 9 -4.35 2.67 -3.13
N ALA A 10 -3.92 1.64 -2.42
CA ALA A 10 -3.65 0.35 -3.04
C ALA A 10 -4.42 -0.76 -2.34
N LYS A 11 -4.68 -1.85 -3.07
CA LYS A 11 -5.42 -2.99 -2.52
C LYS A 11 -4.55 -4.24 -2.53
N ALA A 12 -4.55 -4.96 -1.40
CA ALA A 12 -3.78 -6.19 -1.29
C ALA A 12 -4.43 -7.33 -2.08
N LEU A 13 -3.60 -8.11 -2.76
CA LEU A 13 -4.09 -9.23 -3.56
C LEU A 13 -3.99 -10.54 -2.77
N CYS A 14 -2.96 -10.64 -1.92
CA CYS A 14 -2.76 -11.84 -1.12
C CYS A 14 -2.36 -11.47 0.30
N ASN A 15 -2.24 -12.48 1.16
CA ASN A 15 -1.87 -12.26 2.55
C ASN A 15 -0.39 -11.91 2.68
N TYR A 16 -0.11 -10.64 2.96
CA TYR A 16 1.26 -10.17 3.10
C TYR A 16 1.60 -9.94 4.56
N ARG A 17 0.72 -10.36 5.45
CA ARG A 17 0.92 -10.19 6.88
C ARG A 17 1.83 -11.28 7.43
N GLY A 18 2.76 -11.75 6.60
CA GLY A 18 3.66 -12.81 7.02
C GLY A 18 4.91 -12.25 7.68
N LYS A 19 6.03 -12.96 7.53
CA LYS A 19 7.29 -12.54 8.12
C LYS A 19 8.28 -12.10 7.03
N ASN A 20 8.52 -10.80 6.94
CA ASN A 20 9.43 -10.26 5.94
C ASN A 20 10.39 -9.26 6.58
N PRO A 21 11.61 -9.17 6.03
CA PRO A 21 12.64 -8.26 6.53
C PRO A 21 12.31 -6.79 6.24
N GLY A 22 12.18 -6.01 7.31
CA GLY A 22 11.86 -4.60 7.16
C GLY A 22 10.80 -4.36 6.12
N ASP A 23 9.69 -5.08 6.22
CA ASP A 23 8.58 -4.95 5.28
C ASP A 23 7.29 -4.59 6.01
N LEU A 24 6.22 -4.41 5.25
CA LEU A 24 4.92 -4.06 5.82
C LEU A 24 3.99 -5.26 5.79
N LYS A 25 3.48 -5.65 6.96
CA LYS A 25 2.56 -6.77 7.06
C LYS A 25 1.12 -6.32 6.86
N PHE A 26 0.44 -6.92 5.90
CA PHE A 26 -0.95 -6.59 5.61
C PHE A 26 -1.74 -7.83 5.20
N ASN A 27 -3.06 -7.70 5.17
CA ASN A 27 -3.93 -8.80 4.81
C ASN A 27 -4.49 -8.62 3.40
N LYS A 28 -5.08 -9.67 2.86
CA LYS A 28 -5.65 -9.63 1.52
C LYS A 28 -6.89 -8.74 1.49
N GLY A 29 -6.91 -7.77 0.58
CA GLY A 29 -8.04 -6.87 0.46
C GLY A 29 -7.81 -5.56 1.19
N ASP A 30 -7.10 -5.63 2.31
CA ASP A 30 -6.81 -4.44 3.10
C ASP A 30 -6.20 -3.34 2.24
N VAL A 31 -6.80 -2.15 2.29
CA VAL A 31 -6.32 -1.01 1.51
C VAL A 31 -5.27 -0.22 2.28
N ILE A 32 -4.10 -0.06 1.67
CA ILE A 32 -3.01 0.68 2.30
C ILE A 32 -2.87 2.07 1.69
N LEU A 33 -2.54 3.05 2.53
CA LEU A 33 -2.38 4.43 2.09
C LEU A 33 -0.93 4.71 1.72
N LEU A 34 -0.71 5.22 0.51
CA LEU A 34 0.63 5.54 0.03
C LEU A 34 1.20 6.75 0.77
N ARG A 35 2.18 6.50 1.64
CA ARG A 35 2.81 7.57 2.40
C ARG A 35 3.95 8.21 1.62
N ARG A 36 4.74 7.37 0.94
CA ARG A 36 5.87 7.86 0.16
C ARG A 36 6.33 6.80 -0.84
N GLN A 37 6.11 7.07 -2.12
CA GLN A 37 6.50 6.14 -3.17
C GLN A 37 8.02 6.16 -3.38
N LEU A 38 8.66 5.05 -3.06
CA LEU A 38 10.11 4.93 -3.21
C LEU A 38 10.47 4.53 -4.64
N ASP A 39 9.65 3.68 -5.23
CA ASP A 39 9.89 3.21 -6.60
C ASP A 39 8.60 2.66 -7.20
N GLU A 40 8.68 2.25 -8.48
CA GLU A 40 7.53 1.71 -9.17
C GLU A 40 7.28 0.26 -8.77
N ASN A 41 8.23 -0.32 -8.04
CA ASN A 41 8.11 -1.70 -7.59
C ASN A 41 7.83 -1.76 -6.09
N TRP A 42 8.30 -0.75 -5.37
CA TRP A 42 8.09 -0.68 -3.92
C TRP A 42 7.20 0.50 -3.56
N TYR A 43 6.54 0.41 -2.40
CA TYR A 43 5.66 1.47 -1.93
C TYR A 43 5.67 1.55 -0.41
N GLN A 44 5.81 2.77 0.11
CA GLN A 44 5.84 2.98 1.55
C GLN A 44 4.48 3.49 2.04
N GLY A 45 3.79 2.66 2.82
CA GLY A 45 2.49 3.05 3.35
C GLY A 45 2.35 2.75 4.82
N GLU A 46 1.13 2.85 5.33
CA GLU A 46 0.87 2.59 6.74
C GLU A 46 -0.53 1.99 6.93
N ILE A 47 -0.61 0.97 7.78
CA ILE A 47 -1.88 0.32 8.05
C ILE A 47 -2.02 -0.02 9.54
N ASN A 48 -3.10 0.47 10.14
CA ASN A 48 -3.35 0.22 11.56
C ASN A 48 -2.14 0.62 12.41
N GLY A 49 -1.59 1.79 12.13
CA GLY A 49 -0.44 2.26 12.88
C GLY A 49 0.79 1.41 12.63
N VAL A 50 0.90 0.86 11.43
CA VAL A 50 2.03 0.01 11.08
C VAL A 50 2.79 0.59 9.88
N SER A 51 4.00 1.06 10.13
CA SER A 51 4.83 1.64 9.07
C SER A 51 5.72 0.58 8.44
N GLY A 52 5.67 0.48 7.11
CA GLY A 52 6.49 -0.50 6.41
C GLY A 52 6.48 -0.29 4.91
N ILE A 53 7.13 -1.19 4.19
CA ILE A 53 7.20 -1.09 2.73
C ILE A 53 6.76 -2.40 2.07
N PHE A 54 6.09 -2.28 0.93
CA PHE A 54 5.62 -3.44 0.21
C PHE A 54 5.94 -3.32 -1.28
N PRO A 55 5.98 -4.47 -1.97
CA PRO A 55 6.26 -4.52 -3.42
C PRO A 55 5.14 -3.93 -4.26
N ALA A 56 5.22 -4.15 -5.57
CA ALA A 56 4.20 -3.64 -6.48
C ALA A 56 3.38 -4.78 -7.08
N SER A 57 3.58 -5.99 -6.56
CA SER A 57 2.86 -7.15 -7.05
C SER A 57 1.86 -7.64 -6.01
N SER A 58 2.19 -7.45 -4.74
CA SER A 58 1.31 -7.88 -3.65
C SER A 58 0.10 -6.96 -3.54
N VAL A 59 0.29 -5.71 -3.94
CA VAL A 59 -0.78 -4.72 -3.88
C VAL A 59 -0.93 -3.99 -5.21
N GLU A 60 -2.18 -3.64 -5.55
CA GLU A 60 -2.45 -2.94 -6.79
C GLU A 60 -2.82 -1.49 -6.53
N VAL A 61 -2.41 -0.60 -7.43
CA VAL A 61 -2.70 0.82 -7.30
C VAL A 61 -4.00 1.19 -7.99
N ILE A 62 -4.74 0.17 -8.43
CA ILE A 62 -6.01 0.38 -9.11
C ILE A 62 -7.10 0.83 -8.13
N SER A 63 -6.91 0.49 -6.86
CA SER A 63 -7.87 0.85 -5.82
C SER A 63 -8.22 2.33 -5.90
N GLY A 64 -9.41 2.68 -5.41
CA GLY A 64 -9.85 4.06 -5.43
C GLY A 64 -11.35 4.20 -5.62
N PRO A 65 -11.82 5.43 -5.74
CA PRO A 65 -13.25 5.73 -5.92
C PRO A 65 -13.76 5.29 -7.29
N SER A 66 -12.88 5.34 -8.29
CA SER A 66 -13.25 4.94 -9.64
C SER A 66 -12.78 3.52 -9.95
N SER A 67 -13.17 3.02 -11.11
CA SER A 67 -12.79 1.67 -11.52
C SER A 67 -11.88 1.70 -12.75
N GLY A 68 -10.80 0.93 -12.69
CA GLY A 68 -9.86 0.89 -13.79
C GLY A 68 -10.51 0.39 -15.08
N GLY A 1 -0.21 23.83 2.74
CA GLY A 1 -0.52 22.44 2.48
C GLY A 1 -1.97 22.24 2.09
N SER A 2 -2.20 21.49 1.02
CA SER A 2 -3.55 21.23 0.53
C SER A 2 -4.26 20.22 1.43
N SER A 3 -5.37 20.65 2.02
CA SER A 3 -6.15 19.79 2.91
C SER A 3 -7.05 18.86 2.12
N GLY A 4 -7.68 19.40 1.07
CA GLY A 4 -8.56 18.59 0.25
C GLY A 4 -7.85 18.01 -0.95
N SER A 5 -6.88 17.14 -0.70
CA SER A 5 -6.11 16.51 -1.77
C SER A 5 -6.24 14.99 -1.69
N SER A 6 -6.97 14.42 -2.64
CA SER A 6 -7.18 12.97 -2.69
C SER A 6 -5.89 12.26 -3.08
N GLY A 7 -5.40 11.39 -2.20
CA GLY A 7 -4.19 10.66 -2.47
C GLY A 7 -4.46 9.26 -2.99
N PRO A 8 -3.44 8.65 -3.63
CA PRO A 8 -3.56 7.31 -4.19
C PRO A 8 -3.64 6.24 -3.11
N ARG A 9 -4.22 5.09 -3.47
CA ARG A 9 -4.35 3.98 -2.54
C ARG A 9 -3.96 2.66 -3.19
N ALA A 10 -3.73 1.64 -2.37
CA ALA A 10 -3.35 0.33 -2.87
C ALA A 10 -4.19 -0.77 -2.22
N LYS A 11 -4.60 -1.75 -3.01
CA LYS A 11 -5.39 -2.86 -2.51
C LYS A 11 -4.59 -4.16 -2.51
N ALA A 12 -4.59 -4.84 -1.37
CA ALA A 12 -3.87 -6.10 -1.23
C ALA A 12 -4.39 -7.15 -2.21
N LEU A 13 -3.49 -7.96 -2.74
CA LEU A 13 -3.86 -9.01 -3.69
C LEU A 13 -3.61 -10.39 -3.10
N CYS A 14 -2.68 -10.48 -2.16
CA CYS A 14 -2.36 -11.75 -1.52
C CYS A 14 -1.83 -11.52 -0.10
N ASN A 15 -1.97 -12.53 0.75
CA ASN A 15 -1.50 -12.44 2.12
C ASN A 15 -0.03 -12.06 2.18
N TYR A 16 0.24 -10.85 2.68
CA TYR A 16 1.62 -10.36 2.78
C TYR A 16 2.00 -10.12 4.23
N ARG A 17 1.13 -10.55 5.15
CA ARG A 17 1.38 -10.38 6.58
C ARG A 17 2.31 -11.46 7.10
N GLY A 18 2.97 -12.17 6.18
CA GLY A 18 3.87 -13.23 6.56
C GLY A 18 5.10 -12.71 7.28
N LYS A 19 6.27 -13.25 6.94
CA LYS A 19 7.52 -12.83 7.56
C LYS A 19 8.47 -12.24 6.53
N ASN A 20 8.62 -10.93 6.55
CA ASN A 20 9.51 -10.24 5.61
C ASN A 20 10.46 -9.29 6.35
N PRO A 21 11.64 -9.07 5.77
CA PRO A 21 12.66 -8.18 6.35
C PRO A 21 12.24 -6.72 6.29
N GLY A 22 11.92 -6.15 7.45
CA GLY A 22 11.51 -4.76 7.50
C GLY A 22 10.47 -4.42 6.46
N ASP A 23 9.38 -5.19 6.43
CA ASP A 23 8.31 -4.97 5.47
C ASP A 23 7.00 -4.68 6.18
N LEU A 24 5.94 -4.48 5.41
CA LEU A 24 4.61 -4.20 5.97
C LEU A 24 3.70 -5.41 5.85
N LYS A 25 3.08 -5.79 6.96
CA LYS A 25 2.17 -6.92 6.98
C LYS A 25 0.73 -6.48 6.74
N PHE A 26 0.10 -7.05 5.73
CA PHE A 26 -1.28 -6.72 5.41
C PHE A 26 -2.05 -7.96 4.94
N ASN A 27 -3.38 -7.89 5.01
CA ASN A 27 -4.22 -9.00 4.61
C ASN A 27 -4.88 -8.72 3.25
N LYS A 28 -5.14 -9.78 2.51
CA LYS A 28 -5.77 -9.64 1.19
C LYS A 28 -7.03 -8.78 1.27
N GLY A 29 -7.14 -7.84 0.34
CA GLY A 29 -8.30 -6.97 0.32
C GLY A 29 -8.04 -5.63 1.00
N ASP A 30 -7.33 -5.67 2.12
CA ASP A 30 -7.00 -4.47 2.87
C ASP A 30 -6.49 -3.38 1.93
N VAL A 31 -6.79 -2.12 2.26
CA VAL A 31 -6.35 -1.00 1.45
C VAL A 31 -5.32 -0.15 2.19
N ILE A 32 -4.07 -0.23 1.75
CA ILE A 32 -3.00 0.53 2.38
C ILE A 32 -2.87 1.93 1.77
N LEU A 33 -2.62 2.92 2.60
CA LEU A 33 -2.48 4.29 2.15
C LEU A 33 -1.05 4.59 1.73
N LEU A 34 -0.88 5.09 0.51
CA LEU A 34 0.45 5.42 0.00
C LEU A 34 0.99 6.69 0.64
N ARG A 35 2.02 6.54 1.47
CA ARG A 35 2.63 7.68 2.14
C ARG A 35 3.81 8.23 1.34
N ARG A 36 4.64 7.32 0.84
CA ARG A 36 5.81 7.70 0.05
C ARG A 36 6.09 6.69 -1.04
N GLN A 37 6.37 7.17 -2.24
CA GLN A 37 6.67 6.30 -3.36
C GLN A 37 8.16 6.27 -3.67
N LEU A 38 8.87 5.36 -3.03
CA LEU A 38 10.32 5.23 -3.23
C LEU A 38 10.64 5.03 -4.71
N ASP A 39 9.80 4.28 -5.41
CA ASP A 39 10.00 4.02 -6.83
C ASP A 39 8.81 3.26 -7.41
N GLU A 40 8.92 2.90 -8.69
CA GLU A 40 7.85 2.17 -9.37
C GLU A 40 7.99 0.67 -9.14
N ASN A 41 8.62 0.30 -8.03
CA ASN A 41 8.82 -1.11 -7.70
C ASN A 41 8.32 -1.41 -6.29
N TRP A 42 8.42 -0.43 -5.41
CA TRP A 42 7.97 -0.58 -4.02
C TRP A 42 7.09 0.59 -3.59
N TYR A 43 6.39 0.41 -2.48
CA TYR A 43 5.51 1.45 -1.96
C TYR A 43 5.57 1.50 -0.44
N GLN A 44 5.80 2.70 0.09
CA GLN A 44 5.88 2.88 1.54
C GLN A 44 4.60 3.52 2.09
N GLY A 45 3.90 2.79 2.94
CA GLY A 45 2.67 3.30 3.52
C GLY A 45 2.51 2.92 4.98
N GLU A 46 1.28 3.00 5.47
CA GLU A 46 0.99 2.67 6.86
C GLU A 46 -0.41 2.10 7.01
N ILE A 47 -0.51 0.94 7.65
CA ILE A 47 -1.80 0.29 7.86
C ILE A 47 -2.05 0.03 9.34
N ASN A 48 -3.21 0.46 9.83
CA ASN A 48 -3.57 0.26 11.23
C ASN A 48 -2.45 0.74 12.15
N GLY A 49 -1.83 1.86 11.79
CA GLY A 49 -0.75 2.40 12.60
C GLY A 49 0.52 1.58 12.48
N VAL A 50 0.69 0.91 11.34
CA VAL A 50 1.87 0.09 11.11
C VAL A 50 2.63 0.55 9.88
N SER A 51 3.83 1.09 10.09
CA SER A 51 4.64 1.58 8.99
C SER A 51 5.53 0.46 8.44
N GLY A 52 5.55 0.35 7.11
CA GLY A 52 6.35 -0.68 6.47
C GLY A 52 6.43 -0.51 4.97
N ILE A 53 7.28 -1.30 4.33
CA ILE A 53 7.45 -1.23 2.88
C ILE A 53 6.96 -2.51 2.20
N PHE A 54 6.40 -2.37 1.01
CA PHE A 54 5.90 -3.52 0.26
C PHE A 54 6.11 -3.33 -1.23
N PRO A 55 6.19 -4.45 -1.97
CA PRO A 55 6.39 -4.44 -3.42
C PRO A 55 5.18 -3.92 -4.17
N ALA A 56 5.40 -3.45 -5.40
CA ALA A 56 4.32 -2.92 -6.22
C ALA A 56 3.57 -4.04 -6.93
N SER A 57 3.74 -5.27 -6.43
CA SER A 57 3.08 -6.43 -7.02
C SER A 57 2.06 -7.02 -6.06
N SER A 58 2.41 -7.04 -4.77
CA SER A 58 1.53 -7.58 -3.75
C SER A 58 0.20 -6.83 -3.72
N VAL A 59 0.26 -5.52 -3.93
CA VAL A 59 -0.93 -4.69 -3.93
C VAL A 59 -1.17 -4.08 -5.31
N GLU A 60 -2.35 -3.46 -5.48
CA GLU A 60 -2.70 -2.84 -6.75
C GLU A 60 -3.13 -1.39 -6.54
N VAL A 61 -2.61 -0.50 -7.37
CA VAL A 61 -2.94 0.92 -7.27
C VAL A 61 -4.23 1.23 -8.02
N ILE A 62 -4.98 0.19 -8.37
CA ILE A 62 -6.24 0.35 -9.08
C ILE A 62 -7.33 0.87 -8.14
N SER A 63 -7.26 0.46 -6.88
CA SER A 63 -8.25 0.88 -5.89
C SER A 63 -8.33 2.41 -5.83
N GLY A 64 -7.18 3.05 -5.68
CA GLY A 64 -7.14 4.50 -5.62
C GLY A 64 -7.87 5.16 -6.76
N PRO A 65 -8.34 6.40 -6.54
CA PRO A 65 -9.07 7.16 -7.56
C PRO A 65 -8.17 7.60 -8.71
N SER A 66 -6.86 7.57 -8.49
CA SER A 66 -5.89 7.97 -9.50
C SER A 66 -6.28 7.41 -10.86
N SER A 67 -6.57 6.11 -10.91
CA SER A 67 -6.96 5.45 -12.15
C SER A 67 -8.36 4.87 -12.05
N GLY A 68 -9.04 4.77 -13.19
CA GLY A 68 -10.38 4.23 -13.20
C GLY A 68 -11.33 5.00 -12.32
N GLY A 1 -7.40 18.09 11.81
CA GLY A 1 -8.14 17.44 10.75
C GLY A 1 -7.34 17.32 9.47
N SER A 2 -6.89 16.11 9.15
CA SER A 2 -6.10 15.88 7.95
C SER A 2 -7.00 15.51 6.78
N SER A 3 -7.32 16.52 5.96
CA SER A 3 -8.18 16.31 4.80
C SER A 3 -8.04 17.45 3.81
N GLY A 4 -8.45 17.21 2.56
CA GLY A 4 -8.36 18.24 1.53
C GLY A 4 -7.82 17.69 0.22
N SER A 5 -6.74 16.92 0.30
CA SER A 5 -6.12 16.35 -0.89
C SER A 5 -6.50 14.87 -1.04
N SER A 6 -6.55 14.41 -2.28
CA SER A 6 -6.89 13.02 -2.55
C SER A 6 -5.64 12.18 -2.79
N GLY A 7 -5.24 11.43 -1.76
CA GLY A 7 -4.06 10.60 -1.88
C GLY A 7 -4.37 9.24 -2.46
N PRO A 8 -3.40 8.66 -3.19
CA PRO A 8 -3.56 7.34 -3.81
C PRO A 8 -3.58 6.22 -2.79
N ARG A 9 -4.04 5.04 -3.21
CA ARG A 9 -4.12 3.89 -2.33
C ARG A 9 -3.83 2.60 -3.10
N ALA A 10 -3.75 1.49 -2.37
CA ALA A 10 -3.48 0.19 -2.98
C ALA A 10 -4.17 -0.93 -2.22
N LYS A 11 -4.62 -1.94 -2.96
CA LYS A 11 -5.32 -3.08 -2.35
C LYS A 11 -4.48 -4.34 -2.48
N ALA A 12 -4.41 -5.12 -1.40
CA ALA A 12 -3.65 -6.36 -1.39
C ALA A 12 -4.30 -7.41 -2.29
N LEU A 13 -3.49 -8.16 -3.00
CA LEU A 13 -3.99 -9.20 -3.89
C LEU A 13 -3.96 -10.56 -3.21
N CYS A 14 -2.98 -10.76 -2.33
CA CYS A 14 -2.85 -12.03 -1.61
C CYS A 14 -2.26 -11.79 -0.22
N ASN A 15 -2.39 -12.78 0.64
CA ASN A 15 -1.86 -12.69 2.01
C ASN A 15 -0.40 -12.26 2.00
N TYR A 16 -0.12 -11.14 2.62
CA TYR A 16 1.24 -10.61 2.69
C TYR A 16 1.73 -10.55 4.13
N ARG A 17 0.95 -11.12 5.04
CA ARG A 17 1.31 -11.14 6.45
C ARG A 17 2.35 -12.20 6.74
N GLY A 18 2.91 -12.79 5.68
CA GLY A 18 3.92 -13.82 5.84
C GLY A 18 5.17 -13.31 6.54
N LYS A 19 6.32 -13.84 6.13
CA LYS A 19 7.59 -13.43 6.72
C LYS A 19 8.50 -12.80 5.67
N ASN A 20 8.65 -11.48 5.75
CA ASN A 20 9.50 -10.76 4.80
C ASN A 20 10.48 -9.85 5.53
N PRO A 21 11.66 -9.63 4.92
CA PRO A 21 12.70 -8.78 5.49
C PRO A 21 12.31 -7.30 5.51
N GLY A 22 12.21 -6.73 6.71
CA GLY A 22 11.86 -5.33 6.83
C GLY A 22 10.74 -4.94 5.87
N ASP A 23 9.65 -5.68 5.90
CA ASP A 23 8.51 -5.41 5.03
C ASP A 23 7.26 -5.14 5.85
N LEU A 24 6.16 -4.85 5.17
CA LEU A 24 4.89 -4.56 5.83
C LEU A 24 3.92 -5.74 5.69
N LYS A 25 3.47 -6.26 6.83
CA LYS A 25 2.54 -7.37 6.84
C LYS A 25 1.09 -6.89 6.73
N PHE A 26 0.38 -7.38 5.73
CA PHE A 26 -1.01 -7.00 5.51
C PHE A 26 -1.84 -8.19 5.03
N ASN A 27 -3.16 -8.02 5.02
CA ASN A 27 -4.06 -9.08 4.58
C ASN A 27 -4.69 -8.73 3.23
N LYS A 28 -4.92 -9.75 2.41
CA LYS A 28 -5.51 -9.55 1.09
C LYS A 28 -6.76 -8.69 1.18
N GLY A 29 -6.80 -7.63 0.38
CA GLY A 29 -7.95 -6.75 0.38
C GLY A 29 -7.67 -5.46 1.12
N ASP A 30 -6.79 -5.51 2.11
CA ASP A 30 -6.45 -4.34 2.89
C ASP A 30 -6.23 -3.13 2.00
N VAL A 31 -6.38 -1.94 2.55
CA VAL A 31 -6.20 -0.70 1.80
C VAL A 31 -5.12 0.17 2.44
N ILE A 32 -3.88 -0.03 1.99
CA ILE A 32 -2.75 0.74 2.50
C ILE A 32 -2.65 2.10 1.82
N LEU A 33 -2.57 3.15 2.62
CA LEU A 33 -2.47 4.51 2.08
C LEU A 33 -1.02 4.85 1.73
N LEU A 34 -0.79 5.11 0.44
CA LEU A 34 0.55 5.45 -0.03
C LEU A 34 1.09 6.68 0.70
N ARG A 35 2.12 6.47 1.51
CA ARG A 35 2.74 7.56 2.27
C ARG A 35 3.94 8.13 1.52
N ARG A 36 4.84 7.23 1.11
CA ARG A 36 6.04 7.65 0.38
C ARG A 36 6.43 6.60 -0.66
N GLN A 37 6.50 7.02 -1.91
CA GLN A 37 6.86 6.11 -3.00
C GLN A 37 8.38 5.94 -3.07
N LEU A 38 8.84 4.73 -2.75
CA LEU A 38 10.27 4.44 -2.78
C LEU A 38 10.73 4.12 -4.19
N ASP A 39 10.00 3.24 -4.87
CA ASP A 39 10.33 2.86 -6.24
C ASP A 39 9.07 2.55 -7.04
N GLU A 40 9.19 2.60 -8.36
CA GLU A 40 8.05 2.33 -9.24
C GLU A 40 7.42 0.98 -8.91
N ASN A 41 8.14 0.17 -8.16
CA ASN A 41 7.66 -1.16 -7.78
C ASN A 41 7.41 -1.23 -6.27
N TRP A 42 8.19 -0.46 -5.51
CA TRP A 42 8.05 -0.43 -4.06
C TRP A 42 7.26 0.78 -3.61
N TYR A 43 6.47 0.61 -2.55
CA TYR A 43 5.65 1.70 -2.02
C TYR A 43 5.59 1.63 -0.50
N GLN A 44 5.83 2.77 0.15
CA GLN A 44 5.81 2.84 1.60
C GLN A 44 4.49 3.45 2.08
N GLY A 45 3.73 2.67 2.86
CA GLY A 45 2.46 3.15 3.37
C GLY A 45 2.30 2.89 4.85
N GLU A 46 1.08 3.02 5.35
CA GLU A 46 0.79 2.80 6.76
C GLU A 46 -0.60 2.21 6.94
N ILE A 47 -0.69 1.12 7.71
CA ILE A 47 -1.96 0.47 7.97
C ILE A 47 -2.14 0.18 9.46
N ASN A 48 -3.27 0.63 10.01
CA ASN A 48 -3.55 0.42 11.43
C ASN A 48 -2.40 0.90 12.29
N GLY A 49 -1.88 2.08 11.98
CA GLY A 49 -0.77 2.64 12.75
C GLY A 49 0.49 1.81 12.63
N VAL A 50 0.66 1.15 11.49
CA VAL A 50 1.83 0.32 11.25
C VAL A 50 2.53 0.70 9.95
N SER A 51 3.72 1.28 10.07
CA SER A 51 4.48 1.71 8.91
C SER A 51 5.35 0.56 8.38
N GLY A 52 5.43 0.45 7.06
CA GLY A 52 6.22 -0.60 6.45
C GLY A 52 6.35 -0.44 4.95
N ILE A 53 7.09 -1.34 4.32
CA ILE A 53 7.29 -1.30 2.87
C ILE A 53 6.74 -2.54 2.20
N PHE A 54 6.30 -2.38 0.95
CA PHE A 54 5.74 -3.50 0.19
C PHE A 54 5.91 -3.27 -1.31
N PRO A 55 6.00 -4.37 -2.07
CA PRO A 55 6.16 -4.32 -3.53
C PRO A 55 4.91 -3.82 -4.23
N ALA A 56 4.93 -3.83 -5.56
CA ALA A 56 3.78 -3.38 -6.35
C ALA A 56 3.04 -4.57 -6.95
N SER A 57 3.66 -5.74 -6.90
CA SER A 57 3.06 -6.95 -7.45
C SER A 57 2.12 -7.60 -6.44
N SER A 58 2.34 -7.30 -5.16
CA SER A 58 1.52 -7.85 -4.09
C SER A 58 0.27 -7.01 -3.87
N VAL A 59 0.31 -5.77 -4.35
CA VAL A 59 -0.83 -4.87 -4.21
C VAL A 59 -1.22 -4.26 -5.56
N GLU A 60 -2.42 -3.68 -5.62
CA GLU A 60 -2.91 -3.07 -6.84
C GLU A 60 -3.30 -1.61 -6.61
N VAL A 61 -2.90 -0.75 -7.55
CA VAL A 61 -3.21 0.67 -7.44
C VAL A 61 -4.63 0.97 -7.91
N ILE A 62 -5.44 -0.09 -8.05
CA ILE A 62 -6.82 0.07 -8.50
C ILE A 62 -7.67 0.70 -7.42
N SER A 63 -7.15 0.74 -6.19
CA SER A 63 -7.87 1.32 -5.06
C SER A 63 -8.28 2.76 -5.37
N GLY A 64 -9.59 3.02 -5.33
CA GLY A 64 -10.08 4.35 -5.61
C GLY A 64 -11.11 4.37 -6.72
N PRO A 65 -12.10 5.27 -6.61
CA PRO A 65 -13.17 5.41 -7.60
C PRO A 65 -12.65 5.98 -8.93
N SER A 66 -11.93 7.09 -8.85
CA SER A 66 -11.39 7.74 -10.03
C SER A 66 -10.46 6.79 -10.79
N SER A 67 -9.45 6.28 -10.10
CA SER A 67 -8.49 5.37 -10.71
C SER A 67 -9.05 3.95 -10.76
N GLY A 68 -8.92 3.31 -11.91
CA GLY A 68 -9.40 1.96 -12.07
C GLY A 68 -10.30 1.80 -13.28
N GLY A 1 8.74 16.16 2.08
CA GLY A 1 8.20 15.55 3.27
C GLY A 1 6.97 16.29 3.78
N SER A 2 5.87 16.19 3.03
CA SER A 2 4.62 16.85 3.40
C SER A 2 3.72 15.90 4.17
N SER A 3 3.49 16.20 5.44
CA SER A 3 2.65 15.37 6.29
C SER A 3 1.23 15.30 5.74
N GLY A 4 0.72 14.08 5.58
CA GLY A 4 -0.62 13.90 5.06
C GLY A 4 -0.64 13.72 3.56
N SER A 5 -0.21 12.54 3.11
CA SER A 5 -0.18 12.24 1.68
C SER A 5 -1.49 11.60 1.23
N SER A 6 -2.60 12.12 1.73
CA SER A 6 -3.92 11.60 1.38
C SER A 6 -4.18 11.74 -0.12
N GLY A 7 -4.08 10.63 -0.84
CA GLY A 7 -4.31 10.65 -2.27
C GLY A 7 -4.52 9.26 -2.84
N PRO A 8 -3.47 8.69 -3.43
CA PRO A 8 -3.53 7.35 -4.04
C PRO A 8 -3.66 6.26 -2.99
N ARG A 9 -4.10 5.08 -3.42
CA ARG A 9 -4.26 3.94 -2.53
C ARG A 9 -3.96 2.63 -3.25
N ALA A 10 -3.75 1.57 -2.47
CA ALA A 10 -3.46 0.27 -3.04
C ALA A 10 -4.23 -0.84 -2.31
N LYS A 11 -4.48 -1.94 -3.00
CA LYS A 11 -5.21 -3.06 -2.41
C LYS A 11 -4.39 -4.34 -2.49
N ALA A 12 -4.29 -5.05 -1.37
CA ALA A 12 -3.53 -6.29 -1.31
C ALA A 12 -4.19 -7.37 -2.17
N LEU A 13 -3.39 -8.12 -2.90
CA LEU A 13 -3.88 -9.19 -3.75
C LEU A 13 -3.83 -10.53 -3.03
N CYS A 14 -2.90 -10.66 -2.10
CA CYS A 14 -2.74 -11.89 -1.33
C CYS A 14 -2.20 -11.61 0.07
N ASN A 15 -2.02 -12.66 0.85
CA ASN A 15 -1.50 -12.53 2.21
C ASN A 15 -0.05 -12.06 2.19
N TYR A 16 0.20 -10.90 2.78
CA TYR A 16 1.54 -10.34 2.83
C TYR A 16 1.97 -10.06 4.27
N ARG A 17 1.14 -10.50 5.21
CA ARG A 17 1.43 -10.29 6.63
C ARG A 17 2.38 -11.37 7.15
N GLY A 18 3.26 -11.86 6.27
CA GLY A 18 4.20 -12.89 6.67
C GLY A 18 5.35 -12.34 7.49
N LYS A 19 6.51 -12.95 7.36
CA LYS A 19 7.70 -12.52 8.10
C LYS A 19 8.81 -12.08 7.15
N ASN A 20 9.04 -10.77 7.07
CA ASN A 20 10.07 -10.24 6.20
C ASN A 20 10.91 -9.18 6.92
N PRO A 21 12.11 -8.91 6.39
CA PRO A 21 13.02 -7.92 6.98
C PRO A 21 12.52 -6.50 6.81
N GLY A 22 12.22 -5.84 7.93
CA GLY A 22 11.73 -4.48 7.89
C GLY A 22 10.74 -4.25 6.76
N ASP A 23 9.63 -4.97 6.79
CA ASP A 23 8.61 -4.84 5.76
C ASP A 23 7.24 -4.52 6.39
N LEU A 24 6.24 -4.38 5.54
CA LEU A 24 4.89 -4.08 6.01
C LEU A 24 3.98 -5.30 5.88
N LYS A 25 3.38 -5.70 6.99
CA LYS A 25 2.49 -6.86 7.02
C LYS A 25 1.05 -6.42 6.79
N PHE A 26 0.42 -7.00 5.78
CA PHE A 26 -0.97 -6.69 5.45
C PHE A 26 -1.72 -7.93 4.98
N ASN A 27 -3.05 -7.87 5.04
CA ASN A 27 -3.89 -8.99 4.63
C ASN A 27 -4.66 -8.64 3.36
N LYS A 28 -4.66 -9.58 2.41
CA LYS A 28 -5.36 -9.39 1.14
C LYS A 28 -6.66 -8.60 1.36
N GLY A 29 -6.96 -7.72 0.42
CA GLY A 29 -8.17 -6.92 0.51
C GLY A 29 -7.95 -5.61 1.23
N ASP A 30 -7.07 -5.62 2.22
CA ASP A 30 -6.76 -4.42 2.98
C ASP A 30 -6.25 -3.31 2.07
N VAL A 31 -6.61 -2.07 2.41
CA VAL A 31 -6.18 -0.92 1.61
C VAL A 31 -5.13 -0.11 2.34
N ILE A 32 -3.93 -0.06 1.77
CA ILE A 32 -2.83 0.69 2.35
C ILE A 32 -2.70 2.07 1.73
N LEU A 33 -2.53 3.09 2.58
CA LEU A 33 -2.40 4.47 2.11
C LEU A 33 -0.94 4.78 1.77
N LEU A 34 -0.70 5.13 0.51
CA LEU A 34 0.64 5.45 0.05
C LEU A 34 1.19 6.67 0.79
N ARG A 35 2.10 6.44 1.73
CA ARG A 35 2.69 7.52 2.50
C ARG A 35 3.92 8.09 1.79
N ARG A 36 4.74 7.20 1.25
CA ARG A 36 5.95 7.61 0.55
C ARG A 36 6.31 6.61 -0.56
N GLN A 37 6.49 7.12 -1.78
CA GLN A 37 6.83 6.28 -2.91
C GLN A 37 8.34 6.22 -3.12
N LEU A 38 8.91 5.03 -2.94
CA LEU A 38 10.35 4.85 -3.11
C LEU A 38 10.69 4.50 -4.55
N ASP A 39 9.90 3.59 -5.14
CA ASP A 39 10.11 3.17 -6.51
C ASP A 39 8.79 2.83 -7.19
N GLU A 40 8.87 2.36 -8.43
CA GLU A 40 7.68 2.00 -9.18
C GLU A 40 7.19 0.60 -8.79
N ASN A 41 8.07 -0.18 -8.19
CA ASN A 41 7.74 -1.53 -7.76
C ASN A 41 7.54 -1.59 -6.25
N TRP A 42 8.14 -0.65 -5.55
CA TRP A 42 8.03 -0.59 -4.09
C TRP A 42 7.21 0.60 -3.65
N TYR A 43 6.59 0.51 -2.49
CA TYR A 43 5.78 1.59 -1.95
C TYR A 43 5.75 1.57 -0.42
N GLN A 44 5.96 2.72 0.19
CA GLN A 44 5.96 2.83 1.64
C GLN A 44 4.64 3.38 2.15
N GLY A 45 3.83 2.51 2.75
CA GLY A 45 2.54 2.93 3.28
C GLY A 45 2.41 2.69 4.77
N GLU A 46 1.22 2.90 5.30
CA GLU A 46 0.96 2.70 6.72
C GLU A 46 -0.43 2.14 6.96
N ILE A 47 -0.49 1.01 7.67
CA ILE A 47 -1.76 0.37 7.97
C ILE A 47 -1.95 0.19 9.46
N ASN A 48 -3.12 0.60 9.96
CA ASN A 48 -3.42 0.48 11.39
C ASN A 48 -2.29 1.06 12.24
N GLY A 49 -1.83 2.25 11.85
CA GLY A 49 -0.76 2.89 12.59
C GLY A 49 0.55 2.12 12.50
N VAL A 50 0.70 1.33 11.44
CA VAL A 50 1.91 0.54 11.24
C VAL A 50 2.60 0.92 9.93
N SER A 51 3.78 1.52 10.06
CA SER A 51 4.55 1.93 8.89
C SER A 51 5.43 0.79 8.38
N GLY A 52 5.47 0.63 7.06
CA GLY A 52 6.28 -0.42 6.47
C GLY A 52 6.42 -0.27 4.96
N ILE A 53 7.15 -1.19 4.35
CA ILE A 53 7.36 -1.15 2.91
C ILE A 53 6.81 -2.41 2.24
N PHE A 54 6.22 -2.23 1.06
CA PHE A 54 5.65 -3.35 0.32
C PHE A 54 5.79 -3.13 -1.19
N PRO A 55 5.85 -4.24 -1.94
CA PRO A 55 5.99 -4.20 -3.40
C PRO A 55 4.73 -3.68 -4.09
N ALA A 56 4.69 -3.81 -5.41
CA ALA A 56 3.54 -3.37 -6.18
C ALA A 56 2.82 -4.54 -6.83
N SER A 57 3.49 -5.69 -6.86
CA SER A 57 2.92 -6.90 -7.46
C SER A 57 1.89 -7.53 -6.53
N SER A 58 2.13 -7.40 -5.22
CA SER A 58 1.24 -7.97 -4.22
C SER A 58 0.11 -7.00 -3.89
N VAL A 59 0.09 -5.87 -4.59
CA VAL A 59 -0.93 -4.86 -4.37
C VAL A 59 -1.44 -4.30 -5.69
N GLU A 60 -2.62 -3.68 -5.65
CA GLU A 60 -3.22 -3.10 -6.85
C GLU A 60 -3.57 -1.63 -6.63
N VAL A 61 -3.19 -0.79 -7.58
CA VAL A 61 -3.46 0.63 -7.49
C VAL A 61 -4.84 0.97 -8.06
N ILE A 62 -5.66 -0.05 -8.26
CA ILE A 62 -7.00 0.13 -8.80
C ILE A 62 -7.91 0.80 -7.78
N SER A 63 -7.72 0.46 -6.50
CA SER A 63 -8.52 1.02 -5.43
C SER A 63 -8.38 2.53 -5.37
N GLY A 64 -9.49 3.24 -5.61
CA GLY A 64 -9.46 4.69 -5.58
C GLY A 64 -10.71 5.30 -6.18
N PRO A 65 -10.95 6.58 -5.86
CA PRO A 65 -12.12 7.30 -6.37
C PRO A 65 -12.03 7.60 -7.86
N SER A 66 -10.80 7.60 -8.38
CA SER A 66 -10.58 7.87 -9.79
C SER A 66 -11.24 6.80 -10.67
N SER A 67 -10.91 5.54 -10.40
CA SER A 67 -11.47 4.42 -11.15
C SER A 67 -12.71 3.88 -10.47
N GLY A 68 -13.53 3.15 -11.23
CA GLY A 68 -14.74 2.58 -10.68
C GLY A 68 -15.76 2.25 -11.76
#